data_9LQD
# 
_entry.id   9LQD 
# 
_audit_conform.dict_name       mmcif_pdbx.dic 
_audit_conform.dict_version    5.407 
_audit_conform.dict_location   http://mmcif.pdb.org/dictionaries/ascii/mmcif_pdbx.dic 
# 
loop_
_database_2.database_id 
_database_2.database_code 
_database_2.pdbx_database_accession 
_database_2.pdbx_DOI 
PDB   9LQD         pdb_00009lqd 10.2210/pdb9lqd/pdb 
WWPDB D_1300056246 ?            ?                   
# 
_pdbx_audit_revision_history.ordinal             1 
_pdbx_audit_revision_history.data_content_type   'Structure model' 
_pdbx_audit_revision_history.major_revision      1 
_pdbx_audit_revision_history.minor_revision      0 
_pdbx_audit_revision_history.revision_date       2025-11-26 
_pdbx_audit_revision_history.part_number         ? 
# 
_pdbx_audit_revision_details.ordinal             1 
_pdbx_audit_revision_details.revision_ordinal    1 
_pdbx_audit_revision_details.data_content_type   'Structure model' 
_pdbx_audit_revision_details.provider            repository 
_pdbx_audit_revision_details.type                'Initial release' 
_pdbx_audit_revision_details.description         ? 
_pdbx_audit_revision_details.details             ? 
# 
_pdbx_database_status.status_code                     REL 
_pdbx_database_status.status_code_sf                  REL 
_pdbx_database_status.status_code_mr                  ? 
_pdbx_database_status.entry_id                        9LQD 
_pdbx_database_status.recvd_initial_deposition_date   2025-01-28 
_pdbx_database_status.SG_entry                        N 
_pdbx_database_status.deposit_site                    PDBJ 
_pdbx_database_status.process_site                    PDBC 
_pdbx_database_status.status_code_cs                  ? 
_pdbx_database_status.status_code_nmr_data            ? 
_pdbx_database_status.methods_development_category    ? 
_pdbx_database_status.pdb_format_compatible           Y 
# 
_pdbx_contact_author.id                 2 
_pdbx_contact_author.email              baoyuzhao@fudan.edu.cn 
_pdbx_contact_author.name_first         Baoyu 
_pdbx_contact_author.name_last          Zhao 
_pdbx_contact_author.name_mi            ? 
_pdbx_contact_author.role               'principal investigator/group leader' 
_pdbx_contact_author.identifier_ORCID   0000-0003-4424-1554 
# 
loop_
_audit_author.name 
_audit_author.pdbx_ordinal 
_audit_author.identifier_ORCID 
'Duan, B.' 1 ? 
'Zhao, B.' 2 ? 
# 
_citation.abstract                  ? 
_citation.abstract_id_CAS           ? 
_citation.book_id_ISBN              ? 
_citation.book_publisher            ? 
_citation.book_publisher_city       ? 
_citation.book_title                ? 
_citation.coordinate_linkage        ? 
_citation.country                   ? 
_citation.database_id_Medline       ? 
_citation.details                   ? 
_citation.id                        primary 
_citation.journal_abbrev            'To Be Published' 
_citation.journal_id_ASTM           ? 
_citation.journal_id_CSD            0353 
_citation.journal_id_ISSN           ? 
_citation.journal_full              ? 
_citation.journal_issue             ? 
_citation.journal_volume            ? 
_citation.language                  ? 
_citation.page_first                ? 
_citation.page_last                 ? 
_citation.title                     'Mechanisms of SAM-AMP synthesis and degradation in antiviral type III CRISPR signaling.' 
_citation.year                      ? 
_citation.database_id_CSD           ? 
_citation.pdbx_database_id_DOI      ? 
_citation.pdbx_database_id_PubMed   ? 
_citation.pdbx_database_id_patent   ? 
_citation.unpublished_flag          ? 
# 
loop_
_citation_author.citation_id 
_citation_author.name 
_citation_author.ordinal 
_citation_author.identifier_ORCID 
primary 'Duan, B.' 1 ? 
primary 'Zhao, B.' 2 ? 
# 
loop_
_entity.id 
_entity.type 
_entity.src_method 
_entity.pdbx_description 
_entity.formula_weight 
_entity.pdbx_number_of_molecules 
_entity.pdbx_ec 
_entity.pdbx_mutation 
_entity.pdbx_fragment 
_entity.details 
1 polymer     man 'SAM lyase' 14318.152 1  ? ? ? ? 
2 non-polymer syn D-MALATE    134.087   1  ? ? ? ? 
3 water       nat water       18.015    22 ? ? ? ? 
# 
_entity_poly.entity_id                      1 
_entity_poly.type                           'polypeptide(L)' 
_entity_poly.nstd_linkage                   no 
_entity_poly.nstd_monomer                   no 
_entity_poly.pdbx_seq_one_letter_code       
;SMGKTLRFEIVSGVNKGYFHTNSQSESLDLVGGIWQKIAKEEFEKSNIYVSAVIKPSKTVYNQEWGCPENGEETVVLTGV
ANEEFVDDIEKWKDTVIKLAKELKNQMKQSTLTCEFIETELHYFK
;
_entity_poly.pdbx_seq_one_letter_code_can   
;SMGKTLRFEIVSGVNKGYFHTNSQSESLDLVGGIWQKIAKEEFEKSNIYVSAVIKPSKTVYNQEWGCPENGEETVVLTGV
ANEEFVDDIEKWKDTVIKLAKELKNQMKQSTLTCEFIETELHYFK
;
_entity_poly.pdbx_strand_id                 A 
_entity_poly.pdbx_target_identifier         ? 
# 
loop_
_pdbx_entity_nonpoly.entity_id 
_pdbx_entity_nonpoly.name 
_pdbx_entity_nonpoly.comp_id 
2 D-MALATE MLT 
3 water    HOH 
# 
loop_
_entity_poly_seq.entity_id 
_entity_poly_seq.num 
_entity_poly_seq.mon_id 
_entity_poly_seq.hetero 
1 1   SER n 
1 2   MET n 
1 3   GLY n 
1 4   LYS n 
1 5   THR n 
1 6   LEU n 
1 7   ARG n 
1 8   PHE n 
1 9   GLU n 
1 10  ILE n 
1 11  VAL n 
1 12  SER n 
1 13  GLY n 
1 14  VAL n 
1 15  ASN n 
1 16  LYS n 
1 17  GLY n 
1 18  TYR n 
1 19  PHE n 
1 20  HIS n 
1 21  THR n 
1 22  ASN n 
1 23  SER n 
1 24  GLN n 
1 25  SER n 
1 26  GLU n 
1 27  SER n 
1 28  LEU n 
1 29  ASP n 
1 30  LEU n 
1 31  VAL n 
1 32  GLY n 
1 33  GLY n 
1 34  ILE n 
1 35  TRP n 
1 36  GLN n 
1 37  LYS n 
1 38  ILE n 
1 39  ALA n 
1 40  LYS n 
1 41  GLU n 
1 42  GLU n 
1 43  PHE n 
1 44  GLU n 
1 45  LYS n 
1 46  SER n 
1 47  ASN n 
1 48  ILE n 
1 49  TYR n 
1 50  VAL n 
1 51  SER n 
1 52  ALA n 
1 53  VAL n 
1 54  ILE n 
1 55  LYS n 
1 56  PRO n 
1 57  SER n 
1 58  LYS n 
1 59  THR n 
1 60  VAL n 
1 61  TYR n 
1 62  ASN n 
1 63  GLN n 
1 64  GLU n 
1 65  TRP n 
1 66  GLY n 
1 67  CYS n 
1 68  PRO n 
1 69  GLU n 
1 70  ASN n 
1 71  GLY n 
1 72  GLU n 
1 73  GLU n 
1 74  THR n 
1 75  VAL n 
1 76  VAL n 
1 77  LEU n 
1 78  THR n 
1 79  GLY n 
1 80  VAL n 
1 81  ALA n 
1 82  ASN n 
1 83  GLU n 
1 84  GLU n 
1 85  PHE n 
1 86  VAL n 
1 87  ASP n 
1 88  ASP n 
1 89  ILE n 
1 90  GLU n 
1 91  LYS n 
1 92  TRP n 
1 93  LYS n 
1 94  ASP n 
1 95  THR n 
1 96  VAL n 
1 97  ILE n 
1 98  LYS n 
1 99  LEU n 
1 100 ALA n 
1 101 LYS n 
1 102 GLU n 
1 103 LEU n 
1 104 LYS n 
1 105 ASN n 
1 106 GLN n 
1 107 MET n 
1 108 LYS n 
1 109 GLN n 
1 110 SER n 
1 111 THR n 
1 112 LEU n 
1 113 THR n 
1 114 CYS n 
1 115 GLU n 
1 116 PHE n 
1 117 ILE n 
1 118 GLU n 
1 119 THR n 
1 120 GLU n 
1 121 LEU n 
1 122 HIS n 
1 123 TYR n 
1 124 PHE n 
1 125 LYS n 
# 
_entity_src_gen.entity_id                          1 
_entity_src_gen.pdbx_src_id                        1 
_entity_src_gen.pdbx_alt_source_flag               sample 
_entity_src_gen.pdbx_seq_type                      'Biological sequence' 
_entity_src_gen.pdbx_beg_seq_num                   1 
_entity_src_gen.pdbx_end_seq_num                   125 
_entity_src_gen.gene_src_common_name               ? 
_entity_src_gen.gene_src_genus                     ? 
_entity_src_gen.pdbx_gene_src_gene                 CBO2178 
_entity_src_gen.gene_src_species                   ? 
_entity_src_gen.gene_src_strain                    ? 
_entity_src_gen.gene_src_tissue                    ? 
_entity_src_gen.gene_src_tissue_fraction           ? 
_entity_src_gen.gene_src_details                   ? 
_entity_src_gen.pdbx_gene_src_fragment             ? 
_entity_src_gen.pdbx_gene_src_scientific_name      'Clostridium botulinum (strain Hall / ATCC 3502 / NCTC 13319 / Type A)' 
_entity_src_gen.pdbx_gene_src_ncbi_taxonomy_id     441771 
_entity_src_gen.pdbx_gene_src_variant              ? 
_entity_src_gen.pdbx_gene_src_cell_line            ? 
_entity_src_gen.pdbx_gene_src_atcc                 ? 
_entity_src_gen.pdbx_gene_src_organ                ? 
_entity_src_gen.pdbx_gene_src_organelle            ? 
_entity_src_gen.pdbx_gene_src_cell                 ? 
_entity_src_gen.pdbx_gene_src_cellular_location    ? 
_entity_src_gen.host_org_common_name               ? 
_entity_src_gen.pdbx_host_org_scientific_name      'Escherichia coli' 
_entity_src_gen.pdbx_host_org_ncbi_taxonomy_id     562 
_entity_src_gen.host_org_genus                     ? 
_entity_src_gen.pdbx_host_org_gene                 ? 
_entity_src_gen.pdbx_host_org_organ                ? 
_entity_src_gen.host_org_species                   ? 
_entity_src_gen.pdbx_host_org_tissue               ? 
_entity_src_gen.pdbx_host_org_tissue_fraction      ? 
_entity_src_gen.pdbx_host_org_strain               ? 
_entity_src_gen.pdbx_host_org_variant              ? 
_entity_src_gen.pdbx_host_org_cell_line            ? 
_entity_src_gen.pdbx_host_org_atcc                 ? 
_entity_src_gen.pdbx_host_org_culture_collection   ? 
_entity_src_gen.pdbx_host_org_cell                 ? 
_entity_src_gen.pdbx_host_org_organelle            ? 
_entity_src_gen.pdbx_host_org_cellular_location    ? 
_entity_src_gen.pdbx_host_org_vector_type          ? 
_entity_src_gen.pdbx_host_org_vector               ? 
_entity_src_gen.host_org_details                   ? 
_entity_src_gen.expression_system_id               ? 
_entity_src_gen.plasmid_name                       ? 
_entity_src_gen.plasmid_details                    ? 
_entity_src_gen.pdbx_description                   ? 
# 
loop_
_chem_comp.id 
_chem_comp.type 
_chem_comp.mon_nstd_flag 
_chem_comp.name 
_chem_comp.pdbx_synonyms 
_chem_comp.formula 
_chem_comp.formula_weight 
ALA 'L-peptide linking' y ALANINE         ?                                                         'C3 H7 N O2'     89.093  
ARG 'L-peptide linking' y ARGININE        ?                                                         'C6 H15 N4 O2 1' 175.209 
ASN 'L-peptide linking' y ASPARAGINE      ?                                                         'C4 H8 N2 O3'    132.118 
ASP 'L-peptide linking' y 'ASPARTIC ACID' ?                                                         'C4 H7 N O4'     133.103 
CYS 'L-peptide linking' y CYSTEINE        ?                                                         'C3 H7 N O2 S'   121.158 
GLN 'L-peptide linking' y GLUTAMINE       ?                                                         'C5 H10 N2 O3'   146.144 
GLU 'L-peptide linking' y 'GLUTAMIC ACID' ?                                                         'C5 H9 N O4'     147.129 
GLY 'peptide linking'   y GLYCINE         ?                                                         'C2 H5 N O2'     75.067  
HIS 'L-peptide linking' y HISTIDINE       ?                                                         'C6 H10 N3 O2 1' 156.162 
HOH non-polymer         . WATER           ?                                                         'H2 O'           18.015  
ILE 'L-peptide linking' y ISOLEUCINE      ?                                                         'C6 H13 N O2'    131.173 
LEU 'L-peptide linking' y LEUCINE         ?                                                         'C6 H13 N O2'    131.173 
LYS 'L-peptide linking' y LYSINE          ?                                                         'C6 H15 N2 O2 1' 147.195 
MET 'L-peptide linking' y METHIONINE      ?                                                         'C5 H11 N O2 S'  149.211 
MLT non-polymer         . D-MALATE        '(2R)-2-HYDROXYBUTANEDIOIC ACID; 2-HYDROXY-SUCCINIC ACID' 'C4 H6 O5'       134.087 
PHE 'L-peptide linking' y PHENYLALANINE   ?                                                         'C9 H11 N O2'    165.189 
PRO 'L-peptide linking' y PROLINE         ?                                                         'C5 H9 N O2'     115.130 
SER 'L-peptide linking' y SERINE          ?                                                         'C3 H7 N O3'     105.093 
THR 'L-peptide linking' y THREONINE       ?                                                         'C4 H9 N O3'     119.119 
TRP 'L-peptide linking' y TRYPTOPHAN      ?                                                         'C11 H12 N2 O2'  204.225 
TYR 'L-peptide linking' y TYROSINE        ?                                                         'C9 H11 N O3'    181.189 
VAL 'L-peptide linking' y VALINE          ?                                                         'C5 H11 N O2'    117.146 
# 
loop_
_pdbx_poly_seq_scheme.asym_id 
_pdbx_poly_seq_scheme.entity_id 
_pdbx_poly_seq_scheme.seq_id 
_pdbx_poly_seq_scheme.mon_id 
_pdbx_poly_seq_scheme.ndb_seq_num 
_pdbx_poly_seq_scheme.pdb_seq_num 
_pdbx_poly_seq_scheme.auth_seq_num 
_pdbx_poly_seq_scheme.pdb_mon_id 
_pdbx_poly_seq_scheme.auth_mon_id 
_pdbx_poly_seq_scheme.pdb_strand_id 
_pdbx_poly_seq_scheme.pdb_ins_code 
_pdbx_poly_seq_scheme.hetero 
A 1 1   SER 1   0   0   SER SER A . n 
A 1 2   MET 2   1   1   MET MET A . n 
A 1 3   GLY 3   2   2   GLY GLY A . n 
A 1 4   LYS 4   3   3   LYS LYS A . n 
A 1 5   THR 5   4   4   THR THR A . n 
A 1 6   LEU 6   5   5   LEU LEU A . n 
A 1 7   ARG 7   6   6   ARG ARG A . n 
A 1 8   PHE 8   7   7   PHE PHE A . n 
A 1 9   GLU 9   8   8   GLU GLU A . n 
A 1 10  ILE 10  9   9   ILE ILE A . n 
A 1 11  VAL 11  10  10  VAL VAL A . n 
A 1 12  SER 12  11  11  SER SER A . n 
A 1 13  GLY 13  12  12  GLY GLY A . n 
A 1 14  VAL 14  13  13  VAL VAL A . n 
A 1 15  ASN 15  14  14  ASN ASN A . n 
A 1 16  LYS 16  15  15  LYS LYS A . n 
A 1 17  GLY 17  16  16  GLY GLY A . n 
A 1 18  TYR 18  17  17  TYR TYR A . n 
A 1 19  PHE 19  18  18  PHE PHE A . n 
A 1 20  HIS 20  19  19  HIS HIS A . n 
A 1 21  THR 21  20  20  THR THR A . n 
A 1 22  ASN 22  21  21  ASN ASN A . n 
A 1 23  SER 23  22  22  SER SER A . n 
A 1 24  GLN 24  23  23  GLN GLN A . n 
A 1 25  SER 25  24  24  SER SER A . n 
A 1 26  GLU 26  25  25  GLU GLU A . n 
A 1 27  SER 27  26  26  SER SER A . n 
A 1 28  LEU 28  27  27  LEU LEU A . n 
A 1 29  ASP 29  28  28  ASP ASP A . n 
A 1 30  LEU 30  29  29  LEU LEU A . n 
A 1 31  VAL 31  30  30  VAL VAL A . n 
A 1 32  GLY 32  31  31  GLY GLY A . n 
A 1 33  GLY 33  32  32  GLY GLY A . n 
A 1 34  ILE 34  33  33  ILE ILE A . n 
A 1 35  TRP 35  34  34  TRP TRP A . n 
A 1 36  GLN 36  35  35  GLN GLN A . n 
A 1 37  LYS 37  36  36  LYS LYS A . n 
A 1 38  ILE 38  37  37  ILE ILE A . n 
A 1 39  ALA 39  38  38  ALA ALA A . n 
A 1 40  LYS 40  39  39  LYS LYS A . n 
A 1 41  GLU 41  40  40  GLU GLU A . n 
A 1 42  GLU 42  41  41  GLU GLU A . n 
A 1 43  PHE 43  42  42  PHE PHE A . n 
A 1 44  GLU 44  43  43  GLU GLU A . n 
A 1 45  LYS 45  44  44  LYS LYS A . n 
A 1 46  SER 46  45  45  SER SER A . n 
A 1 47  ASN 47  46  46  ASN ASN A . n 
A 1 48  ILE 48  47  47  ILE ILE A . n 
A 1 49  TYR 49  48  48  TYR TYR A . n 
A 1 50  VAL 50  49  49  VAL VAL A . n 
A 1 51  SER 51  50  50  SER SER A . n 
A 1 52  ALA 52  51  51  ALA ALA A . n 
A 1 53  VAL 53  52  52  VAL VAL A . n 
A 1 54  ILE 54  53  53  ILE ILE A . n 
A 1 55  LYS 55  54  54  LYS LYS A . n 
A 1 56  PRO 56  55  55  PRO PRO A . n 
A 1 57  SER 57  56  56  SER SER A . n 
A 1 58  LYS 58  57  57  LYS LYS A . n 
A 1 59  THR 59  58  58  THR THR A . n 
A 1 60  VAL 60  59  59  VAL VAL A . n 
A 1 61  TYR 61  60  60  TYR TYR A . n 
A 1 62  ASN 62  61  61  ASN ASN A . n 
A 1 63  GLN 63  62  62  GLN GLN A . n 
A 1 64  GLU 64  63  63  GLU GLU A . n 
A 1 65  TRP 65  64  64  TRP TRP A . n 
A 1 66  GLY 66  65  65  GLY GLY A . n 
A 1 67  CYS 67  66  66  CYS CYS A . n 
A 1 68  PRO 68  67  67  PRO PRO A . n 
A 1 69  GLU 69  68  68  GLU GLU A . n 
A 1 70  ASN 70  69  69  ASN ASN A . n 
A 1 71  GLY 71  70  70  GLY GLY A . n 
A 1 72  GLU 72  71  71  GLU GLU A . n 
A 1 73  GLU 73  72  72  GLU GLU A . n 
A 1 74  THR 74  73  73  THR THR A . n 
A 1 75  VAL 75  74  74  VAL VAL A . n 
A 1 76  VAL 76  75  75  VAL VAL A . n 
A 1 77  LEU 77  76  76  LEU LEU A . n 
A 1 78  THR 78  77  77  THR THR A . n 
A 1 79  GLY 79  78  78  GLY GLY A . n 
A 1 80  VAL 80  79  79  VAL VAL A . n 
A 1 81  ALA 81  80  80  ALA ALA A . n 
A 1 82  ASN 82  81  81  ASN ASN A . n 
A 1 83  GLU 83  82  82  GLU GLU A . n 
A 1 84  GLU 84  83  83  GLU GLU A . n 
A 1 85  PHE 85  84  84  PHE PHE A . n 
A 1 86  VAL 86  85  85  VAL VAL A . n 
A 1 87  ASP 87  86  86  ASP ASP A . n 
A 1 88  ASP 88  87  87  ASP ASP A . n 
A 1 89  ILE 89  88  88  ILE ILE A . n 
A 1 90  GLU 90  89  89  GLU GLU A . n 
A 1 91  LYS 91  90  90  LYS LYS A . n 
A 1 92  TRP 92  91  91  TRP TRP A . n 
A 1 93  LYS 93  92  92  LYS LYS A . n 
A 1 94  ASP 94  93  93  ASP ASP A . n 
A 1 95  THR 95  94  94  THR THR A . n 
A 1 96  VAL 96  95  95  VAL VAL A . n 
A 1 97  ILE 97  96  96  ILE ILE A . n 
A 1 98  LYS 98  97  97  LYS LYS A . n 
A 1 99  LEU 99  98  98  LEU LEU A . n 
A 1 100 ALA 100 99  99  ALA ALA A . n 
A 1 101 LYS 101 100 100 LYS LYS A . n 
A 1 102 GLU 102 101 101 GLU GLU A . n 
A 1 103 LEU 103 102 102 LEU LEU A . n 
A 1 104 LYS 104 103 103 LYS LYS A . n 
A 1 105 ASN 105 104 104 ASN ASN A . n 
A 1 106 GLN 106 105 105 GLN GLN A . n 
A 1 107 MET 107 106 106 MET MET A . n 
A 1 108 LYS 108 107 107 LYS LYS A . n 
A 1 109 GLN 109 108 108 GLN GLN A . n 
A 1 110 SER 110 109 109 SER SER A . n 
A 1 111 THR 111 110 110 THR THR A . n 
A 1 112 LEU 112 111 111 LEU LEU A . n 
A 1 113 THR 113 112 112 THR THR A . n 
A 1 114 CYS 114 113 113 CYS CYS A . n 
A 1 115 GLU 115 114 114 GLU GLU A . n 
A 1 116 PHE 116 115 115 PHE PHE A . n 
A 1 117 ILE 117 116 116 ILE ILE A . n 
A 1 118 GLU 118 117 117 GLU GLU A . n 
A 1 119 THR 119 118 118 THR THR A . n 
A 1 120 GLU 120 119 119 GLU GLU A . n 
A 1 121 LEU 121 120 120 LEU LEU A . n 
A 1 122 HIS 122 121 121 HIS HIS A . n 
A 1 123 TYR 123 122 122 TYR TYR A . n 
A 1 124 PHE 124 123 123 PHE PHE A . n 
A 1 125 LYS 125 124 124 LYS LYS A . n 
# 
_pdbx_entity_instance_feature.ordinal        1 
_pdbx_entity_instance_feature.comp_id        MLT 
_pdbx_entity_instance_feature.asym_id        ? 
_pdbx_entity_instance_feature.seq_num        ? 
_pdbx_entity_instance_feature.auth_comp_id   MLT 
_pdbx_entity_instance_feature.auth_asym_id   ? 
_pdbx_entity_instance_feature.auth_seq_num   ? 
_pdbx_entity_instance_feature.feature_type   'SUBJECT OF INVESTIGATION' 
_pdbx_entity_instance_feature.details        ? 
# 
loop_
_pdbx_nonpoly_scheme.asym_id 
_pdbx_nonpoly_scheme.entity_id 
_pdbx_nonpoly_scheme.mon_id 
_pdbx_nonpoly_scheme.ndb_seq_num 
_pdbx_nonpoly_scheme.pdb_seq_num 
_pdbx_nonpoly_scheme.auth_seq_num 
_pdbx_nonpoly_scheme.pdb_mon_id 
_pdbx_nonpoly_scheme.auth_mon_id 
_pdbx_nonpoly_scheme.pdb_strand_id 
_pdbx_nonpoly_scheme.pdb_ins_code 
B 2 MLT 1  201 201 MLT MLT A . 
C 3 HOH 1  301 4   HOH HOH A . 
C 3 HOH 2  302 2   HOH HOH A . 
C 3 HOH 3  303 5   HOH HOH A . 
C 3 HOH 4  304 21  HOH HOH A . 
C 3 HOH 5  305 17  HOH HOH A . 
C 3 HOH 6  306 19  HOH HOH A . 
C 3 HOH 7  307 10  HOH HOH A . 
C 3 HOH 8  308 3   HOH HOH A . 
C 3 HOH 9  309 6   HOH HOH A . 
C 3 HOH 10 310 13  HOH HOH A . 
C 3 HOH 11 311 15  HOH HOH A . 
C 3 HOH 12 312 7   HOH HOH A . 
C 3 HOH 13 313 8   HOH HOH A . 
C 3 HOH 14 314 9   HOH HOH A . 
C 3 HOH 15 315 22  HOH HOH A . 
C 3 HOH 16 316 18  HOH HOH A . 
C 3 HOH 17 317 11  HOH HOH A . 
C 3 HOH 18 318 20  HOH HOH A . 
C 3 HOH 19 319 12  HOH HOH A . 
C 3 HOH 20 320 1   HOH HOH A . 
C 3 HOH 21 321 16  HOH HOH A . 
C 3 HOH 22 322 14  HOH HOH A . 
# 
loop_
_software.citation_id 
_software.classification 
_software.compiler_name 
_software.compiler_version 
_software.contact_author 
_software.contact_author_email 
_software.date 
_software.description 
_software.dependencies 
_software.hardware 
_software.language 
_software.location 
_software.mods 
_software.name 
_software.os 
_software.os_version 
_software.type 
_software.version 
_software.pdbx_ordinal 
? refinement       ? ? ? ? ? ? ? ? ? ? ? PHENIX ? ? ? '(1.21.1_5286: ???)' 1 
? 'data scaling'   ? ? ? ? ? ? ? ? ? ? ? xia2   ? ? ? .                    2 
? 'data reduction' ? ? ? ? ? ? ? ? ? ? ? xia2   ? ? ? .                    3 
? phasing          ? ? ? ? ? ? ? ? ? ? ? PHENIX ? ? ? .                    4 
# 
_cell.angle_alpha                  90.00 
_cell.angle_alpha_esd              ? 
_cell.angle_beta                   90.00 
_cell.angle_beta_esd               ? 
_cell.angle_gamma                  90.00 
_cell.angle_gamma_esd              ? 
_cell.entry_id                     9LQD 
_cell.details                      ? 
_cell.formula_units_Z              ? 
_cell.length_a                     118.060 
_cell.length_a_esd                 ? 
_cell.length_b                     118.060 
_cell.length_b_esd                 ? 
_cell.length_c                     118.060 
_cell.length_c_esd                 ? 
_cell.volume                       ? 
_cell.volume_esd                   ? 
_cell.Z_PDB                        24 
_cell.reciprocal_angle_alpha       ? 
_cell.reciprocal_angle_beta        ? 
_cell.reciprocal_angle_gamma       ? 
_cell.reciprocal_angle_alpha_esd   ? 
_cell.reciprocal_angle_beta_esd    ? 
_cell.reciprocal_angle_gamma_esd   ? 
_cell.reciprocal_length_a          ? 
_cell.reciprocal_length_b          ? 
_cell.reciprocal_length_c          ? 
_cell.reciprocal_length_a_esd      ? 
_cell.reciprocal_length_b_esd      ? 
_cell.reciprocal_length_c_esd      ? 
_cell.pdbx_unique_axis             ? 
_cell.pdbx_esd_method              ? 
# 
_symmetry.entry_id                         9LQD 
_symmetry.cell_setting                     ? 
_symmetry.Int_Tables_number                199 
_symmetry.space_group_name_Hall            ? 
_symmetry.space_group_name_H-M             'I 21 3' 
_symmetry.pdbx_full_space_group_name_H-M   ? 
# 
_exptl.absorpt_coefficient_mu     ? 
_exptl.absorpt_correction_T_max   ? 
_exptl.absorpt_correction_T_min   ? 
_exptl.absorpt_correction_type    ? 
_exptl.absorpt_process_details    ? 
_exptl.entry_id                   9LQD 
_exptl.crystals_number            1 
_exptl.details                    ? 
_exptl.method                     'X-RAY DIFFRACTION' 
_exptl.method_details             ? 
# 
_exptl_crystal.colour                       ? 
_exptl_crystal.density_diffrn               ? 
_exptl_crystal.density_Matthews             4.79 
_exptl_crystal.density_method               ? 
_exptl_crystal.density_percent_sol          74.31 
_exptl_crystal.description                  ? 
_exptl_crystal.F_000                        ? 
_exptl_crystal.id                           1 
_exptl_crystal.preparation                  ? 
_exptl_crystal.size_max                     ? 
_exptl_crystal.size_mid                     ? 
_exptl_crystal.size_min                     ? 
_exptl_crystal.size_rad                     ? 
_exptl_crystal.colour_lustre                ? 
_exptl_crystal.colour_modifier              ? 
_exptl_crystal.colour_primary               ? 
_exptl_crystal.density_meas                 ? 
_exptl_crystal.density_meas_esd             ? 
_exptl_crystal.density_meas_gt              ? 
_exptl_crystal.density_meas_lt              ? 
_exptl_crystal.density_meas_temp            ? 
_exptl_crystal.density_meas_temp_esd        ? 
_exptl_crystal.density_meas_temp_gt         ? 
_exptl_crystal.density_meas_temp_lt         ? 
_exptl_crystal.pdbx_crystal_image_url       ? 
_exptl_crystal.pdbx_crystal_image_format    ? 
_exptl_crystal.pdbx_mosaicity               ? 
_exptl_crystal.pdbx_mosaicity_esd           ? 
_exptl_crystal.pdbx_mosaic_method           ? 
_exptl_crystal.pdbx_mosaic_block_size       ? 
_exptl_crystal.pdbx_mosaic_block_size_esd   ? 
# 
_exptl_crystal_grow.apparatus       ? 
_exptl_crystal_grow.atmosphere      ? 
_exptl_crystal_grow.crystal_id      1 
_exptl_crystal_grow.details         ? 
_exptl_crystal_grow.method          'VAPOR DIFFUSION, SITTING DROP' 
_exptl_crystal_grow.method_ref      ? 
_exptl_crystal_grow.pH              7.0 
_exptl_crystal_grow.pressure        ? 
_exptl_crystal_grow.pressure_esd    ? 
_exptl_crystal_grow.seeding         ? 
_exptl_crystal_grow.seeding_ref     ? 
_exptl_crystal_grow.temp_details    ? 
_exptl_crystal_grow.temp_esd        ? 
_exptl_crystal_grow.time            ? 
_exptl_crystal_grow.pdbx_details    '2.1 M DL-Malic acid pH 7.0' 
_exptl_crystal_grow.pdbx_pH_range   ? 
_exptl_crystal_grow.temp            277 
# 
_diffrn.ambient_environment              ? 
_diffrn.ambient_temp                     153 
_diffrn.ambient_temp_details             ? 
_diffrn.ambient_temp_esd                 ? 
_diffrn.crystal_id                       1 
_diffrn.crystal_support                  ? 
_diffrn.crystal_treatment                ? 
_diffrn.details                          ? 
_diffrn.id                               1 
_diffrn.ambient_pressure                 ? 
_diffrn.ambient_pressure_esd             ? 
_diffrn.ambient_pressure_gt              ? 
_diffrn.ambient_pressure_lt              ? 
_diffrn.ambient_temp_gt                  ? 
_diffrn.ambient_temp_lt                  ? 
_diffrn.pdbx_serial_crystal_experiment   N 
# 
_diffrn_detector.details                      ? 
_diffrn_detector.detector                     PIXEL 
_diffrn_detector.diffrn_id                    1 
_diffrn_detector.type                         'DECTRIS EIGER X 16M' 
_diffrn_detector.area_resol_mean              ? 
_diffrn_detector.dtime                        ? 
_diffrn_detector.pdbx_frames_total            ? 
_diffrn_detector.pdbx_collection_time_total   ? 
_diffrn_detector.pdbx_collection_date         2024-04-20 
_diffrn_detector.pdbx_frequency               ? 
_diffrn_detector.id                           ? 
_diffrn_detector.number_of_axes               ? 
# 
_diffrn_radiation.collimation                      ? 
_diffrn_radiation.diffrn_id                        1 
_diffrn_radiation.filter_edge                      ? 
_diffrn_radiation.inhomogeneity                    ? 
_diffrn_radiation.monochromator                    'Si(111) DCM' 
_diffrn_radiation.polarisn_norm                    ? 
_diffrn_radiation.polarisn_ratio                   ? 
_diffrn_radiation.probe                            ? 
_diffrn_radiation.type                             ? 
_diffrn_radiation.xray_symbol                      ? 
_diffrn_radiation.wavelength_id                    1 
_diffrn_radiation.pdbx_monochromatic_or_laue_m_l   M 
_diffrn_radiation.pdbx_wavelength_list             ? 
_diffrn_radiation.pdbx_wavelength                  ? 
_diffrn_radiation.pdbx_diffrn_protocol             'SINGLE WAVELENGTH' 
_diffrn_radiation.pdbx_analyzer                    ? 
_diffrn_radiation.pdbx_scattering_type             x-ray 
# 
_diffrn_radiation_wavelength.id           1 
_diffrn_radiation_wavelength.wavelength   0.97918 
_diffrn_radiation_wavelength.wt           1.0 
# 
_diffrn_source.current                     ? 
_diffrn_source.details                     ? 
_diffrn_source.diffrn_id                   1 
_diffrn_source.power                       ? 
_diffrn_source.size                        ? 
_diffrn_source.source                      SYNCHROTRON 
_diffrn_source.target                      ? 
_diffrn_source.type                        'SSRF BEAMLINE BL10U2' 
_diffrn_source.voltage                     ? 
_diffrn_source.take-off_angle              ? 
_diffrn_source.pdbx_wavelength_list        0.97918 
_diffrn_source.pdbx_wavelength             ? 
_diffrn_source.pdbx_synchrotron_beamline   BL10U2 
_diffrn_source.pdbx_synchrotron_site       SSRF 
# 
_reflns.B_iso_Wilson_estimate                          ? 
_reflns.entry_id                                       9LQD 
_reflns.data_reduction_details                         ? 
_reflns.data_reduction_method                          ? 
_reflns.d_resolution_high                              2.16 
_reflns.d_resolution_low                               29.51 
_reflns.details                                        ? 
_reflns.limit_h_max                                    ? 
_reflns.limit_h_min                                    ? 
_reflns.limit_k_max                                    ? 
_reflns.limit_k_min                                    ? 
_reflns.limit_l_max                                    ? 
_reflns.limit_l_min                                    ? 
_reflns.number_all                                     ? 
_reflns.number_obs                                     14829 
_reflns.observed_criterion                             ? 
_reflns.observed_criterion_F_max                       ? 
_reflns.observed_criterion_F_min                       ? 
_reflns.observed_criterion_I_max                       ? 
_reflns.observed_criterion_I_min                       ? 
_reflns.observed_criterion_sigma_F                     ? 
_reflns.observed_criterion_sigma_I                     ? 
_reflns.percent_possible_obs                           100.0 
_reflns.R_free_details                                 ? 
_reflns.Rmerge_F_all                                   ? 
_reflns.Rmerge_F_obs                                   ? 
_reflns.Friedel_coverage                               ? 
_reflns.number_gt                                      ? 
_reflns.threshold_expression                           ? 
_reflns.pdbx_redundancy                                37.2 
_reflns.pdbx_netI_over_av_sigmaI                       ? 
_reflns.pdbx_netI_over_sigmaI                          28.7 
_reflns.pdbx_res_netI_over_av_sigmaI_2                 ? 
_reflns.pdbx_res_netI_over_sigmaI_2                    ? 
_reflns.pdbx_chi_squared                               ? 
_reflns.pdbx_scaling_rejects                           ? 
_reflns.pdbx_d_res_high_opt                            ? 
_reflns.pdbx_d_res_low_opt                             ? 
_reflns.pdbx_d_res_opt_method                          ? 
_reflns.phase_calculation_details                      ? 
_reflns.pdbx_Rrim_I_all                                ? 
_reflns.pdbx_Rpim_I_all                                ? 
_reflns.pdbx_d_opt                                     ? 
_reflns.pdbx_number_measured_all                       ? 
_reflns.pdbx_diffrn_id                                 1 
_reflns.pdbx_ordinal                                   1 
_reflns.pdbx_CC_half                                   0.999 
_reflns.pdbx_CC_star                                   ? 
_reflns.pdbx_R_split                                   ? 
_reflns.pdbx_Rmerge_I_obs                              ? 
_reflns.pdbx_Rmerge_I_all                              ? 
_reflns.pdbx_Rsym_value                                ? 
_reflns.pdbx_CC_split_method                           ? 
_reflns.pdbx_aniso_diffraction_limit_axis_1_ortho[1]   ? 
_reflns.pdbx_aniso_diffraction_limit_axis_1_ortho[2]   ? 
_reflns.pdbx_aniso_diffraction_limit_axis_1_ortho[3]   ? 
_reflns.pdbx_aniso_diffraction_limit_axis_2_ortho[1]   ? 
_reflns.pdbx_aniso_diffraction_limit_axis_2_ortho[2]   ? 
_reflns.pdbx_aniso_diffraction_limit_axis_2_ortho[3]   ? 
_reflns.pdbx_aniso_diffraction_limit_axis_3_ortho[1]   ? 
_reflns.pdbx_aniso_diffraction_limit_axis_3_ortho[2]   ? 
_reflns.pdbx_aniso_diffraction_limit_axis_3_ortho[3]   ? 
_reflns.pdbx_aniso_diffraction_limit_1                 ? 
_reflns.pdbx_aniso_diffraction_limit_2                 ? 
_reflns.pdbx_aniso_diffraction_limit_3                 ? 
_reflns.pdbx_aniso_B_tensor_eigenvector_1_ortho[1]     ? 
_reflns.pdbx_aniso_B_tensor_eigenvector_1_ortho[2]     ? 
_reflns.pdbx_aniso_B_tensor_eigenvector_1_ortho[3]     ? 
_reflns.pdbx_aniso_B_tensor_eigenvector_2_ortho[1]     ? 
_reflns.pdbx_aniso_B_tensor_eigenvector_2_ortho[2]     ? 
_reflns.pdbx_aniso_B_tensor_eigenvector_2_ortho[3]     ? 
_reflns.pdbx_aniso_B_tensor_eigenvector_3_ortho[1]     ? 
_reflns.pdbx_aniso_B_tensor_eigenvector_3_ortho[2]     ? 
_reflns.pdbx_aniso_B_tensor_eigenvector_3_ortho[3]     ? 
_reflns.pdbx_aniso_B_tensor_eigenvalue_1               ? 
_reflns.pdbx_aniso_B_tensor_eigenvalue_2               ? 
_reflns.pdbx_aniso_B_tensor_eigenvalue_3               ? 
_reflns.pdbx_orthogonalization_convention              ? 
_reflns.pdbx_percent_possible_ellipsoidal              ? 
_reflns.pdbx_percent_possible_spherical                ? 
_reflns.pdbx_percent_possible_ellipsoidal_anomalous    ? 
_reflns.pdbx_percent_possible_spherical_anomalous      ? 
_reflns.pdbx_redundancy_anomalous                      ? 
_reflns.pdbx_CC_half_anomalous                         ? 
_reflns.pdbx_absDiff_over_sigma_anomalous              ? 
_reflns.pdbx_percent_possible_anomalous                ? 
_reflns.pdbx_observed_signal_threshold                 ? 
_reflns.pdbx_signal_type                               ? 
_reflns.pdbx_signal_details                            ? 
_reflns.pdbx_signal_software_id                        ? 
# 
_reflns_shell.d_res_high                                    2.16 
_reflns_shell.d_res_low                                     2.22 
_reflns_shell.meanI_over_sigI_all                           ? 
_reflns_shell.meanI_over_sigI_obs                           ? 
_reflns_shell.number_measured_all                           ? 
_reflns_shell.number_measured_obs                           ? 
_reflns_shell.number_possible                               ? 
_reflns_shell.number_unique_all                             ? 
_reflns_shell.number_unique_obs                             1080 
_reflns_shell.percent_possible_obs                          ? 
_reflns_shell.Rmerge_F_all                                  ? 
_reflns_shell.Rmerge_F_obs                                  ? 
_reflns_shell.meanI_over_sigI_gt                            ? 
_reflns_shell.meanI_over_uI_all                             ? 
_reflns_shell.meanI_over_uI_gt                              ? 
_reflns_shell.number_measured_gt                            ? 
_reflns_shell.number_unique_gt                              ? 
_reflns_shell.percent_possible_gt                           ? 
_reflns_shell.Rmerge_F_gt                                   ? 
_reflns_shell.Rmerge_I_gt                                   ? 
_reflns_shell.pdbx_redundancy                               30.9 
_reflns_shell.pdbx_chi_squared                              ? 
_reflns_shell.pdbx_netI_over_sigmaI_all                     ? 
_reflns_shell.pdbx_netI_over_sigmaI_obs                     ? 
_reflns_shell.pdbx_Rrim_I_all                               ? 
_reflns_shell.pdbx_Rpim_I_all                               ? 
_reflns_shell.pdbx_rejects                                  ? 
_reflns_shell.pdbx_ordinal                                  1 
_reflns_shell.pdbx_diffrn_id                                1 
_reflns_shell.pdbx_CC_half                                  0.796 
_reflns_shell.pdbx_CC_star                                  ? 
_reflns_shell.pdbx_R_split                                  ? 
_reflns_shell.percent_possible_all                          ? 
_reflns_shell.Rmerge_I_all                                  ? 
_reflns_shell.Rmerge_I_obs                                  ? 
_reflns_shell.pdbx_Rsym_value                               ? 
_reflns_shell.pdbx_percent_possible_ellipsoidal             ? 
_reflns_shell.pdbx_percent_possible_spherical               ? 
_reflns_shell.pdbx_percent_possible_ellipsoidal_anomalous   ? 
_reflns_shell.pdbx_percent_possible_spherical_anomalous     ? 
_reflns_shell.pdbx_redundancy_anomalous                     ? 
_reflns_shell.pdbx_CC_half_anomalous                        ? 
_reflns_shell.pdbx_absDiff_over_sigma_anomalous             ? 
_reflns_shell.pdbx_percent_possible_anomalous               ? 
# 
_refine.aniso_B[1][1]                            ? 
_refine.aniso_B[1][2]                            ? 
_refine.aniso_B[1][3]                            ? 
_refine.aniso_B[2][2]                            ? 
_refine.aniso_B[2][3]                            ? 
_refine.aniso_B[3][3]                            ? 
_refine.B_iso_max                                ? 
_refine.B_iso_mean                               ? 
_refine.B_iso_min                                ? 
_refine.correlation_coeff_Fo_to_Fc               ? 
_refine.correlation_coeff_Fo_to_Fc_free          ? 
_refine.details                                  ? 
_refine.diff_density_max                         ? 
_refine.diff_density_max_esd                     ? 
_refine.diff_density_min                         ? 
_refine.diff_density_min_esd                     ? 
_refine.diff_density_rms                         ? 
_refine.diff_density_rms_esd                     ? 
_refine.entry_id                                 9LQD 
_refine.pdbx_refine_id                           'X-RAY DIFFRACTION' 
_refine.ls_abs_structure_details                 ? 
_refine.ls_abs_structure_Flack                   ? 
_refine.ls_abs_structure_Flack_esd               ? 
_refine.ls_abs_structure_Rogers                  ? 
_refine.ls_abs_structure_Rogers_esd              ? 
_refine.ls_d_res_high                            2.16 
_refine.ls_d_res_low                             27.83 
_refine.ls_extinction_coef                       ? 
_refine.ls_extinction_coef_esd                   ? 
_refine.ls_extinction_expression                 ? 
_refine.ls_extinction_method                     ? 
_refine.ls_goodness_of_fit_all                   ? 
_refine.ls_goodness_of_fit_all_esd               ? 
_refine.ls_goodness_of_fit_obs                   ? 
_refine.ls_goodness_of_fit_obs_esd               ? 
_refine.ls_hydrogen_treatment                    ? 
_refine.ls_matrix_type                           ? 
_refine.ls_number_constraints                    ? 
_refine.ls_number_parameters                     ? 
_refine.ls_number_reflns_all                     ? 
_refine.ls_number_reflns_obs                     14818 
_refine.ls_number_reflns_R_free                  771 
_refine.ls_number_reflns_R_work                  ? 
_refine.ls_number_restraints                     ? 
_refine.ls_percent_reflns_obs                    99.94 
_refine.ls_percent_reflns_R_free                 5.20 
_refine.ls_R_factor_all                          ? 
_refine.ls_R_factor_obs                          0.1982 
_refine.ls_R_factor_R_free                       0.2127 
_refine.ls_R_factor_R_free_error                 ? 
_refine.ls_R_factor_R_free_error_details         ? 
_refine.ls_R_factor_R_work                       0.1974 
_refine.ls_R_Fsqd_factor_obs                     ? 
_refine.ls_R_I_factor_obs                        ? 
_refine.ls_redundancy_reflns_all                 ? 
_refine.ls_redundancy_reflns_obs                 ? 
_refine.ls_restrained_S_all                      ? 
_refine.ls_restrained_S_obs                      ? 
_refine.ls_shift_over_esd_max                    ? 
_refine.ls_shift_over_esd_mean                   ? 
_refine.ls_structure_factor_coef                 ? 
_refine.ls_weighting_details                     ? 
_refine.ls_weighting_scheme                      ? 
_refine.ls_wR_factor_all                         ? 
_refine.ls_wR_factor_obs                         ? 
_refine.ls_wR_factor_R_free                      ? 
_refine.ls_wR_factor_R_work                      ? 
_refine.occupancy_max                            ? 
_refine.occupancy_min                            ? 
_refine.solvent_model_details                    'FLAT BULK SOLVENT MODEL' 
_refine.solvent_model_param_bsol                 ? 
_refine.solvent_model_param_ksol                 ? 
_refine.pdbx_R_complete                          ? 
_refine.ls_R_factor_gt                           ? 
_refine.ls_goodness_of_fit_gt                    ? 
_refine.ls_goodness_of_fit_ref                   ? 
_refine.ls_shift_over_su_max                     ? 
_refine.ls_shift_over_su_max_lt                  ? 
_refine.ls_shift_over_su_mean                    ? 
_refine.ls_shift_over_su_mean_lt                 ? 
_refine.pdbx_ls_sigma_I                          ? 
_refine.pdbx_ls_sigma_F                          1.34 
_refine.pdbx_ls_sigma_Fsqd                       ? 
_refine.pdbx_data_cutoff_high_absF               ? 
_refine.pdbx_data_cutoff_high_rms_absF           ? 
_refine.pdbx_data_cutoff_low_absF                ? 
_refine.pdbx_isotropic_thermal_model             ? 
_refine.pdbx_ls_cross_valid_method               'FREE R-VALUE' 
_refine.pdbx_method_to_determine_struct          'MOLECULAR REPLACEMENT' 
_refine.pdbx_starting_model                      ? 
_refine.pdbx_stereochemistry_target_values       ML 
_refine.pdbx_R_Free_selection_details            ? 
_refine.pdbx_stereochem_target_val_spec_case     ? 
_refine.pdbx_overall_ESU_R                       ? 
_refine.pdbx_overall_ESU_R_Free                  ? 
_refine.pdbx_solvent_vdw_probe_radii             1.10 
_refine.pdbx_solvent_ion_probe_radii             ? 
_refine.pdbx_solvent_shrinkage_radii             0.90 
_refine.pdbx_real_space_R                        ? 
_refine.pdbx_density_correlation                 ? 
_refine.pdbx_pd_number_of_powder_patterns        ? 
_refine.pdbx_pd_number_of_points                 ? 
_refine.pdbx_pd_meas_number_of_points            ? 
_refine.pdbx_pd_proc_ls_prof_R_factor            ? 
_refine.pdbx_pd_proc_ls_prof_wR_factor           ? 
_refine.pdbx_pd_Marquardt_correlation_coeff      ? 
_refine.pdbx_pd_Fsqrd_R_factor                   ? 
_refine.pdbx_pd_ls_matrix_band_width             ? 
_refine.pdbx_overall_phase_error                 30.61 
_refine.pdbx_overall_SU_R_free_Cruickshank_DPI   ? 
_refine.pdbx_overall_SU_R_free_Blow_DPI          ? 
_refine.pdbx_overall_SU_R_Blow_DPI               ? 
_refine.pdbx_TLS_residual_ADP_flag               ? 
_refine.pdbx_diffrn_id                           1 
_refine.overall_SU_B                             ? 
_refine.overall_SU_ML                            0.22 
_refine.overall_SU_R_Cruickshank_DPI             ? 
_refine.overall_SU_R_free                        ? 
_refine.overall_FOM_free_R_set                   ? 
_refine.overall_FOM_work_R_set                   ? 
_refine.pdbx_average_fsc_overall                 ? 
_refine.pdbx_average_fsc_work                    ? 
_refine.pdbx_average_fsc_free                    ? 
# 
_refine_hist.pdbx_refine_id                   'X-RAY DIFFRACTION' 
_refine_hist.cycle_id                         LAST 
_refine_hist.pdbx_number_atoms_protein        1006 
_refine_hist.pdbx_number_atoms_nucleic_acid   0 
_refine_hist.pdbx_number_atoms_ligand         9 
_refine_hist.number_atoms_solvent             22 
_refine_hist.number_atoms_total               1037 
_refine_hist.d_res_high                       2.16 
_refine_hist.d_res_low                        27.83 
# 
loop_
_refine_ls_restr.pdbx_refine_id 
_refine_ls_restr.criterion 
_refine_ls_restr.dev_ideal 
_refine_ls_restr.dev_ideal_target 
_refine_ls_restr.number 
_refine_ls_restr.rejects 
_refine_ls_restr.type 
_refine_ls_restr.weight 
_refine_ls_restr.pdbx_restraint_function 
'X-RAY DIFFRACTION' ? 0.007  ? ?   ? f_bond_d           ? ? 
'X-RAY DIFFRACTION' ? 0.851  ? ?   ? f_angle_d          ? ? 
'X-RAY DIFFRACTION' ? 25.337 ? 386 ? f_dihedral_angle_d ? ? 
'X-RAY DIFFRACTION' ? 0.051  ? 154 ? f_chiral_restr     ? ? 
'X-RAY DIFFRACTION' ? 0.004  ? 176 ? f_plane_restr      ? ? 
# 
loop_
_refine_ls_shell.pdbx_refine_id 
_refine_ls_shell.d_res_high 
_refine_ls_shell.d_res_low 
_refine_ls_shell.number_reflns_all 
_refine_ls_shell.number_reflns_obs 
_refine_ls_shell.number_reflns_R_free 
_refine_ls_shell.number_reflns_R_work 
_refine_ls_shell.percent_reflns_obs 
_refine_ls_shell.percent_reflns_R_free 
_refine_ls_shell.R_factor_all 
_refine_ls_shell.R_factor_obs 
_refine_ls_shell.R_factor_R_free_error 
_refine_ls_shell.R_factor_R_work 
_refine_ls_shell.redundancy_reflns_all 
_refine_ls_shell.redundancy_reflns_obs 
_refine_ls_shell.wR_factor_all 
_refine_ls_shell.wR_factor_obs 
_refine_ls_shell.wR_factor_R_free 
_refine_ls_shell.wR_factor_R_work 
_refine_ls_shell.pdbx_R_complete 
_refine_ls_shell.pdbx_total_number_of_bins_used 
_refine_ls_shell.pdbx_phase_error 
_refine_ls_shell.pdbx_fsc_work 
_refine_ls_shell.pdbx_fsc_free 
_refine_ls_shell.R_factor_R_free 
'X-RAY DIFFRACTION' 2.16 2.30  . . 111 2331 100.00 . . . . 0.2977 . . . . . . . . . . . 0.2768 
'X-RAY DIFFRACTION' 2.30 2.47  . . 105 2343 100.00 . . . . 0.2628 . . . . . . . . . . . 0.2854 
'X-RAY DIFFRACTION' 2.47 2.72  . . 153 2287 100.00 . . . . 0.2370 . . . . . . . . . . . 0.2871 
'X-RAY DIFFRACTION' 2.72 3.11  . . 138 2326 100.00 . . . . 0.2886 . . . . . . . . . . . 0.3022 
'X-RAY DIFFRACTION' 3.12 3.92  . . 129 2353 100.00 . . . . 0.2158 . . . . . . . . . . . 0.2295 
'X-RAY DIFFRACTION' 3.93 27.83 . . 135 2407 100.00 . . . . 0.1503 . . . . . . . . . . . 0.1635 
# 
_struct.entry_id                     9LQD 
_struct.title                        'Crystal structure of SAM lyase' 
_struct.pdbx_model_details           ? 
_struct.pdbx_formula_weight          ? 
_struct.pdbx_formula_weight_method   ? 
_struct.pdbx_model_type_details      ? 
_struct.pdbx_CASP_flag               N 
# 
_struct_keywords.entry_id        9LQD 
_struct_keywords.text            'enzyme, SAM, CRISPR-Cas system, second messenger, IMMUNE SYSTEM' 
_struct_keywords.pdbx_keywords   'IMMUNE SYSTEM' 
# 
loop_
_struct_asym.id 
_struct_asym.pdbx_blank_PDB_chainid_flag 
_struct_asym.pdbx_modified 
_struct_asym.entity_id 
_struct_asym.details 
A N N 1 ? 
B N N 2 ? 
C N N 3 ? 
# 
_struct_ref.id                         1 
_struct_ref.db_name                    UNP 
_struct_ref.db_code                    A5I3U9_CLOBH 
_struct_ref.pdbx_db_accession          A5I3U9 
_struct_ref.pdbx_db_isoform            ? 
_struct_ref.entity_id                  1 
_struct_ref.pdbx_seq_one_letter_code   
;MGKTLRFEIVSGVNKGYFHTNSQSESLDLVGGIWQKIAKEEFEKSNIYVSAVIKPSKTVYNQEWGCPENGEETVVLTGVA
NEEFVDDIEKWKDTVIKLAKELKNQMKQSTLTCEFIETELHYFK
;
_struct_ref.pdbx_align_begin           1 
# 
_struct_ref_seq.align_id                      1 
_struct_ref_seq.ref_id                        1 
_struct_ref_seq.pdbx_PDB_id_code              9LQD 
_struct_ref_seq.pdbx_strand_id                A 
_struct_ref_seq.seq_align_beg                 2 
_struct_ref_seq.pdbx_seq_align_beg_ins_code   ? 
_struct_ref_seq.seq_align_end                 125 
_struct_ref_seq.pdbx_seq_align_end_ins_code   ? 
_struct_ref_seq.pdbx_db_accession             A5I3U9 
_struct_ref_seq.db_align_beg                  1 
_struct_ref_seq.pdbx_db_align_beg_ins_code    ? 
_struct_ref_seq.db_align_end                  124 
_struct_ref_seq.pdbx_db_align_end_ins_code    ? 
_struct_ref_seq.pdbx_auth_seq_align_beg       1 
_struct_ref_seq.pdbx_auth_seq_align_end       124 
# 
_struct_ref_seq_dif.align_id                     1 
_struct_ref_seq_dif.pdbx_pdb_id_code             9LQD 
_struct_ref_seq_dif.mon_id                       SER 
_struct_ref_seq_dif.pdbx_pdb_strand_id           A 
_struct_ref_seq_dif.seq_num                      1 
_struct_ref_seq_dif.pdbx_pdb_ins_code            ? 
_struct_ref_seq_dif.pdbx_seq_db_name             UNP 
_struct_ref_seq_dif.pdbx_seq_db_accession_code   A5I3U9 
_struct_ref_seq_dif.db_mon_id                    ? 
_struct_ref_seq_dif.pdbx_seq_db_seq_num          ? 
_struct_ref_seq_dif.details                      'expression tag' 
_struct_ref_seq_dif.pdbx_auth_seq_num            0 
_struct_ref_seq_dif.pdbx_ordinal                 1 
# 
_pdbx_struct_assembly.id                   1 
_pdbx_struct_assembly.details              author_and_software_defined_assembly 
_pdbx_struct_assembly.method_details       PISA 
_pdbx_struct_assembly.oligomeric_details   trimeric 
_pdbx_struct_assembly.oligomeric_count     3 
# 
loop_
_pdbx_struct_assembly_prop.biol_id 
_pdbx_struct_assembly_prop.type 
_pdbx_struct_assembly_prop.value 
_pdbx_struct_assembly_prop.details 
1 'ABSA (A^2)' 8180  ? 
1 MORE         -32   ? 
1 'SSA (A^2)'  16450 ? 
# 
_pdbx_struct_assembly_gen.assembly_id       1 
_pdbx_struct_assembly_gen.oper_expression   1,2,3 
_pdbx_struct_assembly_gen.asym_id_list      A,B,C 
# 
_pdbx_struct_assembly_auth_evidence.id                     1 
_pdbx_struct_assembly_auth_evidence.assembly_id            1 
_pdbx_struct_assembly_auth_evidence.experimental_support   'gel filtration' 
_pdbx_struct_assembly_auth_evidence.details                ? 
# 
loop_
_pdbx_struct_oper_list.id 
_pdbx_struct_oper_list.type 
_pdbx_struct_oper_list.name 
_pdbx_struct_oper_list.symmetry_operation 
_pdbx_struct_oper_list.matrix[1][1] 
_pdbx_struct_oper_list.matrix[1][2] 
_pdbx_struct_oper_list.matrix[1][3] 
_pdbx_struct_oper_list.vector[1] 
_pdbx_struct_oper_list.matrix[2][1] 
_pdbx_struct_oper_list.matrix[2][2] 
_pdbx_struct_oper_list.matrix[2][3] 
_pdbx_struct_oper_list.vector[2] 
_pdbx_struct_oper_list.matrix[3][1] 
_pdbx_struct_oper_list.matrix[3][2] 
_pdbx_struct_oper_list.matrix[3][3] 
_pdbx_struct_oper_list.vector[3] 
1 'identity operation'         1_555  x,y,z           1.0000000000  0.0000000000  0.0000000000  0.0000000000  0.0000000000  1.0000000000 0.0000000000  0.0000000000  0.0000000000  0.0000000000  1.0000000000  0.0000000000   
2 'crystal symmetry operation' 6_445  z-1/2,-x-1/2,-y -0.2161659049 -0.3150328023 0.9241356150  15.0821950863 -0.8014185100 0.5978803767 0.0163531984  3.1318339715  -0.5576743435 -0.7370843837 -0.3817144717 -13.8217668115 
3 'crystal symmetry operation' 12_455 -y-1/2,-z,x+1/2 -0.2161659049 -0.8014185100 -0.5576743435 -1.9378786688 -0.3150328023 0.5978803767 -0.7370843837 -7.3088843623 0.9241356150  0.0163531984  -0.3817144717 -19.2651775512 
# 
loop_
_struct_conf.conf_type_id 
_struct_conf.id 
_struct_conf.pdbx_PDB_helix_id 
_struct_conf.beg_label_comp_id 
_struct_conf.beg_label_asym_id 
_struct_conf.beg_label_seq_id 
_struct_conf.pdbx_beg_PDB_ins_code 
_struct_conf.end_label_comp_id 
_struct_conf.end_label_asym_id 
_struct_conf.end_label_seq_id 
_struct_conf.pdbx_end_PDB_ins_code 
_struct_conf.beg_auth_comp_id 
_struct_conf.beg_auth_asym_id 
_struct_conf.beg_auth_seq_id 
_struct_conf.end_auth_comp_id 
_struct_conf.end_auth_asym_id 
_struct_conf.end_auth_seq_id 
_struct_conf.pdbx_PDB_helix_class 
_struct_conf.details 
_struct_conf.pdbx_PDB_helix_length 
HELX_P HELX_P1 AA1 ASN A 15 ? HIS A 20  ? ASN A 14 HIS A 19  1 ? 6  
HELX_P HELX_P2 AA2 SER A 23 ? ASN A 47  ? SER A 22 ASN A 46  1 ? 25 
HELX_P HELX_P3 AA3 ASN A 62 ? GLY A 66  ? ASN A 61 GLY A 65  5 ? 5  
HELX_P HELX_P4 AA4 ASP A 88 ? MET A 107 ? ASP A 87 MET A 106 1 ? 20 
# 
_struct_conf_type.id          HELX_P 
_struct_conf_type.criteria    ? 
_struct_conf_type.reference   ? 
# 
_struct_sheet.id               AA1 
_struct_sheet.type             ? 
_struct_sheet.number_strands   4 
_struct_sheet.details          ? 
# 
loop_
_struct_sheet_order.sheet_id 
_struct_sheet_order.range_id_1 
_struct_sheet_order.range_id_2 
_struct_sheet_order.offset 
_struct_sheet_order.sense 
AA1 1 2 ? anti-parallel 
AA1 2 3 ? anti-parallel 
AA1 3 4 ? anti-parallel 
# 
loop_
_struct_sheet_range.sheet_id 
_struct_sheet_range.id 
_struct_sheet_range.beg_label_comp_id 
_struct_sheet_range.beg_label_asym_id 
_struct_sheet_range.beg_label_seq_id 
_struct_sheet_range.pdbx_beg_PDB_ins_code 
_struct_sheet_range.end_label_comp_id 
_struct_sheet_range.end_label_asym_id 
_struct_sheet_range.end_label_seq_id 
_struct_sheet_range.pdbx_end_PDB_ins_code 
_struct_sheet_range.beg_auth_comp_id 
_struct_sheet_range.beg_auth_asym_id 
_struct_sheet_range.beg_auth_seq_id 
_struct_sheet_range.end_auth_comp_id 
_struct_sheet_range.end_auth_asym_id 
_struct_sheet_range.end_auth_seq_id 
AA1 1 VAL A 53  ? THR A 59  ? VAL A 52  THR A 58  
AA1 2 GLU A 72  ? VAL A 80  ? GLU A 71  VAL A 79  
AA1 3 MET A 2   ? GLY A 13  ? MET A 1   GLY A 12  
AA1 4 THR A 113 ? HIS A 122 ? THR A 112 HIS A 121 
# 
loop_
_pdbx_struct_sheet_hbond.sheet_id 
_pdbx_struct_sheet_hbond.range_id_1 
_pdbx_struct_sheet_hbond.range_id_2 
_pdbx_struct_sheet_hbond.range_1_label_atom_id 
_pdbx_struct_sheet_hbond.range_1_label_comp_id 
_pdbx_struct_sheet_hbond.range_1_label_asym_id 
_pdbx_struct_sheet_hbond.range_1_label_seq_id 
_pdbx_struct_sheet_hbond.range_1_PDB_ins_code 
_pdbx_struct_sheet_hbond.range_1_auth_atom_id 
_pdbx_struct_sheet_hbond.range_1_auth_comp_id 
_pdbx_struct_sheet_hbond.range_1_auth_asym_id 
_pdbx_struct_sheet_hbond.range_1_auth_seq_id 
_pdbx_struct_sheet_hbond.range_2_label_atom_id 
_pdbx_struct_sheet_hbond.range_2_label_comp_id 
_pdbx_struct_sheet_hbond.range_2_label_asym_id 
_pdbx_struct_sheet_hbond.range_2_label_seq_id 
_pdbx_struct_sheet_hbond.range_2_PDB_ins_code 
_pdbx_struct_sheet_hbond.range_2_auth_atom_id 
_pdbx_struct_sheet_hbond.range_2_auth_comp_id 
_pdbx_struct_sheet_hbond.range_2_auth_asym_id 
_pdbx_struct_sheet_hbond.range_2_auth_seq_id 
AA1 1 2 N VAL A 53 ? N VAL A 52 O THR A 78  ? O THR A 77  
AA1 2 3 O LEU A 77 ? O LEU A 76 N ILE A 10  ? N ILE A 9   
AA1 3 4 N THR A 5  ? N THR A 4  O THR A 119 ? O THR A 118 
# 
_pdbx_entry_details.entry_id                   9LQD 
_pdbx_entry_details.nonpolymer_details         ? 
_pdbx_entry_details.sequence_details           ? 
_pdbx_entry_details.compound_details           ? 
_pdbx_entry_details.source_details             ? 
_pdbx_entry_details.has_ligand_of_interest     Y 
_pdbx_entry_details.has_protein_modification   N 
# 
_pdbx_validate_torsion.id              1 
_pdbx_validate_torsion.PDB_model_num   1 
_pdbx_validate_torsion.auth_comp_id    ASN 
_pdbx_validate_torsion.auth_asym_id    A 
_pdbx_validate_torsion.auth_seq_id     14 
_pdbx_validate_torsion.PDB_ins_code    ? 
_pdbx_validate_torsion.label_alt_id    ? 
_pdbx_validate_torsion.phi             39.68 
_pdbx_validate_torsion.psi             61.86 
# 
loop_
_chem_comp_atom.comp_id 
_chem_comp_atom.atom_id 
_chem_comp_atom.type_symbol 
_chem_comp_atom.pdbx_aromatic_flag 
_chem_comp_atom.pdbx_stereo_config 
_chem_comp_atom.pdbx_ordinal 
ALA N    N N N 1   
ALA CA   C N S 2   
ALA C    C N N 3   
ALA O    O N N 4   
ALA CB   C N N 5   
ALA OXT  O N N 6   
ALA H    H N N 7   
ALA H2   H N N 8   
ALA HA   H N N 9   
ALA HB1  H N N 10  
ALA HB2  H N N 11  
ALA HB3  H N N 12  
ALA HXT  H N N 13  
ARG N    N N N 14  
ARG CA   C N S 15  
ARG C    C N N 16  
ARG O    O N N 17  
ARG CB   C N N 18  
ARG CG   C N N 19  
ARG CD   C N N 20  
ARG NE   N N N 21  
ARG CZ   C N N 22  
ARG NH1  N N N 23  
ARG NH2  N N N 24  
ARG OXT  O N N 25  
ARG H    H N N 26  
ARG H2   H N N 27  
ARG HA   H N N 28  
ARG HB2  H N N 29  
ARG HB3  H N N 30  
ARG HG2  H N N 31  
ARG HG3  H N N 32  
ARG HD2  H N N 33  
ARG HD3  H N N 34  
ARG HE   H N N 35  
ARG HH11 H N N 36  
ARG HH12 H N N 37  
ARG HH21 H N N 38  
ARG HH22 H N N 39  
ARG HXT  H N N 40  
ASN N    N N N 41  
ASN CA   C N S 42  
ASN C    C N N 43  
ASN O    O N N 44  
ASN CB   C N N 45  
ASN CG   C N N 46  
ASN OD1  O N N 47  
ASN ND2  N N N 48  
ASN OXT  O N N 49  
ASN H    H N N 50  
ASN H2   H N N 51  
ASN HA   H N N 52  
ASN HB2  H N N 53  
ASN HB3  H N N 54  
ASN HD21 H N N 55  
ASN HD22 H N N 56  
ASN HXT  H N N 57  
ASP N    N N N 58  
ASP CA   C N S 59  
ASP C    C N N 60  
ASP O    O N N 61  
ASP CB   C N N 62  
ASP CG   C N N 63  
ASP OD1  O N N 64  
ASP OD2  O N N 65  
ASP OXT  O N N 66  
ASP H    H N N 67  
ASP H2   H N N 68  
ASP HA   H N N 69  
ASP HB2  H N N 70  
ASP HB3  H N N 71  
ASP HD2  H N N 72  
ASP HXT  H N N 73  
CYS N    N N N 74  
CYS CA   C N R 75  
CYS C    C N N 76  
CYS O    O N N 77  
CYS CB   C N N 78  
CYS SG   S N N 79  
CYS OXT  O N N 80  
CYS H    H N N 81  
CYS H2   H N N 82  
CYS HA   H N N 83  
CYS HB2  H N N 84  
CYS HB3  H N N 85  
CYS HG   H N N 86  
CYS HXT  H N N 87  
GLN N    N N N 88  
GLN CA   C N S 89  
GLN C    C N N 90  
GLN O    O N N 91  
GLN CB   C N N 92  
GLN CG   C N N 93  
GLN CD   C N N 94  
GLN OE1  O N N 95  
GLN NE2  N N N 96  
GLN OXT  O N N 97  
GLN H    H N N 98  
GLN H2   H N N 99  
GLN HA   H N N 100 
GLN HB2  H N N 101 
GLN HB3  H N N 102 
GLN HG2  H N N 103 
GLN HG3  H N N 104 
GLN HE21 H N N 105 
GLN HE22 H N N 106 
GLN HXT  H N N 107 
GLU N    N N N 108 
GLU CA   C N S 109 
GLU C    C N N 110 
GLU O    O N N 111 
GLU CB   C N N 112 
GLU CG   C N N 113 
GLU CD   C N N 114 
GLU OE1  O N N 115 
GLU OE2  O N N 116 
GLU OXT  O N N 117 
GLU H    H N N 118 
GLU H2   H N N 119 
GLU HA   H N N 120 
GLU HB2  H N N 121 
GLU HB3  H N N 122 
GLU HG2  H N N 123 
GLU HG3  H N N 124 
GLU HE2  H N N 125 
GLU HXT  H N N 126 
GLY N    N N N 127 
GLY CA   C N N 128 
GLY C    C N N 129 
GLY O    O N N 130 
GLY OXT  O N N 131 
GLY H    H N N 132 
GLY H2   H N N 133 
GLY HA2  H N N 134 
GLY HA3  H N N 135 
GLY HXT  H N N 136 
HIS N    N N N 137 
HIS CA   C N S 138 
HIS C    C N N 139 
HIS O    O N N 140 
HIS CB   C N N 141 
HIS CG   C Y N 142 
HIS ND1  N Y N 143 
HIS CD2  C Y N 144 
HIS CE1  C Y N 145 
HIS NE2  N Y N 146 
HIS OXT  O N N 147 
HIS H    H N N 148 
HIS H2   H N N 149 
HIS HA   H N N 150 
HIS HB2  H N N 151 
HIS HB3  H N N 152 
HIS HD1  H N N 153 
HIS HD2  H N N 154 
HIS HE1  H N N 155 
HIS HE2  H N N 156 
HIS HXT  H N N 157 
HOH O    O N N 158 
HOH H1   H N N 159 
HOH H2   H N N 160 
ILE N    N N N 161 
ILE CA   C N S 162 
ILE C    C N N 163 
ILE O    O N N 164 
ILE CB   C N S 165 
ILE CG1  C N N 166 
ILE CG2  C N N 167 
ILE CD1  C N N 168 
ILE OXT  O N N 169 
ILE H    H N N 170 
ILE H2   H N N 171 
ILE HA   H N N 172 
ILE HB   H N N 173 
ILE HG12 H N N 174 
ILE HG13 H N N 175 
ILE HG21 H N N 176 
ILE HG22 H N N 177 
ILE HG23 H N N 178 
ILE HD11 H N N 179 
ILE HD12 H N N 180 
ILE HD13 H N N 181 
ILE HXT  H N N 182 
LEU N    N N N 183 
LEU CA   C N S 184 
LEU C    C N N 185 
LEU O    O N N 186 
LEU CB   C N N 187 
LEU CG   C N N 188 
LEU CD1  C N N 189 
LEU CD2  C N N 190 
LEU OXT  O N N 191 
LEU H    H N N 192 
LEU H2   H N N 193 
LEU HA   H N N 194 
LEU HB2  H N N 195 
LEU HB3  H N N 196 
LEU HG   H N N 197 
LEU HD11 H N N 198 
LEU HD12 H N N 199 
LEU HD13 H N N 200 
LEU HD21 H N N 201 
LEU HD22 H N N 202 
LEU HD23 H N N 203 
LEU HXT  H N N 204 
LYS N    N N N 205 
LYS CA   C N S 206 
LYS C    C N N 207 
LYS O    O N N 208 
LYS CB   C N N 209 
LYS CG   C N N 210 
LYS CD   C N N 211 
LYS CE   C N N 212 
LYS NZ   N N N 213 
LYS OXT  O N N 214 
LYS H    H N N 215 
LYS H2   H N N 216 
LYS HA   H N N 217 
LYS HB2  H N N 218 
LYS HB3  H N N 219 
LYS HG2  H N N 220 
LYS HG3  H N N 221 
LYS HD2  H N N 222 
LYS HD3  H N N 223 
LYS HE2  H N N 224 
LYS HE3  H N N 225 
LYS HZ1  H N N 226 
LYS HZ2  H N N 227 
LYS HZ3  H N N 228 
LYS HXT  H N N 229 
MET N    N N N 230 
MET CA   C N S 231 
MET C    C N N 232 
MET O    O N N 233 
MET CB   C N N 234 
MET CG   C N N 235 
MET SD   S N N 236 
MET CE   C N N 237 
MET OXT  O N N 238 
MET H    H N N 239 
MET H2   H N N 240 
MET HA   H N N 241 
MET HB2  H N N 242 
MET HB3  H N N 243 
MET HG2  H N N 244 
MET HG3  H N N 245 
MET HE1  H N N 246 
MET HE2  H N N 247 
MET HE3  H N N 248 
MET HXT  H N N 249 
MLT C1   C N N 250 
MLT O1   O N N 251 
MLT O2   O N N 252 
MLT C2   C N R 253 
MLT O3   O N N 254 
MLT C3   C N N 255 
MLT C4   C N N 256 
MLT O4   O N N 257 
MLT O5   O N N 258 
MLT H2   H N N 259 
MLT HO3  H N N 260 
MLT H31  H N N 261 
MLT H32  H N N 262 
MLT HO5  H N N 263 
MLT H6   H N N 264 
PHE N    N N N 265 
PHE CA   C N S 266 
PHE C    C N N 267 
PHE O    O N N 268 
PHE CB   C N N 269 
PHE CG   C Y N 270 
PHE CD1  C Y N 271 
PHE CD2  C Y N 272 
PHE CE1  C Y N 273 
PHE CE2  C Y N 274 
PHE CZ   C Y N 275 
PHE OXT  O N N 276 
PHE H    H N N 277 
PHE H2   H N N 278 
PHE HA   H N N 279 
PHE HB2  H N N 280 
PHE HB3  H N N 281 
PHE HD1  H N N 282 
PHE HD2  H N N 283 
PHE HE1  H N N 284 
PHE HE2  H N N 285 
PHE HZ   H N N 286 
PHE HXT  H N N 287 
PRO N    N N N 288 
PRO CA   C N S 289 
PRO C    C N N 290 
PRO O    O N N 291 
PRO CB   C N N 292 
PRO CG   C N N 293 
PRO CD   C N N 294 
PRO OXT  O N N 295 
PRO H    H N N 296 
PRO HA   H N N 297 
PRO HB2  H N N 298 
PRO HB3  H N N 299 
PRO HG2  H N N 300 
PRO HG3  H N N 301 
PRO HD2  H N N 302 
PRO HD3  H N N 303 
PRO HXT  H N N 304 
SER N    N N N 305 
SER CA   C N S 306 
SER C    C N N 307 
SER O    O N N 308 
SER CB   C N N 309 
SER OG   O N N 310 
SER OXT  O N N 311 
SER H    H N N 312 
SER H2   H N N 313 
SER HA   H N N 314 
SER HB2  H N N 315 
SER HB3  H N N 316 
SER HG   H N N 317 
SER HXT  H N N 318 
THR N    N N N 319 
THR CA   C N S 320 
THR C    C N N 321 
THR O    O N N 322 
THR CB   C N R 323 
THR OG1  O N N 324 
THR CG2  C N N 325 
THR OXT  O N N 326 
THR H    H N N 327 
THR H2   H N N 328 
THR HA   H N N 329 
THR HB   H N N 330 
THR HG1  H N N 331 
THR HG21 H N N 332 
THR HG22 H N N 333 
THR HG23 H N N 334 
THR HXT  H N N 335 
TRP N    N N N 336 
TRP CA   C N S 337 
TRP C    C N N 338 
TRP O    O N N 339 
TRP CB   C N N 340 
TRP CG   C Y N 341 
TRP CD1  C Y N 342 
TRP CD2  C Y N 343 
TRP NE1  N Y N 344 
TRP CE2  C Y N 345 
TRP CE3  C Y N 346 
TRP CZ2  C Y N 347 
TRP CZ3  C Y N 348 
TRP CH2  C Y N 349 
TRP OXT  O N N 350 
TRP H    H N N 351 
TRP H2   H N N 352 
TRP HA   H N N 353 
TRP HB2  H N N 354 
TRP HB3  H N N 355 
TRP HD1  H N N 356 
TRP HE1  H N N 357 
TRP HE3  H N N 358 
TRP HZ2  H N N 359 
TRP HZ3  H N N 360 
TRP HH2  H N N 361 
TRP HXT  H N N 362 
TYR N    N N N 363 
TYR CA   C N S 364 
TYR C    C N N 365 
TYR O    O N N 366 
TYR CB   C N N 367 
TYR CG   C Y N 368 
TYR CD1  C Y N 369 
TYR CD2  C Y N 370 
TYR CE1  C Y N 371 
TYR CE2  C Y N 372 
TYR CZ   C Y N 373 
TYR OH   O N N 374 
TYR OXT  O N N 375 
TYR H    H N N 376 
TYR H2   H N N 377 
TYR HA   H N N 378 
TYR HB2  H N N 379 
TYR HB3  H N N 380 
TYR HD1  H N N 381 
TYR HD2  H N N 382 
TYR HE1  H N N 383 
TYR HE2  H N N 384 
TYR HH   H N N 385 
TYR HXT  H N N 386 
VAL N    N N N 387 
VAL CA   C N S 388 
VAL C    C N N 389 
VAL O    O N N 390 
VAL CB   C N N 391 
VAL CG1  C N N 392 
VAL CG2  C N N 393 
VAL OXT  O N N 394 
VAL H    H N N 395 
VAL H2   H N N 396 
VAL HA   H N N 397 
VAL HB   H N N 398 
VAL HG11 H N N 399 
VAL HG12 H N N 400 
VAL HG13 H N N 401 
VAL HG21 H N N 402 
VAL HG22 H N N 403 
VAL HG23 H N N 404 
VAL HXT  H N N 405 
# 
loop_
_chem_comp_bond.comp_id 
_chem_comp_bond.atom_id_1 
_chem_comp_bond.atom_id_2 
_chem_comp_bond.value_order 
_chem_comp_bond.pdbx_aromatic_flag 
_chem_comp_bond.pdbx_stereo_config 
_chem_comp_bond.pdbx_ordinal 
ALA N   CA   sing N N 1   
ALA N   H    sing N N 2   
ALA N   H2   sing N N 3   
ALA CA  C    sing N N 4   
ALA CA  CB   sing N N 5   
ALA CA  HA   sing N N 6   
ALA C   O    doub N N 7   
ALA C   OXT  sing N N 8   
ALA CB  HB1  sing N N 9   
ALA CB  HB2  sing N N 10  
ALA CB  HB3  sing N N 11  
ALA OXT HXT  sing N N 12  
ARG N   CA   sing N N 13  
ARG N   H    sing N N 14  
ARG N   H2   sing N N 15  
ARG CA  C    sing N N 16  
ARG CA  CB   sing N N 17  
ARG CA  HA   sing N N 18  
ARG C   O    doub N N 19  
ARG C   OXT  sing N N 20  
ARG CB  CG   sing N N 21  
ARG CB  HB2  sing N N 22  
ARG CB  HB3  sing N N 23  
ARG CG  CD   sing N N 24  
ARG CG  HG2  sing N N 25  
ARG CG  HG3  sing N N 26  
ARG CD  NE   sing N N 27  
ARG CD  HD2  sing N N 28  
ARG CD  HD3  sing N N 29  
ARG NE  CZ   sing N N 30  
ARG NE  HE   sing N N 31  
ARG CZ  NH1  sing N N 32  
ARG CZ  NH2  doub N N 33  
ARG NH1 HH11 sing N N 34  
ARG NH1 HH12 sing N N 35  
ARG NH2 HH21 sing N N 36  
ARG NH2 HH22 sing N N 37  
ARG OXT HXT  sing N N 38  
ASN N   CA   sing N N 39  
ASN N   H    sing N N 40  
ASN N   H2   sing N N 41  
ASN CA  C    sing N N 42  
ASN CA  CB   sing N N 43  
ASN CA  HA   sing N N 44  
ASN C   O    doub N N 45  
ASN C   OXT  sing N N 46  
ASN CB  CG   sing N N 47  
ASN CB  HB2  sing N N 48  
ASN CB  HB3  sing N N 49  
ASN CG  OD1  doub N N 50  
ASN CG  ND2  sing N N 51  
ASN ND2 HD21 sing N N 52  
ASN ND2 HD22 sing N N 53  
ASN OXT HXT  sing N N 54  
ASP N   CA   sing N N 55  
ASP N   H    sing N N 56  
ASP N   H2   sing N N 57  
ASP CA  C    sing N N 58  
ASP CA  CB   sing N N 59  
ASP CA  HA   sing N N 60  
ASP C   O    doub N N 61  
ASP C   OXT  sing N N 62  
ASP CB  CG   sing N N 63  
ASP CB  HB2  sing N N 64  
ASP CB  HB3  sing N N 65  
ASP CG  OD1  doub N N 66  
ASP CG  OD2  sing N N 67  
ASP OD2 HD2  sing N N 68  
ASP OXT HXT  sing N N 69  
CYS N   CA   sing N N 70  
CYS N   H    sing N N 71  
CYS N   H2   sing N N 72  
CYS CA  C    sing N N 73  
CYS CA  CB   sing N N 74  
CYS CA  HA   sing N N 75  
CYS C   O    doub N N 76  
CYS C   OXT  sing N N 77  
CYS CB  SG   sing N N 78  
CYS CB  HB2  sing N N 79  
CYS CB  HB3  sing N N 80  
CYS SG  HG   sing N N 81  
CYS OXT HXT  sing N N 82  
GLN N   CA   sing N N 83  
GLN N   H    sing N N 84  
GLN N   H2   sing N N 85  
GLN CA  C    sing N N 86  
GLN CA  CB   sing N N 87  
GLN CA  HA   sing N N 88  
GLN C   O    doub N N 89  
GLN C   OXT  sing N N 90  
GLN CB  CG   sing N N 91  
GLN CB  HB2  sing N N 92  
GLN CB  HB3  sing N N 93  
GLN CG  CD   sing N N 94  
GLN CG  HG2  sing N N 95  
GLN CG  HG3  sing N N 96  
GLN CD  OE1  doub N N 97  
GLN CD  NE2  sing N N 98  
GLN NE2 HE21 sing N N 99  
GLN NE2 HE22 sing N N 100 
GLN OXT HXT  sing N N 101 
GLU N   CA   sing N N 102 
GLU N   H    sing N N 103 
GLU N   H2   sing N N 104 
GLU CA  C    sing N N 105 
GLU CA  CB   sing N N 106 
GLU CA  HA   sing N N 107 
GLU C   O    doub N N 108 
GLU C   OXT  sing N N 109 
GLU CB  CG   sing N N 110 
GLU CB  HB2  sing N N 111 
GLU CB  HB3  sing N N 112 
GLU CG  CD   sing N N 113 
GLU CG  HG2  sing N N 114 
GLU CG  HG3  sing N N 115 
GLU CD  OE1  doub N N 116 
GLU CD  OE2  sing N N 117 
GLU OE2 HE2  sing N N 118 
GLU OXT HXT  sing N N 119 
GLY N   CA   sing N N 120 
GLY N   H    sing N N 121 
GLY N   H2   sing N N 122 
GLY CA  C    sing N N 123 
GLY CA  HA2  sing N N 124 
GLY CA  HA3  sing N N 125 
GLY C   O    doub N N 126 
GLY C   OXT  sing N N 127 
GLY OXT HXT  sing N N 128 
HIS N   CA   sing N N 129 
HIS N   H    sing N N 130 
HIS N   H2   sing N N 131 
HIS CA  C    sing N N 132 
HIS CA  CB   sing N N 133 
HIS CA  HA   sing N N 134 
HIS C   O    doub N N 135 
HIS C   OXT  sing N N 136 
HIS CB  CG   sing N N 137 
HIS CB  HB2  sing N N 138 
HIS CB  HB3  sing N N 139 
HIS CG  ND1  sing Y N 140 
HIS CG  CD2  doub Y N 141 
HIS ND1 CE1  doub Y N 142 
HIS ND1 HD1  sing N N 143 
HIS CD2 NE2  sing Y N 144 
HIS CD2 HD2  sing N N 145 
HIS CE1 NE2  sing Y N 146 
HIS CE1 HE1  sing N N 147 
HIS NE2 HE2  sing N N 148 
HIS OXT HXT  sing N N 149 
HOH O   H1   sing N N 150 
HOH O   H2   sing N N 151 
ILE N   CA   sing N N 152 
ILE N   H    sing N N 153 
ILE N   H2   sing N N 154 
ILE CA  C    sing N N 155 
ILE CA  CB   sing N N 156 
ILE CA  HA   sing N N 157 
ILE C   O    doub N N 158 
ILE C   OXT  sing N N 159 
ILE CB  CG1  sing N N 160 
ILE CB  CG2  sing N N 161 
ILE CB  HB   sing N N 162 
ILE CG1 CD1  sing N N 163 
ILE CG1 HG12 sing N N 164 
ILE CG1 HG13 sing N N 165 
ILE CG2 HG21 sing N N 166 
ILE CG2 HG22 sing N N 167 
ILE CG2 HG23 sing N N 168 
ILE CD1 HD11 sing N N 169 
ILE CD1 HD12 sing N N 170 
ILE CD1 HD13 sing N N 171 
ILE OXT HXT  sing N N 172 
LEU N   CA   sing N N 173 
LEU N   H    sing N N 174 
LEU N   H2   sing N N 175 
LEU CA  C    sing N N 176 
LEU CA  CB   sing N N 177 
LEU CA  HA   sing N N 178 
LEU C   O    doub N N 179 
LEU C   OXT  sing N N 180 
LEU CB  CG   sing N N 181 
LEU CB  HB2  sing N N 182 
LEU CB  HB3  sing N N 183 
LEU CG  CD1  sing N N 184 
LEU CG  CD2  sing N N 185 
LEU CG  HG   sing N N 186 
LEU CD1 HD11 sing N N 187 
LEU CD1 HD12 sing N N 188 
LEU CD1 HD13 sing N N 189 
LEU CD2 HD21 sing N N 190 
LEU CD2 HD22 sing N N 191 
LEU CD2 HD23 sing N N 192 
LEU OXT HXT  sing N N 193 
LYS N   CA   sing N N 194 
LYS N   H    sing N N 195 
LYS N   H2   sing N N 196 
LYS CA  C    sing N N 197 
LYS CA  CB   sing N N 198 
LYS CA  HA   sing N N 199 
LYS C   O    doub N N 200 
LYS C   OXT  sing N N 201 
LYS CB  CG   sing N N 202 
LYS CB  HB2  sing N N 203 
LYS CB  HB3  sing N N 204 
LYS CG  CD   sing N N 205 
LYS CG  HG2  sing N N 206 
LYS CG  HG3  sing N N 207 
LYS CD  CE   sing N N 208 
LYS CD  HD2  sing N N 209 
LYS CD  HD3  sing N N 210 
LYS CE  NZ   sing N N 211 
LYS CE  HE2  sing N N 212 
LYS CE  HE3  sing N N 213 
LYS NZ  HZ1  sing N N 214 
LYS NZ  HZ2  sing N N 215 
LYS NZ  HZ3  sing N N 216 
LYS OXT HXT  sing N N 217 
MET N   CA   sing N N 218 
MET N   H    sing N N 219 
MET N   H2   sing N N 220 
MET CA  C    sing N N 221 
MET CA  CB   sing N N 222 
MET CA  HA   sing N N 223 
MET C   O    doub N N 224 
MET C   OXT  sing N N 225 
MET CB  CG   sing N N 226 
MET CB  HB2  sing N N 227 
MET CB  HB3  sing N N 228 
MET CG  SD   sing N N 229 
MET CG  HG2  sing N N 230 
MET CG  HG3  sing N N 231 
MET SD  CE   sing N N 232 
MET CE  HE1  sing N N 233 
MET CE  HE2  sing N N 234 
MET CE  HE3  sing N N 235 
MET OXT HXT  sing N N 236 
MLT C1  O1   doub N N 237 
MLT C1  O2   sing N N 238 
MLT C1  C2   sing N N 239 
MLT C2  O3   sing N N 240 
MLT C2  C3   sing N N 241 
MLT C2  H2   sing N N 242 
MLT O3  HO3  sing N N 243 
MLT C3  C4   sing N N 244 
MLT C3  H31  sing N N 245 
MLT C3  H32  sing N N 246 
MLT C4  O4   doub N N 247 
MLT C4  O5   sing N N 248 
MLT O5  HO5  sing N N 249 
MLT O2  H6   sing N N 250 
PHE N   CA   sing N N 251 
PHE N   H    sing N N 252 
PHE N   H2   sing N N 253 
PHE CA  C    sing N N 254 
PHE CA  CB   sing N N 255 
PHE CA  HA   sing N N 256 
PHE C   O    doub N N 257 
PHE C   OXT  sing N N 258 
PHE CB  CG   sing N N 259 
PHE CB  HB2  sing N N 260 
PHE CB  HB3  sing N N 261 
PHE CG  CD1  doub Y N 262 
PHE CG  CD2  sing Y N 263 
PHE CD1 CE1  sing Y N 264 
PHE CD1 HD1  sing N N 265 
PHE CD2 CE2  doub Y N 266 
PHE CD2 HD2  sing N N 267 
PHE CE1 CZ   doub Y N 268 
PHE CE1 HE1  sing N N 269 
PHE CE2 CZ   sing Y N 270 
PHE CE2 HE2  sing N N 271 
PHE CZ  HZ   sing N N 272 
PHE OXT HXT  sing N N 273 
PRO N   CA   sing N N 274 
PRO N   CD   sing N N 275 
PRO N   H    sing N N 276 
PRO CA  C    sing N N 277 
PRO CA  CB   sing N N 278 
PRO CA  HA   sing N N 279 
PRO C   O    doub N N 280 
PRO C   OXT  sing N N 281 
PRO CB  CG   sing N N 282 
PRO CB  HB2  sing N N 283 
PRO CB  HB3  sing N N 284 
PRO CG  CD   sing N N 285 
PRO CG  HG2  sing N N 286 
PRO CG  HG3  sing N N 287 
PRO CD  HD2  sing N N 288 
PRO CD  HD3  sing N N 289 
PRO OXT HXT  sing N N 290 
SER N   CA   sing N N 291 
SER N   H    sing N N 292 
SER N   H2   sing N N 293 
SER CA  C    sing N N 294 
SER CA  CB   sing N N 295 
SER CA  HA   sing N N 296 
SER C   O    doub N N 297 
SER C   OXT  sing N N 298 
SER CB  OG   sing N N 299 
SER CB  HB2  sing N N 300 
SER CB  HB3  sing N N 301 
SER OG  HG   sing N N 302 
SER OXT HXT  sing N N 303 
THR N   CA   sing N N 304 
THR N   H    sing N N 305 
THR N   H2   sing N N 306 
THR CA  C    sing N N 307 
THR CA  CB   sing N N 308 
THR CA  HA   sing N N 309 
THR C   O    doub N N 310 
THR C   OXT  sing N N 311 
THR CB  OG1  sing N N 312 
THR CB  CG2  sing N N 313 
THR CB  HB   sing N N 314 
THR OG1 HG1  sing N N 315 
THR CG2 HG21 sing N N 316 
THR CG2 HG22 sing N N 317 
THR CG2 HG23 sing N N 318 
THR OXT HXT  sing N N 319 
TRP N   CA   sing N N 320 
TRP N   H    sing N N 321 
TRP N   H2   sing N N 322 
TRP CA  C    sing N N 323 
TRP CA  CB   sing N N 324 
TRP CA  HA   sing N N 325 
TRP C   O    doub N N 326 
TRP C   OXT  sing N N 327 
TRP CB  CG   sing N N 328 
TRP CB  HB2  sing N N 329 
TRP CB  HB3  sing N N 330 
TRP CG  CD1  doub Y N 331 
TRP CG  CD2  sing Y N 332 
TRP CD1 NE1  sing Y N 333 
TRP CD1 HD1  sing N N 334 
TRP CD2 CE2  doub Y N 335 
TRP CD2 CE3  sing Y N 336 
TRP NE1 CE2  sing Y N 337 
TRP NE1 HE1  sing N N 338 
TRP CE2 CZ2  sing Y N 339 
TRP CE3 CZ3  doub Y N 340 
TRP CE3 HE3  sing N N 341 
TRP CZ2 CH2  doub Y N 342 
TRP CZ2 HZ2  sing N N 343 
TRP CZ3 CH2  sing Y N 344 
TRP CZ3 HZ3  sing N N 345 
TRP CH2 HH2  sing N N 346 
TRP OXT HXT  sing N N 347 
TYR N   CA   sing N N 348 
TYR N   H    sing N N 349 
TYR N   H2   sing N N 350 
TYR CA  C    sing N N 351 
TYR CA  CB   sing N N 352 
TYR CA  HA   sing N N 353 
TYR C   O    doub N N 354 
TYR C   OXT  sing N N 355 
TYR CB  CG   sing N N 356 
TYR CB  HB2  sing N N 357 
TYR CB  HB3  sing N N 358 
TYR CG  CD1  doub Y N 359 
TYR CG  CD2  sing Y N 360 
TYR CD1 CE1  sing Y N 361 
TYR CD1 HD1  sing N N 362 
TYR CD2 CE2  doub Y N 363 
TYR CD2 HD2  sing N N 364 
TYR CE1 CZ   doub Y N 365 
TYR CE1 HE1  sing N N 366 
TYR CE2 CZ   sing Y N 367 
TYR CE2 HE2  sing N N 368 
TYR CZ  OH   sing N N 369 
TYR OH  HH   sing N N 370 
TYR OXT HXT  sing N N 371 
VAL N   CA   sing N N 372 
VAL N   H    sing N N 373 
VAL N   H2   sing N N 374 
VAL CA  C    sing N N 375 
VAL CA  CB   sing N N 376 
VAL CA  HA   sing N N 377 
VAL C   O    doub N N 378 
VAL C   OXT  sing N N 379 
VAL CB  CG1  sing N N 380 
VAL CB  CG2  sing N N 381 
VAL CB  HB   sing N N 382 
VAL CG1 HG11 sing N N 383 
VAL CG1 HG12 sing N N 384 
VAL CG1 HG13 sing N N 385 
VAL CG2 HG21 sing N N 386 
VAL CG2 HG22 sing N N 387 
VAL CG2 HG23 sing N N 388 
VAL OXT HXT  sing N N 389 
# 
_pdbx_audit_support.funding_organization   'National Natural Science Foundation of China (NSFC)' 
_pdbx_audit_support.country                China 
_pdbx_audit_support.grant_number           ? 
_pdbx_audit_support.ordinal                1 
# 
_pdbx_initial_refinement_model.id               1 
_pdbx_initial_refinement_model.entity_id_list   ? 
_pdbx_initial_refinement_model.type             'in silico model' 
_pdbx_initial_refinement_model.source_name      AlphaFold 
_pdbx_initial_refinement_model.accession_code   ? 
_pdbx_initial_refinement_model.details          ? 
# 
_atom_sites.entry_id                    9LQD 
_atom_sites.Cartn_transf_matrix[1][1]   ? 
_atom_sites.Cartn_transf_matrix[1][2]   ? 
_atom_sites.Cartn_transf_matrix[1][3]   ? 
_atom_sites.Cartn_transf_matrix[2][1]   ? 
_atom_sites.Cartn_transf_matrix[2][2]   ? 
_atom_sites.Cartn_transf_matrix[2][3]   ? 
_atom_sites.Cartn_transf_matrix[3][1]   ? 
_atom_sites.Cartn_transf_matrix[3][2]   ? 
_atom_sites.Cartn_transf_matrix[3][3]   ? 
_atom_sites.Cartn_transf_vector[1]      ? 
_atom_sites.Cartn_transf_vector[2]      ? 
_atom_sites.Cartn_transf_vector[3]      ? 
_atom_sites.Cartn_transform_axes        ? 
_atom_sites.fract_transf_matrix[1][1]   0.00193208 
_atom_sites.fract_transf_matrix[1][2]   -0.00211748 
_atom_sites.fract_transf_matrix[1][3]   0.00797021 
_atom_sites.fract_transf_matrix[2][1]   -0.00761498 
_atom_sites.fract_transf_matrix[2][2]   0.00268407 
_atom_sites.fract_transf_matrix[2][3]   0.00255906 
_atom_sites.fract_transf_matrix[3][1]   -0.00316545 
_atom_sites.fract_transf_matrix[3][2]   -0.00774939 
_atom_sites.fract_transf_matrix[3][3]   -0.00129147 
_atom_sites.fract_transf_vector[1]      -0.230161 
_atom_sites.fract_transf_vector[2]      -0.128008 
_atom_sites.fract_transf_vector[3]      0.182170 
_atom_sites.solution_primary            ? 
_atom_sites.solution_secondary          ? 
_atom_sites.solution_hydrogens          ? 
_atom_sites.special_details             ? 
# 
loop_
_atom_type.symbol 
C 
N 
O 
S 
# 
loop_
_atom_site.group_PDB 
_atom_site.id 
_atom_site.type_symbol 
_atom_site.label_atom_id 
_atom_site.label_alt_id 
_atom_site.label_comp_id 
_atom_site.label_asym_id 
_atom_site.label_entity_id 
_atom_site.label_seq_id 
_atom_site.pdbx_PDB_ins_code 
_atom_site.Cartn_x 
_atom_site.Cartn_y 
_atom_site.Cartn_z 
_atom_site.occupancy 
_atom_site.B_iso_or_equiv 
_atom_site.pdbx_formal_charge 
_atom_site.auth_seq_id 
_atom_site.auth_comp_id 
_atom_site.auth_asym_id 
_atom_site.auth_atom_id 
_atom_site.pdbx_PDB_model_num 
ATOM   1    N N   . SER A 1 1   ? 25.249  -1.760  0.019   1.00 79.39  ? 0   SER A N   1 
ATOM   2    C CA  . SER A 1 1   ? 24.710  -1.854  -1.345  1.00 80.87  ? 0   SER A CA  1 
ATOM   3    C C   . SER A 1 1   ? 23.820  -3.115  -1.536  1.00 80.85  ? 0   SER A C   1 
ATOM   4    O O   . SER A 1 1   ? 22.606  -3.025  -1.353  1.00 80.10  ? 0   SER A O   1 
ATOM   5    C CB  . SER A 1 1   ? 25.856  -1.819  -2.369  1.00 82.23  ? 0   SER A CB  1 
ATOM   6    O OG  . SER A 1 1   ? 25.375  -1.835  -3.704  1.00 80.02  ? 0   SER A OG  1 
ATOM   7    N N   . MET A 1 2   ? 24.407  -4.273  -1.877  1.00 82.84  ? 1   MET A N   1 
ATOM   8    C CA  . MET A 1 2   ? 23.631  -5.485  -2.173  1.00 79.17  ? 1   MET A CA  1 
ATOM   9    C C   . MET A 1 2   ? 22.982  -6.071  -0.912  1.00 82.75  ? 1   MET A C   1 
ATOM   10   O O   . MET A 1 2   ? 23.527  -5.970  0.201   1.00 84.59  ? 1   MET A O   1 
ATOM   11   C CB  . MET A 1 2   ? 24.533  -6.546  -2.837  1.00 80.16  ? 1   MET A CB  1 
ATOM   12   C CG  . MET A 1 2   ? 23.847  -7.836  -3.408  1.00 79.30  ? 1   MET A CG  1 
ATOM   13   S SD  . MET A 1 2   ? 23.407  -9.182  -2.238  1.00 101.98 ? 1   MET A SD  1 
ATOM   14   C CE  . MET A 1 2   ? 24.345  -10.595 -2.830  1.00 85.22  ? 1   MET A CE  1 
ATOM   15   N N   . GLY A 1 3   ? 21.810  -6.713  -1.109  1.00 78.49  ? 2   GLY A N   1 
ATOM   16   C CA  . GLY A 1 3   ? 21.117  -7.431  -0.045  1.00 78.22  ? 2   GLY A CA  1 
ATOM   17   C C   . GLY A 1 3   ? 19.825  -8.112  -0.484  1.00 74.61  ? 2   GLY A C   1 
ATOM   18   O O   . GLY A 1 3   ? 18.973  -7.476  -1.109  1.00 68.36  ? 2   GLY A O   1 
ATOM   19   N N   . LYS A 1 4   ? 19.652  -9.398  -0.165  1.00 73.85  ? 3   LYS A N   1 
ATOM   20   C CA  . LYS A 1 4   ? 18.424  -10.120 -0.505  1.00 71.15  ? 3   LYS A CA  1 
ATOM   21   C C   . LYS A 1 4   ? 17.345  -9.861  0.543   1.00 66.30  ? 3   LYS A C   1 
ATOM   22   O O   . LYS A 1 4   ? 17.575  -10.065 1.740   1.00 66.18  ? 3   LYS A O   1 
ATOM   23   C CB  . LYS A 1 4   ? 18.699  -11.616 -0.607  1.00 68.86  ? 3   LYS A CB  1 
ATOM   24   C CG  . LYS A 1 4   ? 17.475  -12.442 -0.944  1.00 73.44  ? 3   LYS A CG  1 
ATOM   25   C CD  . LYS A 1 4   ? 17.223  -12.449 -2.438  1.00 73.72  ? 3   LYS A CD  1 
ATOM   26   C CE  . LYS A 1 4   ? 16.584  -13.761 -2.868  1.00 80.18  ? 3   LYS A CE  1 
ATOM   27   N NZ  . LYS A 1 4   ? 15.854  -13.629 -4.161  1.00 75.95  ? 3   LYS A NZ  1 
ATOM   28   N N   . THR A 1 5   ? 16.170  -9.435  0.099   1.00 63.15  ? 4   THR A N   1 
ATOM   29   C CA  . THR A 1 5   ? 15.181  -8.900  1.037   1.00 57.61  ? 4   THR A CA  1 
ATOM   30   C C   . THR A 1 5   ? 13.784  -9.116  0.465   1.00 57.14  ? 4   THR A C   1 
ATOM   31   O O   . THR A 1 5   ? 13.589  -9.944  -0.435  1.00 58.49  ? 4   THR A O   1 
ATOM   32   C CB  . THR A 1 5   ? 15.488  -7.422  1.342   1.00 58.48  ? 4   THR A CB  1 
ATOM   33   O OG1 . THR A 1 5   ? 14.559  -6.929  2.310   1.00 59.28  ? 4   THR A OG1 1 
ATOM   34   C CG2 . THR A 1 5   ? 15.387  -6.572  0.081   1.00 56.18  ? 4   THR A CG2 1 
ATOM   35   N N   . LEU A 1 6   ? 12.807  -8.374  0.997   1.00 56.21  ? 5   LEU A N   1 
ATOM   36   C CA  . LEU A 1 6   ? 11.413  -8.457  0.582   1.00 57.01  ? 5   LEU A CA  1 
ATOM   37   C C   . LEU A 1 6   ? 10.900  -7.109  0.094   1.00 57.56  ? 5   LEU A C   1 
ATOM   38   O O   . LEU A 1 6   ? 11.245  -6.055  0.632   1.00 56.70  ? 5   LEU A O   1 
ATOM   39   C CB  . LEU A 1 6   ? 10.508  -8.894  1.717   1.00 56.42  ? 5   LEU A CB  1 
ATOM   40   C CG  . LEU A 1 6   ? 10.633  -10.312 2.238   1.00 60.15  ? 5   LEU A CG  1 
ATOM   41   C CD1 . LEU A 1 6   ? 9.550   -10.537 3.286   1.00 55.25  ? 5   LEU A CD1 1 
ATOM   42   C CD2 . LEU A 1 6   ? 10.525  -11.279 1.068   1.00 56.68  ? 5   LEU A CD2 1 
ATOM   43   N N   . ARG A 1 7   ? 10.042  -7.157  -0.914  1.00 55.83  ? 6   ARG A N   1 
ATOM   44   C CA  . ARG A 1 7   ? 9.249   -6.004  -1.287  1.00 56.76  ? 6   ARG A CA  1 
ATOM   45   C C   . ARG A 1 7   ? 7.788   -6.357  -1.082  1.00 54.73  ? 6   ARG A C   1 
ATOM   46   O O   . ARG A 1 7   ? 7.413   -7.529  -1.132  1.00 53.88  ? 6   ARG A O   1 
ATOM   47   C CB  . ARG A 1 7   ? 9.487   -5.604  -2.725  1.00 55.37  ? 6   ARG A CB  1 
ATOM   48   C CG  . ARG A 1 7   ? 9.087   -6.677  -3.694  1.00 56.29  ? 6   ARG A CG  1 
ATOM   49   C CD  . ARG A 1 7   ? 8.558   -6.041  -4.944  1.00 59.73  ? 6   ARG A CD  1 
ATOM   50   N NE  . ARG A 1 7   ? 9.425   -4.941  -5.321  1.00 62.84  ? 6   ARG A NE  1 
ATOM   51   C CZ  . ARG A 1 7   ? 9.077   -3.952  -6.129  1.00 65.22  ? 6   ARG A CZ  1 
ATOM   52   N NH1 . ARG A 1 7   ? 7.865   -3.891  -6.667  1.00 67.55  ? 6   ARG A NH1 1 
ATOM   53   N NH2 . ARG A 1 7   ? 9.967   -3.004  -6.404  1.00 61.75  ? 6   ARG A NH2 1 
ATOM   54   N N   . PHE A 1 8   ? 6.961   -5.346  -0.831  1.00 51.81  ? 7   PHE A N   1 
ATOM   55   C CA  . PHE A 1 8   ? 5.530   -5.567  -0.744  1.00 49.67  ? 7   PHE A CA  1 
ATOM   56   C C   . PHE A 1 8   ? 4.820   -4.813  -1.852  1.00 50.95  ? 7   PHE A C   1 
ATOM   57   O O   . PHE A 1 8   ? 5.317   -3.811  -2.371  1.00 51.01  ? 7   PHE A O   1 
ATOM   58   C CB  . PHE A 1 8   ? 4.951   -5.147  0.613   1.00 50.60  ? 7   PHE A CB  1 
ATOM   59   C CG  . PHE A 1 8   ? 4.876   -3.660  0.812   1.00 52.20  ? 7   PHE A CG  1 
ATOM   60   C CD1 . PHE A 1 8   ? 3.763   -2.931  0.384   1.00 49.79  ? 7   PHE A CD1 1 
ATOM   61   C CD2 . PHE A 1 8   ? 5.907   -2.990  1.458   1.00 52.64  ? 7   PHE A CD2 1 
ATOM   62   C CE1 . PHE A 1 8   ? 3.693   -1.557  0.584   1.00 50.21  ? 7   PHE A CE1 1 
ATOM   63   C CE2 . PHE A 1 8   ? 5.847   -1.623  1.665   1.00 51.25  ? 7   PHE A CE2 1 
ATOM   64   C CZ  . PHE A 1 8   ? 4.742   -0.900  1.224   1.00 52.38  ? 7   PHE A CZ  1 
ATOM   65   N N   . GLU A 1 9   ? 3.634   -5.296  -2.195  1.00 53.64  ? 8   GLU A N   1 
ATOM   66   C CA  . GLU A 1 9   ? 2.750   -4.562  -3.081  1.00 52.75  ? 8   GLU A CA  1 
ATOM   67   C C   . GLU A 1 9   ? 1.321   -4.718  -2.591  1.00 50.68  ? 8   GLU A C   1 
ATOM   68   O O   . GLU A 1 9   ? 0.852   -5.842  -2.398  1.00 52.41  ? 8   GLU A O   1 
ATOM   69   C CB  . GLU A 1 9   ? 2.869   -5.046  -4.526  1.00 49.05  ? 8   GLU A CB  1 
ATOM   70   C CG  . GLU A 1 9   ? 1.847   -4.348  -5.424  1.00 59.59  ? 8   GLU A CG  1 
ATOM   71   C CD  . GLU A 1 9   ? 2.192   -4.412  -6.904  1.00 64.46  ? 8   GLU A CD  1 
ATOM   72   O OE1 . GLU A 1 9   ? 3.394   -4.273  -7.245  1.00 68.65  ? 8   GLU A OE1 1 
ATOM   73   O OE2 . GLU A 1 9   ? 1.259   -4.603  -7.721  1.00 64.83  ? 8   GLU A OE2 1 
ATOM   74   N N   . ILE A 1 10  ? 0.635   -3.589  -2.413  1.00 51.29  ? 9   ILE A N   1 
ATOM   75   C CA  . ILE A 1 10  ? -0.743  -3.542  -1.935  1.00 49.52  ? 9   ILE A CA  1 
ATOM   76   C C   . ILE A 1 10  ? -1.609  -2.922  -3.022  1.00 51.54  ? 9   ILE A C   1 
ATOM   77   O O   . ILE A 1 10  ? -1.242  -1.886  -3.590  1.00 53.40  ? 9   ILE A O   1 
ATOM   78   C CB  . ILE A 1 10  ? -0.851  -2.728  -0.634  1.00 50.63  ? 9   ILE A CB  1 
ATOM   79   C CG1 . ILE A 1 10  ? -0.163  -3.464  0.520   1.00 48.03  ? 9   ILE A CG1 1 
ATOM   80   C CG2 . ILE A 1 10  ? -2.316  -2.412  -0.316  1.00 47.91  ? 9   ILE A CG2 1 
ATOM   81   C CD1 . ILE A 1 10  ? 0.037   -2.585  1.727   1.00 48.35  ? 9   ILE A CD1 1 
ATOM   82   N N   . VAL A 1 11  ? -2.748  -3.549  -3.320  1.00 49.55  ? 10  VAL A N   1 
ATOM   83   C CA  . VAL A 1 11  ? -3.733  -3.004  -4.248  1.00 49.94  ? 10  VAL A CA  1 
ATOM   84   C C   . VAL A 1 11  ? -4.999  -2.692  -3.466  1.00 50.50  ? 10  VAL A C   1 
ATOM   85   O O   . VAL A 1 11  ? -5.503  -3.542  -2.728  1.00 48.47  ? 10  VAL A O   1 
ATOM   86   C CB  . VAL A 1 11  ? -4.040  -3.977  -5.398  1.00 52.06  ? 10  VAL A CB  1 
ATOM   87   C CG1 . VAL A 1 11  ? -5.021  -3.330  -6.371  1.00 44.82  ? 10  VAL A CG1 1 
ATOM   88   C CG2 . VAL A 1 11  ? -2.746  -4.377  -6.085  1.00 50.46  ? 10  VAL A CG2 1 
ATOM   89   N N   . SER A 1 12  ? -5.510  -1.478  -3.619  1.00 52.57  ? 11  SER A N   1 
ATOM   90   C CA  . SER A 1 12  ? -6.699  -1.094  -2.884  1.00 52.26  ? 11  SER A CA  1 
ATOM   91   C C   . SER A 1 12  ? -7.604  -0.239  -3.757  1.00 50.86  ? 11  SER A C   1 
ATOM   92   O O   . SER A 1 12  ? -7.133  0.498   -4.627  1.00 48.75  ? 11  SER A O   1 
ATOM   93   C CB  . SER A 1 12  ? -6.331  -0.337  -1.613  1.00 51.85  ? 11  SER A CB  1 
ATOM   94   O OG  . SER A 1 12  ? -7.469  0.318   -1.090  1.00 54.24  ? 11  SER A OG  1 
ATOM   95   N N   . GLY A 1 13  ? -8.912  -0.371  -3.539  1.00 50.50  ? 12  GLY A N   1 
ATOM   96   C CA  . GLY A 1 13  ? -9.869  0.562   -4.101  1.00 48.18  ? 12  GLY A CA  1 
ATOM   97   C C   . GLY A 1 13  ? -9.786  1.907   -3.394  1.00 52.31  ? 12  GLY A C   1 
ATOM   98   O O   . GLY A 1 13  ? -9.097  2.074   -2.387  1.00 50.68  ? 12  GLY A O   1 
ATOM   99   N N   . VAL A 1 14  ? -10.498 2.892   -3.940  1.00 49.73  ? 13  VAL A N   1 
ATOM   100  C CA  . VAL A 1 14  ? -10.491 4.247   -3.401  1.00 51.82  ? 13  VAL A CA  1 
ATOM   101  C C   . VAL A 1 14  ? -11.843 4.666   -2.846  1.00 51.85  ? 13  VAL A C   1 
ATOM   102  O O   . VAL A 1 14  ? -11.973 5.801   -2.354  1.00 52.00  ? 13  VAL A O   1 
ATOM   103  C CB  . VAL A 1 14  ? -10.013 5.256   -4.458  1.00 53.34  ? 13  VAL A CB  1 
ATOM   104  C CG1 . VAL A 1 14  ? -8.718  4.776   -5.098  1.00 51.98  ? 13  VAL A CG1 1 
ATOM   105  C CG2 . VAL A 1 14  ? -11.074 5.456   -5.507  1.00 52.97  ? 13  VAL A CG2 1 
ATOM   106  N N   . ASN A 1 15  ? -12.850 3.785   -2.893  1.00 53.85  ? 14  ASN A N   1 
ATOM   107  C CA  . ASN A 1 15  ? -14.190 4.033   -2.365  1.00 50.55  ? 14  ASN A CA  1 
ATOM   108  C C   . ASN A 1 15  ? -14.738 5.434   -2.599  1.00 54.36  ? 14  ASN A C   1 
ATOM   109  O O   . ASN A 1 15  ? -15.008 6.173   -1.643  1.00 53.61  ? 14  ASN A O   1 
ATOM   110  C CB  . ASN A 1 15  ? -14.237 3.708   -0.869  1.00 53.84  ? 14  ASN A CB  1 
ATOM   111  C CG  . ASN A 1 15  ? -15.621 3.248   -0.421  1.00 60.16  ? 14  ASN A CG  1 
ATOM   112  O OD1 . ASN A 1 15  ? -16.640 3.622   -1.016  1.00 57.63  ? 14  ASN A OD1 1 
ATOM   113  N ND2 . ASN A 1 15  ? -15.662 2.429   0.622   1.00 57.78  ? 14  ASN A ND2 1 
ATOM   114  N N   . LYS A 1 16  ? -14.899 5.815   -3.866  1.00 53.12  ? 15  LYS A N   1 
ATOM   115  C CA  . LYS A 1 16  ? -15.382 7.155   -4.159  1.00 56.87  ? 15  LYS A CA  1 
ATOM   116  C C   . LYS A 1 16  ? -16.739 7.394   -3.526  1.00 55.92  ? 15  LYS A C   1 
ATOM   117  O O   . LYS A 1 16  ? -17.098 8.545   -3.245  1.00 57.06  ? 15  LYS A O   1 
ATOM   118  C CB  . LYS A 1 16  ? -15.490 7.382   -5.670  1.00 61.76  ? 15  LYS A CB  1 
ATOM   119  C CG  . LYS A 1 16  ? -14.353 6.838   -6.477  1.00 63.44  ? 15  LYS A CG  1 
ATOM   120  C CD  . LYS A 1 16  ? -14.650 6.965   -7.956  1.00 64.74  ? 15  LYS A CD  1 
ATOM   121  C CE  . LYS A 1 16  ? -14.883 8.407   -8.332  1.00 67.95  ? 15  LYS A CE  1 
ATOM   122  N NZ  . LYS A 1 16  ? -14.945 8.543   -9.813  1.00 74.84  ? 15  LYS A NZ  1 
ATOM   123  N N   . GLY A 1 17  ? -17.513 6.328   -3.318  1.00 55.26  ? 16  GLY A N   1 
ATOM   124  C CA  . GLY A 1 17  ? -18.825 6.488   -2.709  1.00 59.32  ? 16  GLY A CA  1 
ATOM   125  C C   . GLY A 1 17  ? -18.744 6.999   -1.287  1.00 58.71  ? 16  GLY A C   1 
ATOM   126  O O   . GLY A 1 17  ? -19.523 7.868   -0.878  1.00 62.37  ? 16  GLY A O   1 
ATOM   127  N N   . TYR A 1 18  ? -17.788 6.486   -0.516  1.00 54.54  ? 17  TYR A N   1 
ATOM   128  C CA  . TYR A 1 18  ? -17.668 6.911   0.870   1.00 54.12  ? 17  TYR A CA  1 
ATOM   129  C C   . TYR A 1 18  ? -17.025 8.285   0.981   1.00 58.18  ? 17  TYR A C   1 
ATOM   130  O O   . TYR A 1 18  ? -17.483 9.117   1.772   1.00 59.83  ? 17  TYR A O   1 
ATOM   131  C CB  . TYR A 1 18  ? -16.877 5.873   1.657   1.00 55.25  ? 17  TYR A CB  1 
ATOM   132  C CG  . TYR A 1 18  ? -16.883 6.116   3.143   1.00 60.61  ? 17  TYR A CG  1 
ATOM   133  C CD1 . TYR A 1 18  ? -15.932 6.919   3.734   1.00 57.54  ? 17  TYR A CD1 1 
ATOM   134  C CD2 . TYR A 1 18  ? -17.842 5.532   3.959   1.00 65.19  ? 17  TYR A CD2 1 
ATOM   135  C CE1 . TYR A 1 18  ? -15.929 7.149   5.094   1.00 64.18  ? 17  TYR A CE1 1 
ATOM   136  C CE2 . TYR A 1 18  ? -17.850 5.755   5.331   1.00 69.06  ? 17  TYR A CE2 1 
ATOM   137  C CZ  . TYR A 1 18  ? -16.888 6.570   5.891   1.00 70.72  ? 17  TYR A CZ  1 
ATOM   138  O OH  . TYR A 1 18  ? -16.868 6.809   7.250   1.00 71.24  ? 17  TYR A OH  1 
ATOM   139  N N   . PHE A 1 19  ? -15.982 8.555   0.188   1.00 54.97  ? 18  PHE A N   1 
ATOM   140  C CA  . PHE A 1 19  ? -15.180 9.760   0.372   1.00 57.05  ? 18  PHE A CA  1 
ATOM   141  C C   . PHE A 1 19  ? -15.552 10.903  -0.555  1.00 57.72  ? 18  PHE A C   1 
ATOM   142  O O   . PHE A 1 19  ? -15.084 12.020  -0.333  1.00 58.34  ? 18  PHE A O   1 
ATOM   143  C CB  . PHE A 1 19  ? -13.691 9.450   0.198   1.00 53.73  ? 18  PHE A CB  1 
ATOM   144  C CG  . PHE A 1 19  ? -13.169 8.468   1.193   1.00 53.69  ? 18  PHE A CG  1 
ATOM   145  C CD1 . PHE A 1 19  ? -13.002 8.829   2.516   1.00 55.17  ? 18  PHE A CD1 1 
ATOM   146  C CD2 . PHE A 1 19  ? -12.846 7.185   0.809   1.00 50.44  ? 18  PHE A CD2 1 
ATOM   147  C CE1 . PHE A 1 19  ? -12.530 7.923   3.435   1.00 51.82  ? 18  PHE A CE1 1 
ATOM   148  C CE2 . PHE A 1 19  ? -12.376 6.273   1.724   1.00 53.48  ? 18  PHE A CE2 1 
ATOM   149  C CZ  . PHE A 1 19  ? -12.216 6.638   3.038   1.00 55.44  ? 18  PHE A CZ  1 
ATOM   150  N N   . HIS A 1 20  ? -16.359 10.659  -1.586  1.00 60.50  ? 19  HIS A N   1 
ATOM   151  C CA  . HIS A 1 20  ? -16.850 11.726  -2.465  1.00 61.91  ? 19  HIS A CA  1 
ATOM   152  C C   . HIS A 1 20  ? -15.707 12.403  -3.222  1.00 62.75  ? 19  HIS A C   1 
ATOM   153  O O   . HIS A 1 20  ? -15.633 13.631  -3.291  1.00 64.18  ? 19  HIS A O   1 
ATOM   154  C CB  . HIS A 1 20  ? -17.663 12.773  -1.688  1.00 63.61  ? 19  HIS A CB  1 
ATOM   155  C CG  . HIS A 1 20  ? -18.918 12.239  -1.070  1.00 65.27  ? 19  HIS A CG  1 
ATOM   156  N ND1 . HIS A 1 20  ? -19.315 10.924  -1.203  1.00 69.15  ? 19  HIS A ND1 1 
ATOM   157  C CD2 . HIS A 1 20  ? -19.868 12.845  -0.319  1.00 67.33  ? 19  HIS A CD2 1 
ATOM   158  C CE1 . HIS A 1 20  ? -20.453 10.742  -0.554  1.00 68.64  ? 19  HIS A CE1 1 
ATOM   159  N NE2 . HIS A 1 20  ? -20.808 11.891  -0.009  1.00 68.15  ? 19  HIS A NE2 1 
ATOM   160  N N   . THR A 1 21  ? -14.810 11.609  -3.791  1.00 65.09  ? 20  THR A N   1 
ATOM   161  C CA  . THR A 1 21  ? -13.725 12.132  -4.602  1.00 67.13  ? 20  THR A CA  1 
ATOM   162  C C   . THR A 1 21  ? -14.067 11.911  -6.065  1.00 69.01  ? 20  THR A C   1 
ATOM   163  O O   . THR A 1 21  ? -14.681 10.903  -6.424  1.00 71.01  ? 20  THR A O   1 
ATOM   164  C CB  . THR A 1 21  ? -12.391 11.459  -4.257  1.00 63.91  ? 20  THR A CB  1 
ATOM   165  O OG1 . THR A 1 21  ? -12.446 10.067  -4.574  1.00 64.21  ? 20  THR A OG1 1 
ATOM   166  C CG2 . THR A 1 21  ? -12.107 11.595  -2.788  1.00 62.54  ? 20  THR A CG2 1 
ATOM   167  N N   . ASN A 1 22  ? -13.671 12.852  -6.911  1.00 74.21  ? 21  ASN A N   1 
ATOM   168  C CA  . ASN A 1 22  ? -14.063 12.806  -8.312  1.00 78.39  ? 21  ASN A CA  1 
ATOM   169  C C   . ASN A 1 22  ? -12.903 12.720  -9.286  1.00 74.32  ? 21  ASN A C   1 
ATOM   170  O O   . ASN A 1 22  ? -13.144 12.503  -10.480 1.00 78.45  ? 21  ASN A O   1 
ATOM   171  C CB  . ASN A 1 22  ? -14.901 14.043  -8.663  1.00 81.45  ? 21  ASN A CB  1 
ATOM   172  C CG  . ASN A 1 22  ? -14.271 15.316  -8.146  1.00 84.50  ? 21  ASN A CG  1 
ATOM   173  O OD1 . ASN A 1 22  ? -13.266 15.782  -8.689  1.00 88.81  ? 21  ASN A OD1 1 
ATOM   174  N ND2 . ASN A 1 22  ? -14.845 15.881  -7.076  1.00 85.89  ? 21  ASN A ND2 1 
ATOM   175  N N   . SER A 1 23  ? -11.664 12.901  -8.839  1.00 66.84  ? 22  SER A N   1 
ATOM   176  C CA  . SER A 1 23  ? -10.534 12.788  -9.740  1.00 66.79  ? 22  SER A CA  1 
ATOM   177  C C   . SER A 1 23  ? -9.543  11.788  -9.181  1.00 66.64  ? 22  SER A C   1 
ATOM   178  O O   . SER A 1 23  ? -9.526  11.499  -7.982  1.00 65.16  ? 22  SER A O   1 
ATOM   179  C CB  . SER A 1 23  ? -9.832  14.121  -9.952  1.00 66.74  ? 22  SER A CB  1 
ATOM   180  O OG  . SER A 1 23  ? -9.131  14.476  -8.773  1.00 67.13  ? 22  SER A OG  1 
ATOM   181  N N   . GLN A 1 24  ? -8.699  11.278  -10.072 1.00 62.63  ? 23  GLN A N   1 
ATOM   182  C CA  . GLN A 1 24  ? -7.641  10.387  -9.628  1.00 64.69  ? 23  GLN A CA  1 
ATOM   183  C C   . GLN A 1 24  ? -6.683  11.095  -8.689  1.00 62.49  ? 23  GLN A C   1 
ATOM   184  O O   . GLN A 1 24  ? -6.258  10.528  -7.677  1.00 63.28  ? 23  GLN A O   1 
ATOM   185  C CB  . GLN A 1 24  ? -6.889  9.838   -10.826 1.00 67.71  ? 23  GLN A CB  1 
ATOM   186  C CG  . GLN A 1 24  ? -7.614  8.695   -11.483 1.00 73.72  ? 23  GLN A CG  1 
ATOM   187  C CD  . GLN A 1 24  ? -6.667  7.800   -12.237 1.00 77.44  ? 23  GLN A CD  1 
ATOM   188  O OE1 . GLN A 1 24  ? -5.609  8.255   -12.708 1.00 75.70  ? 23  GLN A OE1 1 
ATOM   189  N NE2 . GLN A 1 24  ? -7.019  6.509   -12.339 1.00 68.79  ? 23  GLN A NE2 1 
ATOM   190  N N   . SER A 1 25  ? -6.322  12.330  -9.018  1.00 63.61  ? 24  SER A N   1 
ATOM   191  C CA  . SER A 1 25  ? -5.468  13.118  -8.138  1.00 63.10  ? 24  SER A CA  1 
ATOM   192  C C   . SER A 1 25  ? -6.025  13.198  -6.720  1.00 58.29  ? 24  SER A C   1 
ATOM   193  O O   . SER A 1 25  ? -5.271  13.075  -5.752  1.00 62.14  ? 24  SER A O   1 
ATOM   194  C CB  . SER A 1 25  ? -5.290  14.512  -8.732  1.00 63.56  ? 24  SER A CB  1 
ATOM   195  O OG  . SER A 1 25  ? -5.171  15.477  -7.708  1.00 71.63  ? 24  SER A OG  1 
ATOM   196  N N   . GLU A 1 26  ? -7.335  13.392  -6.576  1.00 59.99  ? 25  GLU A N   1 
ATOM   197  C CA  . GLU A 1 26  ? -7.957  13.401  -5.253  1.00 59.35  ? 25  GLU A CA  1 
ATOM   198  C C   . GLU A 1 26  ? -7.812  12.051  -4.558  1.00 54.79  ? 25  GLU A C   1 
ATOM   199  O O   . GLU A 1 26  ? -7.593  11.986  -3.342  1.00 57.48  ? 25  GLU A O   1 
ATOM   200  C CB  . GLU A 1 26  ? -9.437  13.754  -5.394  1.00 65.17  ? 25  GLU A CB  1 
ATOM   201  C CG  . GLU A 1 26  ? -9.916  14.981  -4.637  1.00 72.08  ? 25  GLU A CG  1 
ATOM   202  C CD  . GLU A 1 26  ? -11.380 15.312  -4.955  1.00 75.75  ? 25  GLU A CD  1 
ATOM   203  O OE1 . GLU A 1 26  ? -11.708 15.430  -6.158  1.00 78.42  ? 25  GLU A OE1 1 
ATOM   204  O OE2 . GLU A 1 26  ? -12.201 15.427  -4.012  1.00 76.91  ? 25  GLU A OE2 1 
ATOM   205  N N   . SER A 1 27  ? -7.969  10.963  -5.307  1.00 55.19  ? 26  SER A N   1 
ATOM   206  C CA  . SER A 1 27  ? -7.869  9.638   -4.711  1.00 56.56  ? 26  SER A CA  1 
ATOM   207  C C   . SER A 1 27  ? -6.444  9.337   -4.279  1.00 54.41  ? 26  SER A C   1 
ATOM   208  O O   . SER A 1 27  ? -6.227  8.727   -3.230  1.00 55.17  ? 26  SER A O   1 
ATOM   209  C CB  . SER A 1 27  ? -8.358  8.583   -5.697  1.00 53.01  ? 26  SER A CB  1 
ATOM   210  O OG  . SER A 1 27  ? -9.755  8.694   -5.852  1.00 62.05  ? 26  SER A OG  1 
ATOM   211  N N   . LEU A 1 28  ? -5.464  9.766   -5.068  1.00 51.60  ? 27  LEU A N   1 
ATOM   212  C CA  . LEU A 1 28  ? -4.072  9.578   -4.677  1.00 55.89  ? 27  LEU A CA  1 
ATOM   213  C C   . LEU A 1 28  ? -3.738  10.354  -3.411  1.00 53.66  ? 27  LEU A C   1 
ATOM   214  O O   . LEU A 1 28  ? -3.043  9.840   -2.526  1.00 55.51  ? 27  LEU A O   1 
ATOM   215  C CB  . LEU A 1 28  ? -3.144  10.012  -5.806  1.00 53.10  ? 27  LEU A CB  1 
ATOM   216  C CG  . LEU A 1 28  ? -2.577  8.967   -6.750  1.00 58.15  ? 27  LEU A CG  1 
ATOM   217  C CD1 . LEU A 1 28  ? -1.266  9.523   -7.294  1.00 64.77  ? 27  LEU A CD1 1 
ATOM   218  C CD2 . LEU A 1 28  ? -2.317  7.632   -6.069  1.00 54.78  ? 27  LEU A CD2 1 
ATOM   219  N N   . ASP A 1 29  ? -4.195  11.601  -3.312  1.00 56.10  ? 28  ASP A N   1 
ATOM   220  C CA  . ASP A 1 29  ? -3.975  12.356  -2.083  1.00 54.34  ? 28  ASP A CA  1 
ATOM   221  C C   . ASP A 1 29  ? -4.643  11.680  -0.901  1.00 55.63  ? 28  ASP A C   1 
ATOM   222  O O   . ASP A 1 29  ? -4.066  11.600  0.195   1.00 53.05  ? 28  ASP A O   1 
ATOM   223  C CB  . ASP A 1 29  ? -4.499  13.774  -2.243  1.00 56.18  ? 28  ASP A CB  1 
ATOM   224  C CG  . ASP A 1 29  ? -3.633  14.599  -3.169  1.00 65.98  ? 28  ASP A CG  1 
ATOM   225  O OD1 . ASP A 1 29  ? -2.529  14.122  -3.545  1.00 67.14  ? 28  ASP A OD1 1 
ATOM   226  O OD2 . ASP A 1 29  ? -4.061  15.722  -3.517  1.00 68.70  ? 28  ASP A OD2 1 
ATOM   227  N N   . LEU A 1 30  ? -5.865  11.185  -1.106  1.00 54.16  ? 29  LEU A N   1 
ATOM   228  C CA  . LEU A 1 30  ? -6.585  10.526  -0.031  1.00 54.80  ? 29  LEU A CA  1 
ATOM   229  C C   . LEU A 1 30  ? -5.785  9.344   0.508   1.00 50.58  ? 29  LEU A C   1 
ATOM   230  O O   . LEU A 1 30  ? -5.530  9.244   1.714   1.00 51.67  ? 29  LEU A O   1 
ATOM   231  C CB  . LEU A 1 30  ? -7.953  10.081  -0.540  1.00 51.29  ? 29  LEU A CB  1 
ATOM   232  C CG  . LEU A 1 30  ? -8.623  9.139   0.455   1.00 53.19  ? 29  LEU A CG  1 
ATOM   233  C CD1 . LEU A 1 30  ? -8.965  9.918   1.701   1.00 53.86  ? 29  LEU A CD1 1 
ATOM   234  C CD2 . LEU A 1 30  ? -9.861  8.491   -0.147  1.00 57.88  ? 29  LEU A CD2 1 
ATOM   235  N N   . VAL A 1 31  ? -5.355  8.456   -0.384  1.00 51.21  ? 30  VAL A N   1 
ATOM   236  C CA  . VAL A 1 31  ? -4.649  7.248   0.023   1.00 50.04  ? 30  VAL A CA  1 
ATOM   237  C C   . VAL A 1 31  ? -3.251  7.586   0.528   1.00 52.86  ? 30  VAL A C   1 
ATOM   238  O O   . VAL A 1 31  ? -2.788  7.024   1.529   1.00 53.69  ? 30  VAL A O   1 
ATOM   239  C CB  . VAL A 1 31  ? -4.624  6.252   -1.149  1.00 51.74  ? 30  VAL A CB  1 
ATOM   240  C CG1 . VAL A 1 31  ? -3.764  5.038   -0.838  1.00 44.87  ? 30  VAL A CG1 1 
ATOM   241  C CG2 . VAL A 1 31  ? -6.049  5.834   -1.476  1.00 48.35  ? 30  VAL A CG2 1 
ATOM   242  N N   . GLY A 1 32  ? -2.564  8.518   -0.137  1.00 50.58  ? 31  GLY A N   1 
ATOM   243  C CA  . GLY A 1 32  ? -1.283  8.974   0.371   1.00 51.84  ? 31  GLY A CA  1 
ATOM   244  C C   . GLY A 1 32  ? -1.383  9.529   1.779   1.00 51.43  ? 31  GLY A C   1 
ATOM   245  O O   . GLY A 1 32  ? -0.566  9.212   2.646   1.00 54.43  ? 31  GLY A O   1 
ATOM   246  N N   . GLY A 1 33  ? -2.389  10.370  2.025   1.00 51.65  ? 32  GLY A N   1 
ATOM   247  C CA  . GLY A 1 33  ? -2.540  10.952  3.344   1.00 49.80  ? 32  GLY A CA  1 
ATOM   248  C C   . GLY A 1 33  ? -2.832  9.904   4.398   1.00 53.89  ? 32  GLY A C   1 
ATOM   249  O O   . GLY A 1 33  ? -2.257  9.925   5.491   1.00 53.15  ? 32  GLY A O   1 
ATOM   250  N N   . ILE A 1 34  ? -3.719  8.963   4.081   1.00 49.58  ? 33  ILE A N   1 
ATOM   251  C CA  . ILE A 1 34  ? -4.042  7.918   5.043   1.00 49.77  ? 33  ILE A CA  1 
ATOM   252  C C   . ILE A 1 34  ? -2.806  7.093   5.360   1.00 53.13  ? 33  ILE A C   1 
ATOM   253  O O   . ILE A 1 34  ? -2.507  6.817   6.533   1.00 53.69  ? 33  ILE A O   1 
ATOM   254  C CB  . ILE A 1 34  ? -5.192  7.045   4.521   1.00 48.91  ? 33  ILE A CB  1 
ATOM   255  C CG1 . ILE A 1 34  ? -6.481  7.859   4.580   1.00 52.04  ? 33  ILE A CG1 1 
ATOM   256  C CG2 . ILE A 1 34  ? -5.286  5.763   5.342   1.00 46.22  ? 33  ILE A CG2 1 
ATOM   257  C CD1 . ILE A 1 34  ? -7.677  7.184   3.940   1.00 55.53  ? 33  ILE A CD1 1 
ATOM   258  N N   . TRP A 1 35  ? -2.052  6.697   4.324   1.00 49.47  ? 34  TRP A N   1 
ATOM   259  C CA  . TRP A 1 35  ? -0.848  5.908   4.566   1.00 50.63  ? 34  TRP A CA  1 
ATOM   260  C C   . TRP A 1 35  ? 0.154   6.679   5.409   1.00 50.16  ? 34  TRP A C   1 
ATOM   261  O O   . TRP A 1 35  ? 0.749   6.122   6.334   1.00 53.80  ? 34  TRP A O   1 
ATOM   262  C CB  . TRP A 1 35  ? -0.184  5.486   3.262   1.00 49.58  ? 34  TRP A CB  1 
ATOM   263  C CG  . TRP A 1 35  ? 0.957   4.578   3.528   1.00 46.65  ? 34  TRP A CG  1 
ATOM   264  C CD1 . TRP A 1 35  ? 2.256   4.932   3.763   1.00 48.88  ? 34  TRP A CD1 1 
ATOM   265  C CD2 . TRP A 1 35  ? 0.902   3.153   3.635   1.00 47.21  ? 34  TRP A CD2 1 
ATOM   266  N NE1 . TRP A 1 35  ? 3.019   3.803   3.997   1.00 46.79  ? 34  TRP A NE1 1 
ATOM   267  C CE2 . TRP A 1 35  ? 2.206   2.703   3.930   1.00 49.56  ? 34  TRP A CE2 1 
ATOM   268  C CE3 . TRP A 1 35  ? -0.122  2.213   3.500   1.00 47.94  ? 34  TRP A CE3 1 
ATOM   269  C CZ2 . TRP A 1 35  ? 2.509   1.352   4.081   1.00 50.50  ? 34  TRP A CZ2 1 
ATOM   270  C CZ3 . TRP A 1 35  ? 0.179   0.876   3.649   1.00 48.43  ? 34  TRP A CZ3 1 
ATOM   271  C CH2 . TRP A 1 35  ? 1.481   0.455   3.940   1.00 50.61  ? 34  TRP A CH2 1 
ATOM   272  N N   . GLN A 1 36  ? 0.375   7.951   5.081   1.00 50.54  ? 35  GLN A N   1 
ATOM   273  C CA  . GLN A 1 36  ? 1.279   8.783   5.868   1.00 52.59  ? 35  GLN A CA  1 
ATOM   274  C C   . GLN A 1 36  ? 0.876   8.776   7.338   1.00 55.90  ? 35  GLN A C   1 
ATOM   275  O O   . GLN A 1 36  ? 1.731   8.711   8.226   1.00 58.88  ? 35  GLN A O   1 
ATOM   276  C CB  . GLN A 1 36  ? 1.264   10.204  5.308   1.00 54.77  ? 35  GLN A CB  1 
ATOM   277  C CG  . GLN A 1 36  ? 2.559   10.969  5.419   1.00 53.57  ? 35  GLN A CG  1 
ATOM   278  C CD  . GLN A 1 36  ? 2.593   12.133  4.451   1.00 56.32  ? 35  GLN A CD  1 
ATOM   279  O OE1 . GLN A 1 36  ? 1.573   12.795  4.211   1.00 53.70  ? 35  GLN A OE1 1 
ATOM   280  N NE2 . GLN A 1 36  ? 3.763   12.375  3.864   1.00 55.37  ? 35  GLN A NE2 1 
ATOM   281  N N   . LYS A 1 37  ? -0.432  8.782   7.603   1.00 55.83  ? 36  LYS A N   1 
ATOM   282  C CA  . LYS A 1 37  ? -0.936  8.844   8.967   1.00 55.54  ? 36  LYS A CA  1 
ATOM   283  C C   . LYS A 1 37  ? -0.686  7.538   9.713   1.00 58.91  ? 36  LYS A C   1 
ATOM   284  O O   . LYS A 1 37  ? -0.145  7.539   10.824  1.00 59.90  ? 36  LYS A O   1 
ATOM   285  C CB  . LYS A 1 37  ? -2.426  9.173   8.927   1.00 57.22  ? 36  LYS A CB  1 
ATOM   286  C CG  . LYS A 1 37  ? -3.004  9.729   10.203  1.00 68.42  ? 36  LYS A CG  1 
ATOM   287  C CD  . LYS A 1 37  ? -3.893  10.953  9.899   1.00 76.61  ? 36  LYS A CD  1 
ATOM   288  C CE  . LYS A 1 37  ? -3.072  12.163  9.422   1.00 79.94  ? 36  LYS A CE  1 
ATOM   289  N NZ  . LYS A 1 37  ? -2.251  12.779  10.518  1.00 82.95  ? 36  LYS A NZ  1 
ATOM   290  N N   . ILE A 1 38  ? -1.072  6.410   9.115   1.00 54.01  ? 37  ILE A N   1 
ATOM   291  C CA  . ILE A 1 38  ? -0.989  5.149   9.838   1.00 54.86  ? 37  ILE A CA  1 
ATOM   292  C C   . ILE A 1 38  ? 0.452   4.658   9.917   1.00 57.95  ? 37  ILE A C   1 
ATOM   293  O O   . ILE A 1 38  ? 0.833   3.987   10.886  1.00 56.50  ? 37  ILE A O   1 
ATOM   294  C CB  . ILE A 1 38  ? -1.919  4.108   9.191   1.00 54.07  ? 37  ILE A CB  1 
ATOM   295  C CG1 . ILE A 1 38  ? -1.423  3.722   7.803   1.00 54.69  ? 37  ILE A CG1 1 
ATOM   296  C CG2 . ILE A 1 38  ? -3.329  4.665   9.071   1.00 52.95  ? 37  ILE A CG2 1 
ATOM   297  C CD1 . ILE A 1 38  ? -2.336  2.748   7.087   1.00 53.75  ? 37  ILE A CD1 1 
ATOM   298  N N   . ALA A 1 39  ? 1.280   4.971   8.919   1.00 54.50  ? 38  ALA A N   1 
ATOM   299  C CA  . ALA A 1 39  ? 2.677   4.562   9.015   1.00 57.88  ? 38  ALA A CA  1 
ATOM   300  C C   . ALA A 1 39  ? 3.369   5.317   10.135  1.00 60.26  ? 38  ALA A C   1 
ATOM   301  O O   . ALA A 1 39  ? 4.205   4.754   10.852  1.00 59.38  ? 38  ALA A O   1 
ATOM   302  C CB  . ALA A 1 39  ? 3.405   4.780   7.687   1.00 53.67  ? 38  ALA A CB  1 
ATOM   303  N N   . LYS A 1 40  ? 3.005   6.588   10.308  1.00 57.95  ? 39  LYS A N   1 
ATOM   304  C CA  . LYS A 1 40  ? 3.543   7.392   11.395  1.00 60.92  ? 39  LYS A CA  1 
ATOM   305  C C   . LYS A 1 40  ? 3.133   6.823   12.743  1.00 64.22  ? 39  LYS A C   1 
ATOM   306  O O   . LYS A 1 40  ? 3.974   6.619   13.626  1.00 65.93  ? 39  LYS A O   1 
ATOM   307  C CB  . LYS A 1 40  ? 3.060   8.826   11.241  1.00 60.96  ? 39  LYS A CB  1 
ATOM   308  C CG  . LYS A 1 40  ? 3.569   9.765   12.295  1.00 69.54  ? 39  LYS A CG  1 
ATOM   309  C CD  . LYS A 1 40  ? 5.087   9.787   12.277  1.00 72.70  ? 39  LYS A CD  1 
ATOM   310  C CE  . LYS A 1 40  ? 5.613   11.155  12.678  1.00 77.98  ? 39  LYS A CE  1 
ATOM   311  N NZ  . LYS A 1 40  ? 4.814   11.706  13.798  1.00 81.93  ? 39  LYS A NZ  1 
ATOM   312  N N   . GLU A 1 41  ? 1.839   6.547   12.916  1.00 62.94  ? 40  GLU A N   1 
ATOM   313  C CA  . GLU A 1 41  ? 1.383   5.945   14.161  1.00 65.98  ? 40  GLU A CA  1 
ATOM   314  C C   . GLU A 1 41  ? 2.157   4.678   14.465  1.00 65.27  ? 40  GLU A C   1 
ATOM   315  O O   . GLU A 1 41  ? 2.728   4.527   15.550  1.00 69.23  ? 40  GLU A O   1 
ATOM   316  C CB  . GLU A 1 41  ? -0.104  5.638   14.084  1.00 69.13  ? 40  GLU A CB  1 
ATOM   317  C CG  . GLU A 1 41  ? -0.975  6.843   14.284  1.00 75.81  ? 40  GLU A CG  1 
ATOM   318  C CD  . GLU A 1 41  ? -2.419  6.586   13.880  1.00 82.74  ? 40  GLU A CD  1 
ATOM   319  O OE1 . GLU A 1 41  ? -2.845  5.400   13.863  1.00 84.87  ? 40  GLU A OE1 1 
ATOM   320  O OE2 . GLU A 1 41  ? -3.122  7.579   13.576  1.00 84.39  ? 40  GLU A OE2 1 
ATOM   321  N N   . GLU A 1 42  ? 2.205   3.761   13.500  1.00 62.54  ? 41  GLU A N   1 
ATOM   322  C CA  . GLU A 1 42  ? 2.890   2.495   13.715  1.00 62.77  ? 41  GLU A CA  1 
ATOM   323  C C   . GLU A 1 42  ? 4.381   2.698   13.947  1.00 66.60  ? 41  GLU A C   1 
ATOM   324  O O   . GLU A 1 42  ? 5.009   1.919   14.673  1.00 68.53  ? 41  GLU A O   1 
ATOM   325  C CB  . GLU A 1 42  ? 2.644   1.577   12.527  1.00 62.14  ? 41  GLU A CB  1 
ATOM   326  C CG  . GLU A 1 42  ? 3.413   0.282   12.580  1.00 68.39  ? 41  GLU A CG  1 
ATOM   327  C CD  . GLU A 1 42  ? 3.018   -0.600  13.763  1.00 73.13  ? 41  GLU A CD  1 
ATOM   328  O OE1 . GLU A 1 42  ? 3.906   -1.311  14.290  1.00 74.85  ? 41  GLU A OE1 1 
ATOM   329  O OE2 . GLU A 1 42  ? 1.825   -0.586  14.155  1.00 74.64  ? 41  GLU A OE2 1 
ATOM   330  N N   . PHE A 1 43  ? 4.965   3.736   13.342  1.00 66.65  ? 42  PHE A N   1 
ATOM   331  C CA  . PHE A 1 43  ? 6.371   4.045   13.590  1.00 65.87  ? 42  PHE A CA  1 
ATOM   332  C C   . PHE A 1 43  ? 6.595   4.440   15.045  1.00 68.93  ? 42  PHE A C   1 
ATOM   333  O O   . PHE A 1 43  ? 7.561   4.004   15.677  1.00 66.37  ? 42  PHE A O   1 
ATOM   334  C CB  . PHE A 1 43  ? 6.829   5.162   12.650  1.00 64.23  ? 42  PHE A CB  1 
ATOM   335  C CG  . PHE A 1 43  ? 8.117   5.833   13.061  1.00 62.76  ? 42  PHE A CG  1 
ATOM   336  C CD1 . PHE A 1 43  ? 9.313   5.145   13.027  1.00 63.72  ? 42  PHE A CD1 1 
ATOM   337  C CD2 . PHE A 1 43  ? 8.126   7.167   13.446  1.00 66.38  ? 42  PHE A CD2 1 
ATOM   338  C CE1 . PHE A 1 43  ? 10.494  5.769   13.396  1.00 66.63  ? 42  PHE A CE1 1 
ATOM   339  C CE2 . PHE A 1 43  ? 9.298   7.797   13.805  1.00 63.67  ? 42  PHE A CE2 1 
ATOM   340  C CZ  . PHE A 1 43  ? 10.484  7.100   13.783  1.00 65.41  ? 42  PHE A CZ  1 
ATOM   341  N N   . GLU A 1 44  ? 5.700   5.248   15.602  1.00 67.39  ? 43  GLU A N   1 
ATOM   342  C CA  . GLU A 1 44  ? 5.870   5.674   16.979  1.00 70.71  ? 43  GLU A CA  1 
ATOM   343  C C   . GLU A 1 44  ? 5.659   4.549   17.982  1.00 71.70  ? 43  GLU A C   1 
ATOM   344  O O   . GLU A 1 44  ? 5.940   4.745   19.168  1.00 76.53  ? 43  GLU A O   1 
ATOM   345  C CB  . GLU A 1 44  ? 4.927   6.830   17.250  1.00 68.90  ? 43  GLU A CB  1 
ATOM   346  C CG  . GLU A 1 44  ? 5.231   7.973   16.328  1.00 75.35  ? 43  GLU A CG  1 
ATOM   347  C CD  . GLU A 1 44  ? 4.328   9.156   16.550  1.00 83.51  ? 43  GLU A CD  1 
ATOM   348  O OE1 . GLU A 1 44  ? 3.139   8.943   16.881  1.00 85.98  ? 43  GLU A OE1 1 
ATOM   349  O OE2 . GLU A 1 44  ? 4.814   10.300  16.398  1.00 88.39  ? 43  GLU A OE2 1 
ATOM   350  N N   . LYS A 1 45  ? 5.198   3.383   17.546  1.00 69.41  ? 44  LYS A N   1 
ATOM   351  C CA  . LYS A 1 45  ? 4.998   2.258   18.446  1.00 67.26  ? 44  LYS A CA  1 
ATOM   352  C C   . LYS A 1 45  ? 6.037   1.170   18.289  1.00 71.35  ? 44  LYS A C   1 
ATOM   353  O O   . LYS A 1 45  ? 6.333   0.475   19.263  1.00 76.41  ? 44  LYS A O   1 
ATOM   354  C CB  . LYS A 1 45  ? 3.612   1.640   18.236  1.00 68.56  ? 44  LYS A CB  1 
ATOM   355  C CG  . LYS A 1 45  ? 2.509   2.678   18.206  1.00 70.81  ? 44  LYS A CG  1 
ATOM   356  C CD  . LYS A 1 45  ? 1.132   2.057   18.345  1.00 72.68  ? 44  LYS A CD  1 
ATOM   357  C CE  . LYS A 1 45  ? 0.837   1.051   17.247  1.00 73.96  ? 44  LYS A CE  1 
ATOM   358  N NZ  . LYS A 1 45  ? -0.639  0.907   17.048  1.00 75.53  ? 44  LYS A NZ  1 
ATOM   359  N N   . SER A 1 46  ? 6.597   1.005   17.097  1.00 68.58  ? 45  SER A N   1 
ATOM   360  C CA  . SER A 1 46  ? 7.530   -0.075  16.822  1.00 67.81  ? 45  SER A CA  1 
ATOM   361  C C   . SER A 1 46  ? 8.868   0.433   16.318  1.00 66.45  ? 45  SER A C   1 
ATOM   362  O O   . SER A 1 46  ? 9.780   -0.373  16.099  1.00 66.98  ? 45  SER A O   1 
ATOM   363  C CB  . SER A 1 46  ? 6.932   -1.045  15.792  1.00 69.62  ? 45  SER A CB  1 
ATOM   364  O OG  . SER A 1 46  ? 6.741   -0.388  14.544  1.00 70.73  ? 45  SER A OG  1 
ATOM   365  N N   . ASN A 1 47  ? 9.002   1.742   16.119  1.00 67.54  ? 46  ASN A N   1 
ATOM   366  C CA  . ASN A 1 47  ? 10.152  2.363   15.464  1.00 68.37  ? 46  ASN A CA  1 
ATOM   367  C C   . ASN A 1 47  ? 10.421  1.796   14.066  1.00 70.11  ? 46  ASN A C   1 
ATOM   368  O O   . ASN A 1 47  ? 11.542  1.910   13.549  1.00 67.31  ? 46  ASN A O   1 
ATOM   369  C CB  . ASN A 1 47  ? 11.409  2.265   16.333  1.00 71.21  ? 46  ASN A CB  1 
ATOM   370  C CG  . ASN A 1 47  ? 12.313  3.459   16.158  1.00 70.37  ? 46  ASN A CG  1 
ATOM   371  O OD1 . ASN A 1 47  ? 13.462  3.325   15.735  1.00 75.74  ? 46  ASN A OD1 1 
ATOM   372  N ND2 . ASN A 1 47  ? 11.784  4.647   16.449  1.00 73.53  ? 46  ASN A ND2 1 
ATOM   373  N N   . ILE A 1 48  ? 9.418   1.199   13.423  1.00 65.66  ? 47  ILE A N   1 
ATOM   374  C CA  . ILE A 1 48  ? 9.505   0.819   12.019  1.00 62.12  ? 47  ILE A CA  1 
ATOM   375  C C   . ILE A 1 48  ? 8.592   1.761   11.242  1.00 61.60  ? 47  ILE A C   1 
ATOM   376  O O   . ILE A 1 48  ? 7.372   1.765   11.453  1.00 58.81  ? 47  ILE A O   1 
ATOM   377  C CB  . ILE A 1 48  ? 9.115   -0.649  11.796  1.00 62.17  ? 47  ILE A CB  1 
ATOM   378  C CG1 . ILE A 1 48  ? 9.954   -1.563  12.685  1.00 64.01  ? 47  ILE A CG1 1 
ATOM   379  C CG2 . ILE A 1 48  ? 9.267   -1.020  10.325  1.00 61.05  ? 47  ILE A CG2 1 
ATOM   380  C CD1 . ILE A 1 48  ? 9.536   -3.032  12.633  1.00 60.07  ? 47  ILE A CD1 1 
ATOM   381  N N   . TYR A 1 49  ? 9.184   2.583   10.375  1.00 59.49  ? 48  TYR A N   1 
ATOM   382  C CA  . TYR A 1 49  ? 8.445   3.417   9.433   1.00 57.06  ? 48  TYR A CA  1 
ATOM   383  C C   . TYR A 1 49  ? 8.473   2.733   8.070   1.00 56.19  ? 48  TYR A C   1 
ATOM   384  O O   . TYR A 1 49  ? 9.548   2.551   7.498   1.00 57.05  ? 48  TYR A O   1 
ATOM   385  C CB  . TYR A 1 49  ? 9.045   4.823   9.334   1.00 55.09  ? 48  TYR A CB  1 
ATOM   386  C CG  . TYR A 1 49  ? 8.092   5.761   8.650   1.00 58.16  ? 48  TYR A CG  1 
ATOM   387  C CD1 . TYR A 1 49  ? 7.905   5.707   7.272   1.00 56.01  ? 48  TYR A CD1 1 
ATOM   388  C CD2 . TYR A 1 49  ? 7.319   6.647   9.378   1.00 58.43  ? 48  TYR A CD2 1 
ATOM   389  C CE1 . TYR A 1 49  ? 6.990   6.527   6.637   1.00 54.40  ? 48  TYR A CE1 1 
ATOM   390  C CE2 . TYR A 1 49  ? 6.396   7.481   8.746   1.00 57.77  ? 48  TYR A CE2 1 
ATOM   391  C CZ  . TYR A 1 49  ? 6.239   7.417   7.373   1.00 56.65  ? 48  TYR A CZ  1 
ATOM   392  O OH  . TYR A 1 49  ? 5.323   8.239   6.737   1.00 54.81  ? 48  TYR A OH  1 
ATOM   393  N N   . VAL A 1 50  ? 7.304   2.345   7.558   1.00 56.42  ? 49  VAL A N   1 
ATOM   394  C CA  . VAL A 1 50  ? 7.194   1.709   6.243   1.00 54.04  ? 49  VAL A CA  1 
ATOM   395  C C   . VAL A 1 50  ? 6.791   2.781   5.237   1.00 56.29  ? 49  VAL A C   1 
ATOM   396  O O   . VAL A 1 50  ? 5.661   3.285   5.265   1.00 51.60  ? 49  VAL A O   1 
ATOM   397  C CB  . VAL A 1 50  ? 6.186   0.548   6.228   1.00 51.38  ? 49  VAL A CB  1 
ATOM   398  C CG1 . VAL A 1 50  ? 6.229   -0.157  4.876   1.00 51.74  ? 49  VAL A CG1 1 
ATOM   399  C CG2 . VAL A 1 50  ? 6.472   -0.450  7.338   1.00 49.89  ? 49  VAL A CG2 1 
ATOM   400  N N   . SER A 1 51  ? 7.717   3.148   4.354   1.00 52.73  ? 50  SER A N   1 
ATOM   401  C CA  . SER A 1 51  ? 7.412   4.040   3.250   1.00 52.05  ? 50  SER A CA  1 
ATOM   402  C C   . SER A 1 51  ? 6.670   3.291   2.162   1.00 48.14  ? 50  SER A C   1 
ATOM   403  O O   . SER A 1 51  ? 6.713   2.063   2.086   1.00 52.28  ? 50  SER A O   1 
ATOM   404  C CB  . SER A 1 51  ? 8.681   4.632   2.649   1.00 50.54  ? 50  SER A CB  1 
ATOM   405  O OG  . SER A 1 51  ? 9.202   5.608   3.520   1.00 60.42  ? 50  SER A OG  1 
ATOM   406  N N   . ALA A 1 52  ? 6.008   4.053   1.294   1.00 49.28  ? 51  ALA A N   1 
ATOM   407  C CA  . ALA A 1 52  ? 5.285   3.437   0.190   1.00 47.84  ? 51  ALA A CA  1 
ATOM   408  C C   . ALA A 1 52  ? 5.327   4.333   -1.039  1.00 46.44  ? 51  ALA A C   1 
ATOM   409  O O   . ALA A 1 52  ? 5.137   5.549   -0.945  1.00 45.86  ? 51  ALA A O   1 
ATOM   410  C CB  . ALA A 1 52  ? 3.833   3.141   0.579   1.00 48.09  ? 51  ALA A CB  1 
ATOM   411  N N   . VAL A 1 53  ? 5.605   3.713   -2.184  1.00 48.16  ? 52  VAL A N   1 
ATOM   412  C CA  . VAL A 1 53  ? 5.470   4.334   -3.493  1.00 45.43  ? 52  VAL A CA  1 
ATOM   413  C C   . VAL A 1 53  ? 4.065   4.011   -3.987  1.00 48.22  ? 52  VAL A C   1 
ATOM   414  O O   . VAL A 1 53  ? 3.655   2.843   -3.984  1.00 48.20  ? 52  VAL A O   1 
ATOM   415  C CB  . VAL A 1 53  ? 6.539   3.795   -4.460  1.00 47.29  ? 52  VAL A CB  1 
ATOM   416  C CG1 . VAL A 1 53  ? 6.479   4.525   -5.795  1.00 48.62  ? 52  VAL A CG1 1 
ATOM   417  C CG2 . VAL A 1 53  ? 7.937   3.880   -3.817  1.00 44.55  ? 52  VAL A CG2 1 
ATOM   418  N N   . ILE A 1 54  ? 3.305   5.032   -4.371  1.00 48.80  ? 53  ILE A N   1 
ATOM   419  C CA  . ILE A 1 54  ? 1.901   4.845   -4.714  1.00 51.46  ? 53  ILE A CA  1 
ATOM   420  C C   . ILE A 1 54  ? 1.656   5.354   -6.128  1.00 50.78  ? 53  ILE A C   1 
ATOM   421  O O   . ILE A 1 54  ? 2.169   6.404   -6.528  1.00 47.72  ? 53  ILE A O   1 
ATOM   422  C CB  . ILE A 1 54  ? 0.954   5.526   -3.706  1.00 50.09  ? 53  ILE A CB  1 
ATOM   423  C CG1 . ILE A 1 54  ? 1.067   7.037   -3.794  1.00 51.40  ? 53  ILE A CG1 1 
ATOM   424  C CG2 . ILE A 1 54  ? 1.283   5.089   -2.290  1.00 51.48  ? 53  ILE A CG2 1 
ATOM   425  C CD1 . ILE A 1 54  ? 0.042   7.735   -2.951  1.00 61.51  ? 53  ILE A CD1 1 
ATOM   426  N N   . LYS A 1 55  ? 0.888   4.581   -6.889  1.00 51.90  ? 54  LYS A N   1 
ATOM   427  C CA  . LYS A 1 55  ? 0.594   4.812   -8.289  1.00 52.21  ? 54  LYS A CA  1 
ATOM   428  C C   . LYS A 1 55  ? -0.913  4.680   -8.474  1.00 50.71  ? 54  LYS A C   1 
ATOM   429  O O   . LYS A 1 55  ? -1.535  3.792   -7.875  1.00 50.25  ? 54  LYS A O   1 
ATOM   430  C CB  . LYS A 1 55  ? 1.298   3.787   -9.205  1.00 52.75  ? 54  LYS A CB  1 
ATOM   431  C CG  . LYS A 1 55  ? 2.804   3.784   -9.139  1.00 56.69  ? 54  LYS A CG  1 
ATOM   432  C CD  . LYS A 1 55  ? 3.400   2.521   -9.765  1.00 59.17  ? 54  LYS A CD  1 
ATOM   433  C CE  . LYS A 1 55  ? 4.273   1.774   -8.737  1.00 60.19  ? 54  LYS A CE  1 
ATOM   434  N NZ  . LYS A 1 55  ? 3.618   1.539   -7.370  1.00 57.12  ? 54  LYS A NZ  1 
ATOM   435  N N   . PRO A 1 56  ? -1.514  5.534   -9.292  1.00 48.86  ? 55  PRO A N   1 
ATOM   436  C CA  . PRO A 1 56  ? -2.918  5.334   -9.660  1.00 50.22  ? 55  PRO A CA  1 
ATOM   437  C C   . PRO A 1 56  ? -3.027  4.257   -10.720 1.00 46.72  ? 55  PRO A C   1 
ATOM   438  O O   . PRO A 1 56  ? -2.088  4.005   -11.473 1.00 49.82  ? 55  PRO A O   1 
ATOM   439  C CB  . PRO A 1 56  ? -3.333  6.704   -10.205 1.00 51.87  ? 55  PRO A CB  1 
ATOM   440  C CG  . PRO A 1 56  ? -2.057  7.246   -10.787 1.00 54.51  ? 55  PRO A CG  1 
ATOM   441  C CD  . PRO A 1 56  ? -0.940  6.739   -9.909  1.00 53.38  ? 55  PRO A CD  1 
ATOM   442  N N   . SER A 1 57  ? -4.179  3.592   -10.758 1.00 47.88  ? 56  SER A N   1 
ATOM   443  C CA  . SER A 1 57  ? -4.387  2.517   -11.723 1.00 47.44  ? 56  SER A CA  1 
ATOM   444  C C   . SER A 1 57  ? -5.885  2.286   -11.881 1.00 49.09  ? 56  SER A C   1 
ATOM   445  O O   . SER A 1 57  ? -6.705  2.939   -11.230 1.00 48.15  ? 56  SER A O   1 
ATOM   446  C CB  . SER A 1 57  ? -3.690  1.227   -11.283 1.00 47.07  ? 56  SER A CB  1 
ATOM   447  O OG  . SER A 1 57  ? -4.210  0.809   -10.025 1.00 51.85  ? 56  SER A OG  1 
ATOM   448  N N   . LYS A 1 58  ? -6.235  1.347   -12.760 1.00 46.09  ? 57  LYS A N   1 
ATOM   449  C CA  . LYS A 1 58  ? -7.596  0.864   -12.904 1.00 46.57  ? 57  LYS A CA  1 
ATOM   450  C C   . LYS A 1 58  ? -7.569  -0.651  -12.864 1.00 49.19  ? 57  LYS A C   1 
ATOM   451  O O   . LYS A 1 58  ? -6.667  -1.276  -13.434 1.00 48.87  ? 57  LYS A O   1 
ATOM   452  C CB  . LYS A 1 58  ? -8.238  1.332   -14.213 1.00 50.08  ? 57  LYS A CB  1 
ATOM   453  C CG  . LYS A 1 58  ? -8.618  2.790   -14.181 1.00 55.43  ? 57  LYS A CG  1 
ATOM   454  C CD  . LYS A 1 58  ? -9.728  3.095   -15.164 1.00 60.19  ? 57  LYS A CD  1 
ATOM   455  C CE  . LYS A 1 58  ? -10.194 4.521   -14.998 1.00 63.08  ? 57  LYS A CE  1 
ATOM   456  N NZ  . LYS A 1 58  ? -10.824 4.996   -16.262 1.00 70.89  ? 57  LYS A NZ  1 
ATOM   457  N N   . THR A 1 59  ? -8.539  -1.236  -12.172 1.00 47.19  ? 58  THR A N   1 
ATOM   458  C CA  . THR A 1 59  ? -8.685  -2.681  -12.111 1.00 45.29  ? 58  THR A CA  1 
ATOM   459  C C   . THR A 1 59  ? -9.856  -3.064  -13.003 1.00 48.78  ? 58  THR A C   1 
ATOM   460  O O   . THR A 1 59  ? -10.967 -2.554  -12.833 1.00 48.48  ? 58  THR A O   1 
ATOM   461  C CB  . THR A 1 59  ? -8.913  -3.172  -10.683 1.00 48.52  ? 58  THR A CB  1 
ATOM   462  O OG1 . THR A 1 59  ? -7.809  -2.797  -9.852  1.00 50.33  ? 58  THR A OG1 1 
ATOM   463  C CG2 . THR A 1 59  ? -9.030  -4.675  -10.670 1.00 48.78  ? 58  THR A CG2 1 
ATOM   464  N N   . VAL A 1 60  ? -9.593  -3.942  -13.966 1.00 50.61  ? 59  VAL A N   1 
ATOM   465  C CA  . VAL A 1 60  ? -10.578 -4.376  -14.944 1.00 49.95  ? 59  VAL A CA  1 
ATOM   466  C C   . VAL A 1 60  ? -11.063 -5.751  -14.519 1.00 51.09  ? 59  VAL A C   1 
ATOM   467  O O   . VAL A 1 60  ? -10.258 -6.678  -14.357 1.00 51.20  ? 59  VAL A O   1 
ATOM   468  C CB  . VAL A 1 60  ? -9.986  -4.409  -16.365 1.00 54.95  ? 59  VAL A CB  1 
ATOM   469  C CG1 . VAL A 1 60  ? -10.921 -5.129  -17.321 1.00 55.98  ? 59  VAL A CG1 1 
ATOM   470  C CG2 . VAL A 1 60  ? -9.703  -2.982  -16.872 1.00 55.02  ? 59  VAL A CG2 1 
ATOM   471  N N   . TYR A 1 61  ? -12.370 -5.882  -14.314 1.00 48.46  ? 60  TYR A N   1 
ATOM   472  C CA  . TYR A 1 61  ? -12.955 -7.175  -14.011 1.00 52.11  ? 60  TYR A CA  1 
ATOM   473  C C   . TYR A 1 61  ? -14.360 -7.198  -14.599 1.00 54.13  ? 60  TYR A C   1 
ATOM   474  O O   . TYR A 1 61  ? -14.749 -6.308  -15.366 1.00 54.92  ? 60  TYR A O   1 
ATOM   475  C CB  . TYR A 1 61  ? -12.899 -7.463  -12.505 1.00 50.17  ? 60  TYR A CB  1 
ATOM   476  C CG  . TYR A 1 61  ? -13.701 -6.520  -11.632 1.00 52.91  ? 60  TYR A CG  1 
ATOM   477  C CD1 . TYR A 1 61  ? -13.192 -5.275  -11.261 1.00 52.62  ? 60  TYR A CD1 1 
ATOM   478  C CD2 . TYR A 1 61  ? -14.956 -6.893  -11.148 1.00 51.94  ? 60  TYR A CD2 1 
ATOM   479  C CE1 . TYR A 1 61  ? -13.922 -4.409  -10.445 1.00 52.18  ? 60  TYR A CE1 1 
ATOM   480  C CE2 . TYR A 1 61  ? -15.694 -6.046  -10.336 1.00 50.71  ? 60  TYR A CE2 1 
ATOM   481  C CZ  . TYR A 1 61  ? -15.172 -4.801  -9.988  1.00 56.93  ? 60  TYR A CZ  1 
ATOM   482  O OH  . TYR A 1 61  ? -15.903 -3.947  -9.192  1.00 57.39  ? 60  TYR A OH  1 
ATOM   483  N N   . ASN A 1 62  ? -15.113 -8.233  -14.254 1.00 54.64  ? 61  ASN A N   1 
ATOM   484  C CA  . ASN A 1 62  ? -16.380 -8.509  -14.929 1.00 57.47  ? 61  ASN A CA  1 
ATOM   485  C C   . ASN A 1 62  ? -17.379 -7.369  -14.751 1.00 56.17  ? 61  ASN A C   1 
ATOM   486  O O   . ASN A 1 62  ? -17.678 -6.960  -13.625 1.00 56.09  ? 61  ASN A O   1 
ATOM   487  C CB  . ASN A 1 62  ? -16.955 -9.806  -14.369 1.00 58.76  ? 61  ASN A CB  1 
ATOM   488  C CG  . ASN A 1 62  ? -17.996 -10.416 -15.262 1.00 61.93  ? 61  ASN A CG  1 
ATOM   489  O OD1 . ASN A 1 62  ? -18.719 -9.711  -15.964 1.00 61.92  ? 61  ASN A OD1 1 
ATOM   490  N ND2 . ASN A 1 62  ? -18.080 -11.744 -15.245 1.00 62.95  ? 61  ASN A ND2 1 
ATOM   491  N N   . GLN A 1 63  ? -17.923 -6.862  -15.860 1.00 54.69  ? 62  GLN A N   1 
ATOM   492  C CA  . GLN A 1 63  ? -18.952 -5.829  -15.743 1.00 58.38  ? 62  GLN A CA  1 
ATOM   493  C C   . GLN A 1 63  ? -20.217 -6.354  -15.064 1.00 61.48  ? 62  GLN A C   1 
ATOM   494  O O   . GLN A 1 63  ? -20.976 -5.574  -14.471 1.00 58.67  ? 62  GLN A O   1 
ATOM   495  C CB  . GLN A 1 63  ? -19.292 -5.259  -17.121 1.00 62.27  ? 62  GLN A CB  1 
ATOM   496  C CG  . GLN A 1 63  ? -18.529 -3.989  -17.438 1.00 60.74  ? 62  GLN A CG  1 
ATOM   497  C CD  . GLN A 1 63  ? -18.878 -3.418  -18.794 1.00 68.59  ? 62  GLN A CD  1 
ATOM   498  O OE1 . GLN A 1 63  ? -18.284 -3.799  -19.805 1.00 72.10  ? 62  GLN A OE1 1 
ATOM   499  N NE2 . GLN A 1 63  ? -19.836 -2.490  -18.824 1.00 72.31  ? 62  GLN A NE2 1 
ATOM   500  N N   . GLU A 1 64  ? -20.457 -7.665  -15.132 1.00 58.89  ? 63  GLU A N   1 
ATOM   501  C CA  . GLU A 1 64  ? -21.637 -8.234  -14.488 1.00 67.09  ? 63  GLU A CA  1 
ATOM   502  C C   . GLU A 1 64  ? -21.544 -8.151  -12.973 1.00 66.34  ? 63  GLU A C   1 
ATOM   503  O O   . GLU A 1 64  ? -22.572 -8.131  -12.286 1.00 65.00  ? 63  GLU A O   1 
ATOM   504  C CB  . GLU A 1 64  ? -21.827 -9.685  -14.918 1.00 67.35  ? 63  GLU A CB  1 
ATOM   505  C CG  . GLU A 1 64  ? -22.074 -9.870  -16.413 1.00 76.10  ? 63  GLU A CG  1 
ATOM   506  C CD  . GLU A 1 64  ? -22.918 -11.105 -16.708 1.00 88.19  ? 63  GLU A CD  1 
ATOM   507  O OE1 . GLU A 1 64  ? -22.343 -12.131 -17.156 1.00 85.08  ? 63  GLU A OE1 1 
ATOM   508  O OE2 . GLU A 1 64  ? -24.152 -11.042 -16.473 1.00 93.06  ? 63  GLU A OE2 1 
ATOM   509  N N   . TRP A 1 65  ? -20.328 -8.128  -12.435 1.00 61.36  ? 64  TRP A N   1 
ATOM   510  C CA  . TRP A 1 65  ? -20.114 -8.000  -11.007 1.00 57.49  ? 64  TRP A CA  1 
ATOM   511  C C   . TRP A 1 65  ? -19.866 -6.556  -10.604 1.00 56.19  ? 64  TRP A C   1 
ATOM   512  O O   . TRP A 1 65  ? -19.302 -6.300  -9.535  1.00 57.70  ? 64  TRP A O   1 
ATOM   513  C CB  . TRP A 1 65  ? -18.960 -8.903  -10.574 1.00 56.68  ? 64  TRP A CB  1 
ATOM   514  C CG  . TRP A 1 65  ? -19.119 -10.334 -11.053 1.00 62.85  ? 64  TRP A CG  1 
ATOM   515  C CD1 . TRP A 1 65  ? -20.296 -11.005 -11.271 1.00 62.71  ? 64  TRP A CD1 1 
ATOM   516  C CD2 . TRP A 1 65  ? -18.065 -11.260 -11.381 1.00 63.14  ? 64  TRP A CD2 1 
ATOM   517  N NE1 . TRP A 1 65  ? -20.035 -12.288 -11.697 1.00 63.49  ? 64  TRP A NE1 1 
ATOM   518  C CE2 . TRP A 1 65  ? -18.678 -12.467 -11.774 1.00 61.52  ? 64  TRP A CE2 1 
ATOM   519  C CE3 . TRP A 1 65  ? -16.667 -11.183 -11.371 1.00 65.02  ? 64  TRP A CE3 1 
ATOM   520  C CZ2 . TRP A 1 65  ? -17.943 -13.581 -12.163 1.00 62.36  ? 64  TRP A CZ2 1 
ATOM   521  C CZ3 . TRP A 1 65  ? -15.941 -12.291 -11.770 1.00 63.52  ? 64  TRP A CZ3 1 
ATOM   522  C CH2 . TRP A 1 65  ? -16.582 -13.473 -12.155 1.00 62.13  ? 64  TRP A CH2 1 
ATOM   523  N N   . GLY A 1 66  ? -20.256 -5.607  -11.448 1.00 57.11  ? 65  GLY A N   1 
ATOM   524  C CA  . GLY A 1 66  ? -20.253 -4.213  -11.062 1.00 54.71  ? 65  GLY A CA  1 
ATOM   525  C C   . GLY A 1 66  ? -19.042 -3.390  -11.455 1.00 55.39  ? 65  GLY A C   1 
ATOM   526  O O   . GLY A 1 66  ? -18.960 -2.224  -11.050 1.00 54.70  ? 65  GLY A O   1 
ATOM   527  N N   . CYS A 1 67  ? -18.106 -3.941  -12.210 1.00 54.96  ? 66  CYS A N   1 
ATOM   528  C CA  . CYS A 1 67  ? -16.979 -3.140  -12.682 1.00 51.11  ? 66  CYS A CA  1 
ATOM   529  C C   . CYS A 1 67  ? -17.448 -2.174  -13.765 1.00 50.24  ? 66  CYS A C   1 
ATOM   530  O O   . CYS A 1 67  ? -18.073 -2.605  -14.732 1.00 54.30  ? 66  CYS A O   1 
ATOM   531  C CB  . CYS A 1 67  ? -15.879 -4.032  -13.246 1.00 51.95  ? 66  CYS A CB  1 
ATOM   532  S SG  . CYS A 1 67  ? -14.370 -3.110  -13.738 1.00 53.53  ? 66  CYS A SG  1 
ATOM   533  N N   . PRO A 1 68  ? -17.148 -0.879  -13.653 1.00 50.55  ? 67  PRO A N   1 
ATOM   534  C CA  . PRO A 1 68  ? -17.467 0.044   -14.750 1.00 52.30  ? 67  PRO A CA  1 
ATOM   535  C C   . PRO A 1 68  ? -16.777 -0.382  -16.031 1.00 52.99  ? 67  PRO A C   1 
ATOM   536  O O   . PRO A 1 68  ? -15.777 -1.106  -16.017 1.00 50.87  ? 67  PRO A O   1 
ATOM   537  C CB  . PRO A 1 68  ? -16.917 1.389   -14.266 1.00 48.93  ? 67  PRO A CB  1 
ATOM   538  C CG  . PRO A 1 68  ? -16.810 1.244   -12.785 1.00 50.54  ? 67  PRO A CG  1 
ATOM   539  C CD  . PRO A 1 68  ? -16.487 -0.199  -12.531 1.00 52.04  ? 67  PRO A CD  1 
ATOM   540  N N   . GLU A 1 69  ? -17.327 0.085   -17.148 1.00 54.10  ? 68  GLU A N   1 
ATOM   541  C CA  . GLU A 1 69  ? -16.704 -0.174  -18.438 1.00 61.57  ? 68  GLU A CA  1 
ATOM   542  C C   . GLU A 1 69  ? -15.278 0.364   -18.430 1.00 55.08  ? 68  GLU A C   1 
ATOM   543  O O   . GLU A 1 69  ? -15.044 1.525   -18.074 1.00 51.92  ? 68  GLU A O   1 
ATOM   544  C CB  . GLU A 1 69  ? -17.506 0.472   -19.574 1.00 62.89  ? 68  GLU A CB  1 
ATOM   545  C CG  . GLU A 1 69  ? -17.018 0.037   -20.969 1.00 68.52  ? 68  GLU A CG  1 
ATOM   546  C CD  . GLU A 1 69  ? -17.629 0.850   -22.122 1.00 81.30  ? 68  GLU A CD  1 
ATOM   547  O OE1 . GLU A 1 69  ? -17.550 0.384   -23.289 1.00 85.00  ? 68  GLU A OE1 1 
ATOM   548  O OE2 . GLU A 1 69  ? -18.177 1.953   -21.866 1.00 82.24  ? 68  GLU A OE2 1 
ATOM   549  N N   . ASN A 1 70  ? -14.328 -0.502  -18.782 1.00 57.29  ? 69  ASN A N   1 
ATOM   550  C CA  . ASN A 1 70  ? -12.890 -0.238  -18.893 1.00 59.25  ? 69  ASN A CA  1 
ATOM   551  C C   . ASN A 1 70  ? -12.191 -0.185  -17.539 1.00 59.93  ? 69  ASN A C   1 
ATOM   552  O O   . ASN A 1 70  ? -10.985 0.092   -17.509 1.00 59.90  ? 69  ASN A O   1 
ATOM   553  C CB  . ASN A 1 70  ? -12.578 1.064   -19.652 1.00 58.84  ? 69  ASN A CB  1 
ATOM   554  C CG  . ASN A 1 70  ? -13.343 1.163   -20.959 1.00 57.86  ? 69  ASN A CG  1 
ATOM   555  O OD1 . ASN A 1 70  ? -13.497 0.169   -21.659 1.00 58.04  ? 69  ASN A OD1 1 
ATOM   556  N ND2 . ASN A 1 70  ? -13.847 2.354   -21.278 1.00 55.57  ? 69  ASN A ND2 1 
ATOM   557  N N   . GLY A 1 71  ? -12.887 -0.413  -16.424 1.00 53.98  ? 70  GLY A N   1 
ATOM   558  C CA  . GLY A 1 71  ? -12.175 -0.601  -15.177 1.00 52.09  ? 70  GLY A CA  1 
ATOM   559  C C   . GLY A 1 71  ? -12.497 0.401   -14.091 1.00 52.55  ? 70  GLY A C   1 
ATOM   560  O O   . GLY A 1 71  ? -13.026 1.483   -14.354 1.00 53.44  ? 70  GLY A O   1 
ATOM   561  N N   . GLU A 1 72  ? -12.142 0.035   -12.866 1.00 50.79  ? 71  GLU A N   1 
ATOM   562  C CA  . GLU A 1 72  ? -12.475 0.767   -11.657 1.00 51.50  ? 71  GLU A CA  1 
ATOM   563  C C   . GLU A 1 72  ? -11.219 1.397   -11.075 1.00 52.05  ? 71  GLU A C   1 
ATOM   564  O O   . GLU A 1 72  ? -10.158 0.764   -11.053 1.00 49.01  ? 71  GLU A O   1 
ATOM   565  C CB  . GLU A 1 72  ? -13.080 -0.192  -10.646 1.00 53.88  ? 71  GLU A CB  1 
ATOM   566  C CG  . GLU A 1 72  ? -13.587 0.418   -9.371  1.00 58.67  ? 71  GLU A CG  1 
ATOM   567  C CD  . GLU A 1 72  ? -14.356 -0.612  -8.545  1.00 65.15  ? 71  GLU A CD  1 
ATOM   568  O OE1 . GLU A 1 72  ? -13.711 -1.482  -7.908  1.00 66.81  ? 71  GLU A OE1 1 
ATOM   569  O OE2 . GLU A 1 72  ? -15.609 -0.564  -8.559  1.00 72.38  ? 71  GLU A OE2 1 
ATOM   570  N N   . GLU A 1 73  ? -11.346 2.634   -10.599 1.00 50.46  ? 72  GLU A N   1 
ATOM   571  C CA  . GLU A 1 73  ? -10.198 3.351   -10.043 1.00 56.21  ? 72  GLU A CA  1 
ATOM   572  C C   . GLU A 1 73  ? -9.612  2.617   -8.841  1.00 50.76  ? 72  GLU A C   1 
ATOM   573  O O   . GLU A 1 73  ? -10.326 2.269   -7.898  1.00 52.56  ? 72  GLU A O   1 
ATOM   574  C CB  . GLU A 1 73  ? -10.613 4.767   -9.646  1.00 59.00  ? 72  GLU A CB  1 
ATOM   575  C CG  . GLU A 1 73  ? -10.463 5.789   -10.770 1.00 67.57  ? 72  GLU A CG  1 
ATOM   576  C CD  . GLU A 1 73  ? -11.402 6.996   -10.627 1.00 76.47  ? 72  GLU A CD  1 
ATOM   577  O OE1 . GLU A 1 73  ? -12.373 7.084   -11.415 1.00 80.71  ? 72  GLU A OE1 1 
ATOM   578  O OE2 . GLU A 1 73  ? -11.173 7.854   -9.738  1.00 81.59  ? 72  GLU A OE2 1 
ATOM   579  N N   . THR A 1 74  ? -8.305  2.360   -8.881  1.00 51.42  ? 73  THR A N   1 
ATOM   580  C CA  . THR A 1 74  ? -7.608  1.716   -7.775  1.00 47.25  ? 73  THR A CA  1 
ATOM   581  C C   . THR A 1 74  ? -6.277  2.429   -7.555  1.00 47.59  ? 73  THR A C   1 
ATOM   582  O O   . THR A 1 74  ? -5.880  3.299   -8.336  1.00 51.35  ? 73  THR A O   1 
ATOM   583  C CB  . THR A 1 74  ? -7.410  0.211   -8.036  1.00 48.23  ? 73  THR A CB  1 
ATOM   584  O OG1 . THR A 1 74  ? -6.892  0.015   -9.350  1.00 55.21  ? 73  THR A OG1 1 
ATOM   585  C CG2 . THR A 1 74  ? -8.733  -0.534  -7.955  1.00 53.30  ? 73  THR A CG2 1 
ATOM   586  N N   . VAL A 1 75  ? -5.594  2.070   -6.466  1.00 48.03  ? 74  VAL A N   1 
ATOM   587  C CA  . VAL A 1 75  ? -4.260  2.568   -6.158  1.00 45.02  ? 74  VAL A CA  1 
ATOM   588  C C   . VAL A 1 75  ? -3.384  1.382   -5.799  1.00 46.46  ? 74  VAL A C   1 
ATOM   589  O O   . VAL A 1 75  ? -3.851  0.420   -5.176  1.00 49.94  ? 74  VAL A O   1 
ATOM   590  C CB  . VAL A 1 75  ? -4.276  3.605   -5.015  1.00 50.70  ? 74  VAL A CB  1 
ATOM   591  C CG1 . VAL A 1 75  ? -2.844  3.988   -4.589  1.00 51.69  ? 74  VAL A CG1 1 
ATOM   592  C CG2 . VAL A 1 75  ? -4.993  4.854   -5.475  1.00 51.23  ? 74  VAL A CG2 1 
ATOM   593  N N   . VAL A 1 76  ? -2.123  1.443   -6.216  1.00 46.39  ? 75  VAL A N   1 
ATOM   594  C CA  . VAL A 1 76  ? -1.121  0.427   -5.936  1.00 45.25  ? 75  VAL A CA  1 
ATOM   595  C C   . VAL A 1 76  ? -0.061  1.060   -5.042  1.00 53.10  ? 75  VAL A C   1 
ATOM   596  O O   . VAL A 1 76  ? 0.460   2.135   -5.365  1.00 51.53  ? 75  VAL A O   1 
ATOM   597  C CB  . VAL A 1 76  ? -0.494  -0.100  -7.234  1.00 48.72  ? 75  VAL A CB  1 
ATOM   598  C CG1 . VAL A 1 76  ? 0.528   -1.177  -6.924  1.00 49.78  ? 75  VAL A CG1 1 
ATOM   599  C CG2 . VAL A 1 76  ? -1.585  -0.628  -8.166  1.00 50.75  ? 75  VAL A CG2 1 
ATOM   600  N N   . LEU A 1 77  ? 0.244   0.409   -3.918  1.00 49.39  ? 76  LEU A N   1 
ATOM   601  C CA  . LEU A 1 77  ? 1.274   0.843   -2.982  1.00 48.72  ? 76  LEU A CA  1 
ATOM   602  C C   . LEU A 1 77  ? 2.385   -0.198  -2.954  1.00 49.99  ? 76  LEU A C   1 
ATOM   603  O O   . LEU A 1 77  ? 2.119   -1.386  -2.744  1.00 48.05  ? 76  LEU A O   1 
ATOM   604  C CB  . LEU A 1 77  ? 0.701   1.027   -1.568  1.00 46.25  ? 76  LEU A CB  1 
ATOM   605  C CG  . LEU A 1 77  ? -0.475  1.988   -1.388  1.00 51.45  ? 76  LEU A CG  1 
ATOM   606  C CD1 . LEU A 1 77  ? -1.806  1.284   -1.636  1.00 49.51  ? 76  LEU A CD1 1 
ATOM   607  C CD2 . LEU A 1 77  ? -0.466  2.601   0.003   1.00 44.95  ? 76  LEU A CD2 1 
ATOM   608  N N   . THR A 1 78  ? 3.628   0.239   -3.164  1.00 47.37  ? 77  THR A N   1 
ATOM   609  C CA  . THR A 1 78  ? 4.770   -0.669  -3.130  1.00 47.93  ? 77  THR A CA  1 
ATOM   610  C C   . THR A 1 78  ? 5.859   -0.141  -2.210  1.00 47.37  ? 77  THR A C   1 
ATOM   611  O O   . THR A 1 78  ? 5.990   1.065   -1.980  1.00 49.62  ? 77  THR A O   1 
ATOM   612  C CB  . THR A 1 78  ? 5.370   -0.878  -4.512  1.00 46.85  ? 77  THR A CB  1 
ATOM   613  O OG1 . THR A 1 78  ? 5.727   0.394   -5.056  1.00 55.17  ? 77  THR A OG1 1 
ATOM   614  C CG2 . THR A 1 78  ? 4.366   -1.519  -5.433  1.00 50.03  ? 77  THR A CG2 1 
ATOM   615  N N   . GLY A 1 79  ? 6.662   -1.060  -1.692  1.00 51.38  ? 78  GLY A N   1 
ATOM   616  C CA  . GLY A 1 79  ? 7.753   -0.663  -0.820  1.00 52.40  ? 78  GLY A CA  1 
ATOM   617  C C   . GLY A 1 79  ? 8.702   -1.823  -0.645  1.00 53.64  ? 78  GLY A C   1 
ATOM   618  O O   . GLY A 1 79  ? 8.417   -2.958  -1.035  1.00 58.27  ? 78  GLY A O   1 
ATOM   619  N N   . VAL A 1 80  ? 9.855   -1.529  -0.064  1.00 52.28  ? 79  VAL A N   1 
ATOM   620  C CA  . VAL A 1 80  ? 10.899  -2.535  0.041   1.00 54.45  ? 79  VAL A CA  1 
ATOM   621  C C   . VAL A 1 80  ? 11.549  -2.410  1.411   1.00 58.17  ? 79  VAL A C   1 
ATOM   622  O O   . VAL A 1 80  ? 11.615  -1.321  1.995   1.00 57.16  ? 79  VAL A O   1 
ATOM   623  C CB  . VAL A 1 80  ? 11.916  -2.390  -1.113  1.00 52.42  ? 79  VAL A CB  1 
ATOM   624  C CG1 . VAL A 1 80  ? 12.553  -1.018  -1.073  1.00 52.35  ? 79  VAL A CG1 1 
ATOM   625  C CG2 . VAL A 1 80  ? 12.970  -3.486  -1.077  1.00 56.37  ? 79  VAL A CG2 1 
ATOM   626  N N   . ALA A 1 81  ? 11.982  -3.552  1.944   1.00 55.40  ? 80  ALA A N   1 
ATOM   627  C CA  . ALA A 1 81  ? 12.639  -3.611  3.247   1.00 57.03  ? 80  ALA A CA  1 
ATOM   628  C C   . ALA A 1 81  ? 14.136  -3.390  3.058   1.00 57.28  ? 80  ALA A C   1 
ATOM   629  O O   . ALA A 1 81  ? 14.841  -4.257  2.529   1.00 55.67  ? 80  ALA A O   1 
ATOM   630  C CB  . ALA A 1 81  ? 12.361  -4.945  3.929   1.00 55.99  ? 80  ALA A CB  1 
ATOM   631  N N   . ASN A 1 82  ? 14.615  -2.227  3.491   1.00 55.87  ? 81  ASN A N   1 
ATOM   632  C CA  . ASN A 1 82  ? 16.010  -1.840  3.328   1.00 61.37  ? 81  ASN A CA  1 
ATOM   633  C C   . ASN A 1 82  ? 16.760  -2.226  4.596   1.00 62.73  ? 81  ASN A C   1 
ATOM   634  O O   . ASN A 1 82  ? 16.474  -1.694  5.674   1.00 62.72  ? 81  ASN A O   1 
ATOM   635  C CB  . ASN A 1 82  ? 16.119  -0.337  3.060   1.00 53.75  ? 81  ASN A CB  1 
ATOM   636  C CG  . ASN A 1 82  ? 17.516  0.086   2.684   1.00 62.20  ? 81  ASN A CG  1 
ATOM   637  O OD1 . ASN A 1 82  ? 18.478  -0.638  2.929   1.00 65.76  ? 81  ASN A OD1 1 
ATOM   638  N ND2 . ASN A 1 82  ? 17.642  1.268   2.083   1.00 60.79  ? 81  ASN A ND2 1 
ATOM   639  N N   . GLU A 1 83  ? 17.705  -3.157  4.473   1.00 65.53  ? 82  GLU A N   1 
ATOM   640  C CA  . GLU A 1 83  ? 18.362  -3.682  5.664   1.00 67.93  ? 82  GLU A CA  1 
ATOM   641  C C   . GLU A 1 83  ? 19.206  -2.638  6.376   1.00 67.14  ? 82  GLU A C   1 
ATOM   642  O O   . GLU A 1 83  ? 19.611  -2.871  7.518   1.00 71.81  ? 82  GLU A O   1 
ATOM   643  C CB  . GLU A 1 83  ? 19.193  -4.906  5.290   1.00 71.52  ? 82  GLU A CB  1 
ATOM   644  C CG  . GLU A 1 83  ? 18.433  -5.843  4.348   1.00 82.58  ? 82  GLU A CG  1 
ATOM   645  C CD  . GLU A 1 83  ? 18.691  -7.331  4.609   1.00 93.59  ? 82  GLU A CD  1 
ATOM   646  O OE1 . GLU A 1 83  ? 18.424  -7.797  5.744   1.00 98.37  ? 82  GLU A OE1 1 
ATOM   647  O OE2 . GLU A 1 83  ? 19.147  -8.037  3.674   1.00 91.52  ? 82  GLU A OE2 1 
ATOM   648  N N   . GLU A 1 84  ? 19.450  -1.488  5.746   1.00 68.69  ? 83  GLU A N   1 
ATOM   649  C CA  . GLU A 1 84  ? 20.061  -0.358  6.432   1.00 69.69  ? 83  GLU A CA  1 
ATOM   650  C C   . GLU A 1 84  ? 19.147  0.240   7.502   1.00 71.93  ? 83  GLU A C   1 
ATOM   651  O O   . GLU A 1 84  ? 19.642  0.893   8.428   1.00 73.32  ? 83  GLU A O   1 
ATOM   652  C CB  . GLU A 1 84  ? 20.453  0.709   5.406   1.00 72.33  ? 83  GLU A CB  1 
ATOM   653  C CG  . GLU A 1 84  ? 21.002  2.014   5.999   1.00 76.81  ? 83  GLU A CG  1 
ATOM   654  C CD  . GLU A 1 84  ? 22.251  2.518   5.287   1.00 80.62  ? 83  GLU A CD  1 
ATOM   655  O OE1 . GLU A 1 84  ? 22.685  3.658   5.569   1.00 85.72  ? 83  GLU A OE1 1 
ATOM   656  O OE2 . GLU A 1 84  ? 22.799  1.773   4.445   1.00 81.49  ? 83  GLU A OE2 1 
ATOM   657  N N   . PHE A 1 85  ? 17.830  0.030   7.407   1.00 67.76  ? 84  PHE A N   1 
ATOM   658  C CA  . PHE A 1 85  ? 16.897  0.504   8.418   1.00 63.63  ? 84  PHE A CA  1 
ATOM   659  C C   . PHE A 1 85  ? 16.119  -0.614  9.079   1.00 64.82  ? 84  PHE A C   1 
ATOM   660  O O   . PHE A 1 85  ? 15.513  -0.385  10.131  1.00 65.52  ? 84  PHE A O   1 
ATOM   661  C CB  . PHE A 1 85  ? 15.901  1.497   7.809   1.00 66.61  ? 84  PHE A CB  1 
ATOM   662  C CG  . PHE A 1 85  ? 16.552  2.593   7.033   1.00 68.01  ? 84  PHE A CG  1 
ATOM   663  C CD1 . PHE A 1 85  ? 16.973  3.744   7.665   1.00 70.10  ? 84  PHE A CD1 1 
ATOM   664  C CD2 . PHE A 1 85  ? 16.744  2.471   5.670   1.00 66.42  ? 84  PHE A CD2 1 
ATOM   665  C CE1 . PHE A 1 85  ? 17.571  4.759   6.947   1.00 72.78  ? 84  PHE A CE1 1 
ATOM   666  C CE2 . PHE A 1 85  ? 17.349  3.474   4.951   1.00 69.66  ? 84  PHE A CE2 1 
ATOM   667  C CZ  . PHE A 1 85  ? 17.761  4.621   5.587   1.00 70.29  ? 84  PHE A CZ  1 
ATOM   668  N N   . VAL A 1 86  ? 16.109  -1.802  8.497   1.00 65.22  ? 85  VAL A N   1 
ATOM   669  C CA  . VAL A 1 86  ? 15.256  -2.893  8.942   1.00 67.59  ? 85  VAL A CA  1 
ATOM   670  C C   . VAL A 1 86  ? 16.153  -3.967  9.528   1.00 72.57  ? 85  VAL A C   1 
ATOM   671  O O   . VAL A 1 86  ? 16.950  -4.583  8.808   1.00 73.26  ? 85  VAL A O   1 
ATOM   672  C CB  . VAL A 1 86  ? 14.412  -3.465  7.799   1.00 65.98  ? 85  VAL A CB  1 
ATOM   673  C CG1 . VAL A 1 86  ? 13.725  -4.753  8.260   1.00 65.30  ? 85  VAL A CG1 1 
ATOM   674  C CG2 . VAL A 1 86  ? 13.411  -2.417  7.297   1.00 62.68  ? 85  VAL A CG2 1 
ATOM   675  N N   . ASP A 1 87  ? 16.015  -4.213  10.826  1.00 70.10  ? 86  ASP A N   1 
ATOM   676  C CA  . ASP A 1 87  ? 16.873  -5.200  11.453  1.00 74.24  ? 86  ASP A CA  1 
ATOM   677  C C   . ASP A 1 87  ? 16.277  -6.588  11.409  1.00 76.31  ? 86  ASP A C   1 
ATOM   678  O O   . ASP A 1 87  ? 17.022  -7.568  11.275  1.00 79.42  ? 86  ASP A O   1 
ATOM   679  C CB  . ASP A 1 87  ? 17.178  -4.793  12.887  1.00 75.12  ? 86  ASP A CB  1 
ATOM   680  C CG  . ASP A 1 87  ? 17.945  -3.506  12.941  1.00 80.85  ? 86  ASP A CG  1 
ATOM   681  O OD1 . ASP A 1 87  ? 17.376  -2.495  13.407  1.00 87.48  ? 86  ASP A OD1 1 
ATOM   682  O OD2 . ASP A 1 87  ? 19.109  -3.494  12.466  1.00 82.99  ? 86  ASP A OD2 1 
ATOM   683  N N   . ASP A 1 88  ? 14.956  -6.711  11.495  1.00 72.93  ? 87  ASP A N   1 
ATOM   684  C CA  . ASP A 1 88  ? 14.326  -8.012  11.308  1.00 72.81  ? 87  ASP A CA  1 
ATOM   685  C C   . ASP A 1 88  ? 13.282  -7.940  10.208  1.00 72.28  ? 87  ASP A C   1 
ATOM   686  O O   . ASP A 1 88  ? 12.268  -7.244  10.348  1.00 69.94  ? 87  ASP A O   1 
ATOM   687  C CB  . ASP A 1 88  ? 13.687  -8.542  12.588  1.00 73.12  ? 87  ASP A CB  1 
ATOM   688  C CG  . ASP A 1 88  ? 13.165  -9.967  12.419  1.00 77.52  ? 87  ASP A CG  1 
ATOM   689  O OD1 . ASP A 1 88  ? 13.388  -10.599 11.343  1.00 81.18  ? 87  ASP A OD1 1 
ATOM   690  O OD2 . ASP A 1 88  ? 12.526  -10.470 13.362  1.00 83.92  ? 87  ASP A OD2 1 
ATOM   691  N N   . ILE A 1 89  ? 13.522  -8.708  9.146   1.00 71.27  ? 88  ILE A N   1 
ATOM   692  C CA  . ILE A 1 89  ? 12.584  -8.826  8.042   1.00 67.94  ? 88  ILE A CA  1 
ATOM   693  C C   . ILE A 1 89  ? 11.224  -9.289  8.536   1.00 69.65  ? 88  ILE A C   1 
ATOM   694  O O   . ILE A 1 89  ? 10.192  -8.883  7.988   1.00 67.12  ? 88  ILE A O   1 
ATOM   695  C CB  . ILE A 1 89  ? 13.166  -9.772  6.972   1.00 67.14  ? 88  ILE A CB  1 
ATOM   696  C CG1 . ILE A 1 89  ? 12.664  -9.363  5.601   1.00 64.98  ? 88  ILE A CG1 1 
ATOM   697  C CG2 . ILE A 1 89  ? 12.847  -11.241 7.260   1.00 70.34  ? 88  ILE A CG2 1 
ATOM   698  C CD1 . ILE A 1 89  ? 13.281  -8.073  5.145   1.00 64.37  ? 88  ILE A CD1 1 
ATOM   699  N N   . GLU A 1 90  ? 11.190  -10.123 9.584   1.00 68.60  ? 89  GLU A N   1 
ATOM   700  C CA  . GLU A 1 90  ? 9.914   -10.630 10.077  1.00 70.78  ? 89  GLU A CA  1 
ATOM   701  C C   . GLU A 1 90  ? 9.129   -9.553  10.814  1.00 66.98  ? 89  GLU A C   1 
ATOM   702  O O   . GLU A 1 90  ? 7.907   -9.461  10.659  1.00 70.41  ? 89  GLU A O   1 
ATOM   703  C CB  . GLU A 1 90  ? 10.136  -11.848 10.974  1.00 74.70  ? 89  GLU A CB  1 
ATOM   704  C CG  . GLU A 1 90  ? 10.506  -13.096 10.206  1.00 72.78  ? 89  GLU A CG  1 
ATOM   705  C CD  . GLU A 1 90  ? 9.455   -13.480 9.164   1.00 80.64  ? 89  GLU A CD  1 
ATOM   706  O OE1 . GLU A 1 90  ? 8.238   -13.262 9.411   1.00 81.24  ? 89  GLU A OE1 1 
ATOM   707  O OE2 . GLU A 1 90  ? 9.851   -14.001 8.091   1.00 80.95  ? 89  GLU A OE2 1 
ATOM   708  N N   . LYS A 1 91  ? 9.800   -8.742  11.634  1.00 67.96  ? 90  LYS A N   1 
ATOM   709  C CA  . LYS A 1 91  ? 9.114   -7.612  12.250  1.00 68.25  ? 90  LYS A CA  1 
ATOM   710  C C   . LYS A 1 91  ? 8.614   -6.640  11.185  1.00 63.13  ? 90  LYS A C   1 
ATOM   711  O O   . LYS A 1 91  ? 7.485   -6.145  11.270  1.00 64.20  ? 90  LYS A O   1 
ATOM   712  C CB  . LYS A 1 91  ? 10.034  -6.907  13.255  1.00 68.88  ? 90  LYS A CB  1 
ATOM   713  C CG  . LYS A 1 91  ? 9.993   -7.478  14.679  1.00 77.94  ? 90  LYS A CG  1 
ATOM   714  C CD  . LYS A 1 91  ? 11.268  -7.135  15.459  1.00 81.23  ? 90  LYS A CD  1 
ATOM   715  C CE  . LYS A 1 91  ? 11.642  -8.257  16.405  1.00 82.61  ? 90  LYS A CE  1 
ATOM   716  N NZ  . LYS A 1 91  ? 13.046  -8.672  16.160  1.00 78.81  ? 90  LYS A NZ  1 
ATOM   717  N N   . TRP A 1 92  ? 9.427   -6.373  10.159  1.00 62.47  ? 91  TRP A N   1 
ATOM   718  C CA  . TRP A 1 92  ? 8.975   -5.507  9.070   1.00 61.73  ? 91  TRP A CA  1 
ATOM   719  C C   . TRP A 1 92  ? 7.782   -6.123  8.347   1.00 59.31  ? 91  TRP A C   1 
ATOM   720  O O   . TRP A 1 92  ? 6.755   -5.465  8.147   1.00 58.96  ? 91  TRP A O   1 
ATOM   721  C CB  . TRP A 1 92  ? 10.127  -5.245  8.105   1.00 60.87  ? 91  TRP A CB  1 
ATOM   722  C CG  . TRP A 1 92  ? 9.783   -4.388  6.925   1.00 60.55  ? 91  TRP A CG  1 
ATOM   723  C CD1 . TRP A 1 92  ? 9.824   -3.022  6.849   1.00 56.51  ? 91  TRP A CD1 1 
ATOM   724  C CD2 . TRP A 1 92  ? 9.377   -4.852  5.636   1.00 56.48  ? 91  TRP A CD2 1 
ATOM   725  N NE1 . TRP A 1 92  ? 9.462   -2.609  5.590   1.00 55.39  ? 91  TRP A NE1 1 
ATOM   726  C CE2 . TRP A 1 92  ? 9.179   -3.714  4.828   1.00 53.94  ? 91  TRP A CE2 1 
ATOM   727  C CE3 . TRP A 1 92  ? 9.157   -6.124  5.089   1.00 55.82  ? 91  TRP A CE3 1 
ATOM   728  C CZ2 . TRP A 1 92  ? 8.771   -3.808  3.504   1.00 55.76  ? 91  TRP A CZ2 1 
ATOM   729  C CZ3 . TRP A 1 92  ? 8.757   -6.218  3.771   1.00 57.45  ? 91  TRP A CZ3 1 
ATOM   730  C CH2 . TRP A 1 92  ? 8.566   -5.067  2.992   1.00 57.10  ? 91  TRP A CH2 1 
ATOM   731  N N   . LYS A 1 93  ? 7.892   -7.405  7.991   1.00 60.58  ? 92  LYS A N   1 
ATOM   732  C CA  . LYS A 1 93  ? 6.813   -8.104  7.302   1.00 59.67  ? 92  LYS A CA  1 
ATOM   733  C C   . LYS A 1 93  ? 5.515   -8.090  8.113   1.00 64.52  ? 92  LYS A C   1 
ATOM   734  O O   . LYS A 1 93  ? 4.421   -7.972  7.544   1.00 60.37  ? 92  LYS A O   1 
ATOM   735  C CB  . LYS A 1 93  ? 7.257   -9.530  6.995   1.00 57.20  ? 92  LYS A CB  1 
ATOM   736  C CG  . LYS A 1 93  ? 6.220   -10.398 6.350   1.00 61.42  ? 92  LYS A CG  1 
ATOM   737  C CD  . LYS A 1 93  ? 6.891   -11.602 5.727   1.00 61.88  ? 92  LYS A CD  1 
ATOM   738  C CE  . LYS A 1 93  ? 5.859   -12.618 5.295   1.00 64.57  ? 92  LYS A CE  1 
ATOM   739  N NZ  . LYS A 1 93  ? 6.483   -13.924 4.933   1.00 68.42  ? 92  LYS A NZ  1 
ATOM   740  N N   . ASP A 1 94  ? 5.611   -8.189  9.443   1.00 64.63  ? 93  ASP A N   1 
ATOM   741  C CA  . ASP A 1 94  ? 4.409   -8.118  10.270  1.00 63.28  ? 93  ASP A CA  1 
ATOM   742  C C   . ASP A 1 94  ? 3.859   -6.704  10.336  1.00 58.46  ? 93  ASP A C   1 
ATOM   743  O O   . ASP A 1 94  ? 2.646   -6.514  10.480  1.00 61.04  ? 93  ASP A O   1 
ATOM   744  C CB  . ASP A 1 94  ? 4.703   -8.613  11.689  1.00 67.21  ? 93  ASP A CB  1 
ATOM   745  C CG  . ASP A 1 94  ? 5.010   -10.099 11.743  1.00 72.44  ? 93  ASP A CG  1 
ATOM   746  O OD1 . ASP A 1 94  ? 4.565   -10.847 10.835  1.00 77.55  ? 93  ASP A OD1 1 
ATOM   747  O OD2 . ASP A 1 94  ? 5.697   -10.515 12.703  1.00 75.51  ? 93  ASP A OD2 1 
ATOM   748  N N   . THR A 1 95  ? 4.736   -5.708  10.264  1.00 54.68  ? 94  THR A N   1 
ATOM   749  C CA  . THR A 1 95  ? 4.299   -4.323  10.297  1.00 57.39  ? 94  THR A CA  1 
ATOM   750  C C   . THR A 1 95  ? 3.577   -3.944  9.012   1.00 55.76  ? 94  THR A C   1 
ATOM   751  O O   . THR A 1 95  ? 2.580   -3.212  9.048   1.00 56.08  ? 94  THR A O   1 
ATOM   752  C CB  . THR A 1 95  ? 5.505   -3.424  10.511  1.00 58.10  ? 94  THR A CB  1 
ATOM   753  O OG1 . THR A 1 95  ? 6.262   -3.927  11.613  1.00 62.14  ? 94  THR A OG1 1 
ATOM   754  C CG2 . THR A 1 95  ? 5.073   -2.021  10.802  1.00 55.10  ? 94  THR A CG2 1 
ATOM   755  N N   . VAL A 1 96  ? 4.079   -4.422  7.871   1.00 55.42  ? 95  VAL A N   1 
ATOM   756  C CA  . VAL A 1 96  ? 3.406   -4.195  6.592   1.00 55.87  ? 95  VAL A CA  1 
ATOM   757  C C   . VAL A 1 96  ? 2.004   -4.803  6.619   1.00 55.57  ? 95  VAL A C   1 
ATOM   758  O O   . VAL A 1 96  ? 1.011   -4.130  6.317   1.00 53.84  ? 95  VAL A O   1 
ATOM   759  C CB  . VAL A 1 96  ? 4.260   -4.759  5.438   1.00 52.57  ? 95  VAL A CB  1 
ATOM   760  C CG1 . VAL A 1 96  ? 3.507   -4.717  4.128   1.00 51.12  ? 95  VAL A CG1 1 
ATOM   761  C CG2 . VAL A 1 96  ? 5.567   -3.974  5.313   1.00 55.51  ? 95  VAL A CG2 1 
ATOM   762  N N   . ILE A 1 97  ? 1.906   -6.080  7.017   1.00 54.53  ? 96  ILE A N   1 
ATOM   763  C CA  . ILE A 1 97  ? 0.605   -6.731  7.155   1.00 57.71  ? 96  ILE A CA  1 
ATOM   764  C C   . ILE A 1 97  ? -0.307  -5.922  8.069   1.00 56.20  ? 96  ILE A C   1 
ATOM   765  O O   . ILE A 1 97  ? -1.490  -5.727  7.768   1.00 56.85  ? 96  ILE A O   1 
ATOM   766  C CB  . ILE A 1 97  ? 0.783   -8.181  7.652   1.00 58.01  ? 96  ILE A CB  1 
ATOM   767  C CG1 . ILE A 1 97  ? 1.408   -9.031  6.558   1.00 57.85  ? 96  ILE A CG1 1 
ATOM   768  C CG2 . ILE A 1 97  ? -0.543  -8.799  8.065   1.00 57.13  ? 96  ILE A CG2 1 
ATOM   769  C CD1 . ILE A 1 97  ? 1.702   -10.435 6.996   1.00 64.83  ? 96  ILE A CD1 1 
ATOM   770  N N   . LYS A 1 98  ? 0.227   -5.418  9.188   1.00 58.55  ? 97  LYS A N   1 
ATOM   771  C CA  . LYS A 1 98  ? -0.568  -4.569  10.074  1.00 56.56  ? 97  LYS A CA  1 
ATOM   772  C C   . LYS A 1 98  ? -1.077  -3.338  9.341   1.00 56.29  ? 97  LYS A C   1 
ATOM   773  O O   . LYS A 1 98  ? -2.249  -2.966  9.470   1.00 55.84  ? 97  LYS A O   1 
ATOM   774  C CB  . LYS A 1 98  ? 0.255   -4.117  11.285  1.00 61.17  ? 97  LYS A CB  1 
ATOM   775  C CG  . LYS A 1 98  ? 0.282   -5.031  12.494  1.00 70.58  ? 97  LYS A CG  1 
ATOM   776  C CD  . LYS A 1 98  ? 0.918   -4.282  13.680  1.00 73.14  ? 97  LYS A CD  1 
ATOM   777  C CE  . LYS A 1 98  ? 1.537   -5.228  14.706  1.00 80.89  ? 97  LYS A CE  1 
ATOM   778  N NZ  . LYS A 1 98  ? 0.521   -6.056  15.430  1.00 88.44  ? 97  LYS A NZ  1 
ATOM   779  N N   . LEU A 1 99  ? -0.186  -2.648  8.619   1.00 55.75  ? 98  LEU A N   1 
ATOM   780  C CA  . LEU A 1 99  ? -0.599  -1.442  7.915   1.00 52.75  ? 98  LEU A CA  1 
ATOM   781  C C   . LEU A 1 99  ? -1.580  -1.780  6.799   1.00 50.71  ? 98  LEU A C   1 
ATOM   782  O O   . LEU A 1 99  ? -2.536  -1.038  6.561   1.00 53.31  ? 98  LEU A O   1 
ATOM   783  C CB  . LEU A 1 99  ? 0.627   -0.707  7.377   1.00 50.17  ? 98  LEU A CB  1 
ATOM   784  C CG  . LEU A 1 99  ? 1.555   -0.187  8.477   1.00 52.19  ? 98  LEU A CG  1 
ATOM   785  C CD1 . LEU A 1 99  ? 2.876   0.266   7.897   1.00 53.59  ? 98  LEU A CD1 1 
ATOM   786  C CD2 . LEU A 1 99  ? 0.900   0.948   9.253   1.00 52.23  ? 98  LEU A CD2 1 
ATOM   787  N N   . ALA A 1 100 ? -1.381  -2.917  6.133   1.00 51.11  ? 99  ALA A N   1 
ATOM   788  C CA  . ALA A 1 100 ? -2.308  -3.324  5.085   1.00 52.95  ? 99  ALA A CA  1 
ATOM   789  C C   . ALA A 1 100 ? -3.720  -3.477  5.639   1.00 54.51  ? 99  ALA A C   1 
ATOM   790  O O   . ALA A 1 100 ? -4.685  -2.958  5.067   1.00 53.87  ? 99  ALA A O   1 
ATOM   791  C CB  . ALA A 1 100 ? -1.825  -4.622  4.442   1.00 48.36  ? 99  ALA A CB  1 
ATOM   792  N N   . LYS A 1 101 ? -3.855  -4.154  6.781   1.00 56.17  ? 100 LYS A N   1 
ATOM   793  C CA  . LYS A 1 101 ? -5.183  -4.345  7.352   1.00 56.55  ? 100 LYS A CA  1 
ATOM   794  C C   . LYS A 1 101 ? -5.761  -3.026  7.834   1.00 54.38  ? 100 LYS A C   1 
ATOM   795  O O   . LYS A 1 101 ? -6.959  -2.773  7.677   1.00 53.52  ? 100 LYS A O   1 
ATOM   796  C CB  . LYS A 1 101 ? -5.125  -5.374  8.484   1.00 55.01  ? 100 LYS A CB  1 
ATOM   797  C CG  . LYS A 1 101 ? -4.553  -6.692  8.025   1.00 57.66  ? 100 LYS A CG  1 
ATOM   798  C CD  . LYS A 1 101 ? -5.057  -7.854  8.838   1.00 58.23  ? 100 LYS A CD  1 
ATOM   799  C CE  . LYS A 1 101 ? -4.217  -8.064  10.044  1.00 63.24  ? 100 LYS A CE  1 
ATOM   800  N NZ  . LYS A 1 101 ? -3.716  -9.464  10.042  1.00 69.78  ? 100 LYS A NZ  1 
ATOM   801  N N   . GLU A 1 102 ? -4.921  -2.155  8.390   1.00 52.16  ? 101 GLU A N   1 
ATOM   802  C CA  . GLU A 1 102 ? -5.429  -0.855  8.794   1.00 54.44  ? 101 GLU A CA  1 
ATOM   803  C C   . GLU A 1 102 ? -5.832  -0.017  7.587   1.00 54.38  ? 101 GLU A C   1 
ATOM   804  O O   . GLU A 1 102 ? -6.831  0.707   7.637   1.00 54.88  ? 101 GLU A O   1 
ATOM   805  C CB  . GLU A 1 102 ? -4.392  -0.121  9.637   1.00 56.34  ? 101 GLU A CB  1 
ATOM   806  C CG  . GLU A 1 102 ? -4.860  1.257   10.096  1.00 59.58  ? 101 GLU A CG  1 
ATOM   807  C CD  . GLU A 1 102 ? -6.130  1.215   10.958  1.00 66.64  ? 101 GLU A CD  1 
ATOM   808  O OE1 . GLU A 1 102 ? -6.342  0.215   11.681  1.00 67.59  ? 101 GLU A OE1 1 
ATOM   809  O OE2 . GLU A 1 102 ? -6.920  2.189   10.912  1.00 68.56  ? 101 GLU A OE2 1 
ATOM   810  N N   . LEU A 1 103 ? -5.069  -0.092  6.492   1.00 55.46  ? 102 LEU A N   1 
ATOM   811  C CA  . LEU A 1 103 ? -5.448  0.666   5.298   1.00 55.34  ? 102 LEU A CA  1 
ATOM   812  C C   . LEU A 1 103 ? -6.777  0.171   4.755   1.00 51.96  ? 102 LEU A C   1 
ATOM   813  O O   . LEU A 1 103 ? -7.633  0.967   4.345   1.00 52.18  ? 102 LEU A O   1 
ATOM   814  C CB  . LEU A 1 103 ? -4.367  0.549   4.221   1.00 50.28  ? 102 LEU A CB  1 
ATOM   815  C CG  . LEU A 1 103 ? -4.704  1.229   2.886   1.00 50.53  ? 102 LEU A CG  1 
ATOM   816  C CD1 . LEU A 1 103 ? -4.746  2.751   3.020   1.00 47.12  ? 102 LEU A CD1 1 
ATOM   817  C CD2 . LEU A 1 103 ? -3.719  0.795   1.803   1.00 44.19  ? 102 LEU A CD2 1 
ATOM   818  N N   . LYS A 1 104 ? -6.961  -1.151  4.748   1.00 53.94  ? 103 LYS A N   1 
ATOM   819  C CA  . LYS A 1 104 ? -8.240  -1.723  4.352   1.00 55.73  ? 103 LYS A CA  1 
ATOM   820  C C   . LYS A 1 104 ? -9.366  -1.157  5.198   1.00 54.82  ? 103 LYS A C   1 
ATOM   821  O O   . LYS A 1 104 ? -10.426 -0.805  4.677   1.00 55.62  ? 103 LYS A O   1 
ATOM   822  C CB  . LYS A 1 104 ? -8.190  -3.247  4.468   1.00 56.51  ? 103 LYS A CB  1 
ATOM   823  C CG  . LYS A 1 104 ? -9.542  -3.953  4.351   1.00 54.77  ? 103 LYS A CG  1 
ATOM   824  C CD  . LYS A 1 104 ? -9.361  -5.442  4.604   1.00 60.13  ? 103 LYS A CD  1 
ATOM   825  C CE  . LYS A 1 104 ? -10.631 -6.235  4.371   1.00 62.40  ? 103 LYS A CE  1 
ATOM   826  N NZ  . LYS A 1 104 ? -11.748 -5.749  5.223   1.00 61.47  ? 103 LYS A NZ  1 
ATOM   827  N N   . ASN A 1 105 ? -9.140  -1.016  6.498   1.00 55.13  ? 104 ASN A N   1 
ATOM   828  C CA  . ASN A 1 105 ? -10.188 -0.465  7.348   1.00 57.23  ? 104 ASN A CA  1 
ATOM   829  C C   . ASN A 1 105 ? -10.408 1.014   7.067   1.00 57.80  ? 104 ASN A C   1 
ATOM   830  O O   . ASN A 1 105 ? -11.551 1.468   6.935   1.00 59.43  ? 104 ASN A O   1 
ATOM   831  C CB  . ASN A 1 105 ? -9.852  -0.691  8.819   1.00 61.29  ? 104 ASN A CB  1 
ATOM   832  C CG  . ASN A 1 105 ? -10.030 -2.138  9.232   1.00 73.64  ? 104 ASN A CG  1 
ATOM   833  O OD1 . ASN A 1 105 ? -9.413  -2.595  10.198  1.00 82.95  ? 104 ASN A OD1 1 
ATOM   834  N ND2 . ASN A 1 105 ? -10.877 -2.877  8.497   1.00 71.00  ? 104 ASN A ND2 1 
ATOM   835  N N   . GLN A 1 106 ? -9.335  1.790   6.975   1.00 55.72  ? 105 GLN A N   1 
ATOM   836  C CA  . GLN A 1 106 ? -9.527  3.217   6.758   1.00 52.82  ? 105 GLN A CA  1 
ATOM   837  C C   . GLN A 1 106 ? -10.132 3.496   5.395   1.00 52.82  ? 105 GLN A C   1 
ATOM   838  O O   . GLN A 1 106 ? -10.874 4.468   5.237   1.00 57.22  ? 105 GLN A O   1 
ATOM   839  C CB  . GLN A 1 106 ? -8.201  3.947   6.902   1.00 56.33  ? 105 GLN A CB  1 
ATOM   840  C CG  . GLN A 1 106 ? -7.550  3.713   8.219   1.00 59.16  ? 105 GLN A CG  1 
ATOM   841  C CD  . GLN A 1 106 ? -7.625  4.908   9.110   1.00 59.11  ? 105 GLN A CD  1 
ATOM   842  O OE1 . GLN A 1 106 ? -7.724  6.043   8.642   1.00 60.21  ? 105 GLN A OE1 1 
ATOM   843  N NE2 . GLN A 1 106 ? -7.570  4.670   10.409  1.00 63.53  ? 105 GLN A NE2 1 
ATOM   844  N N   . MET A 1 107 ? -9.819  2.679   4.398   1.00 54.55  ? 106 MET A N   1 
ATOM   845  C CA  . MET A 1 107 ? -10.390 2.870   3.069   1.00 54.63  ? 106 MET A CA  1 
ATOM   846  C C   . MET A 1 107 ? -11.776 2.241   2.913   1.00 57.07  ? 106 MET A C   1 
ATOM   847  O O   . MET A 1 107 ? -12.349 2.322   1.823   1.00 56.41  ? 106 MET A O   1 
ATOM   848  C CB  . MET A 1 107 ? -9.452  2.303   1.992   1.00 52.77  ? 106 MET A CB  1 
ATOM   849  C CG  . MET A 1 107 ? -8.142  3.065   1.804   1.00 50.63  ? 106 MET A CG  1 
ATOM   850  S SD  . MET A 1 107 ? -8.341  4.813   1.429   1.00 58.19  ? 106 MET A SD  1 
ATOM   851  C CE  . MET A 1 107 ? -9.271  4.821   -0.113  1.00 55.81  ? 106 MET A CE  1 
ATOM   852  N N   . LYS A 1 108 ? -12.322 1.627   3.968   1.00 56.85  ? 107 LYS A N   1 
ATOM   853  C CA  . LYS A 1 108 ? -13.616 0.937   3.928   1.00 58.94  ? 107 LYS A CA  1 
ATOM   854  C C   . LYS A 1 108 ? -13.699 -0.033  2.744   1.00 59.50  ? 107 LYS A C   1 
ATOM   855  O O   . LYS A 1 108 ? -14.609 0.028   1.918   1.00 62.28  ? 107 LYS A O   1 
ATOM   856  C CB  . LYS A 1 108 ? -14.762 1.948   3.893   1.00 61.40  ? 107 LYS A CB  1 
ATOM   857  C CG  . LYS A 1 108 ? -14.603 3.099   4.864   1.00 63.02  ? 107 LYS A CG  1 
ATOM   858  C CD  . LYS A 1 108 ? -15.080 2.740   6.246   1.00 55.94  ? 107 LYS A CD  1 
ATOM   859  C CE  . LYS A 1 108 ? -15.018 3.964   7.129   1.00 63.64  ? 107 LYS A CE  1 
ATOM   860  N NZ  . LYS A 1 108 ? -15.852 3.820   8.346   1.00 69.60  ? 107 LYS A NZ  1 
ATOM   861  N N   . GLN A 1 109 ? -12.729 -0.936  2.660   1.00 58.14  ? 108 GLN A N   1 
ATOM   862  C CA  . GLN A 1 109 ? -12.635 -1.879  1.556   1.00 56.53  ? 108 GLN A CA  1 
ATOM   863  C C   . GLN A 1 109 ? -13.234 -3.217  1.961   1.00 60.39  ? 108 GLN A C   1 
ATOM   864  O O   . GLN A 1 109 ? -12.979 -3.708  3.065   1.00 60.13  ? 108 GLN A O   1 
ATOM   865  C CB  . GLN A 1 109 ? -11.176 -2.083  1.133   1.00 54.81  ? 108 GLN A CB  1 
ATOM   866  C CG  . GLN A 1 109 ? -10.567 -0.924  0.354   1.00 55.28  ? 108 GLN A CG  1 
ATOM   867  C CD  . GLN A 1 109 ? -11.319 -0.658  -0.921  1.00 56.42  ? 108 GLN A CD  1 
ATOM   868  O OE1 . GLN A 1 109 ? -11.930 0.400   -1.084  1.00 61.07  ? 108 GLN A OE1 1 
ATOM   869  N NE2 . GLN A 1 109 ? -11.313 -1.630  -1.827  1.00 62.46  ? 108 GLN A NE2 1 
ATOM   870  N N   . SER A 1 110 ? -14.021 -3.815  1.058   1.00 57.38  ? 109 SER A N   1 
ATOM   871  C CA  . SER A 1 110 ? -14.491 -5.181  1.285   1.00 59.11  ? 109 SER A CA  1 
ATOM   872  C C   . SER A 1 110 ? -13.331 -6.165  1.276   1.00 61.31  ? 109 SER A C   1 
ATOM   873  O O   . SER A 1 110 ? -13.306 -7.112  2.072   1.00 64.59  ? 109 SER A O   1 
ATOM   874  C CB  . SER A 1 110 ? -15.508 -5.586  0.221   1.00 54.82  ? 109 SER A CB  1 
ATOM   875  O OG  . SER A 1 110 ? -16.329 -4.485  -0.127  1.00 68.61  ? 109 SER A OG  1 
ATOM   876  N N   . THR A 1 111 ? -12.380 -5.977  0.359   1.00 55.13  ? 110 THR A N   1 
ATOM   877  C CA  . THR A 1 111 ? -11.221 -6.846  0.227   1.00 57.38  ? 110 THR A CA  1 
ATOM   878  C C   . THR A 1 111 ? -9.993  -5.981  -0.022  1.00 54.05  ? 110 THR A C   1 
ATOM   879  O O   . THR A 1 111 ? -10.093 -4.795  -0.353  1.00 56.48  ? 110 THR A O   1 
ATOM   880  C CB  . THR A 1 111 ? -11.384 -7.887  -0.907  1.00 59.72  ? 110 THR A CB  1 
ATOM   881  O OG1 . THR A 1 111 ? -11.599 -7.231  -2.163  1.00 62.20  ? 110 THR A OG1 1 
ATOM   882  C CG2 . THR A 1 111 ? -12.561 -8.791  -0.633  1.00 62.46  ? 110 THR A CG2 1 
ATOM   883  N N   . LEU A 1 112 ? -8.825  -6.593  0.146   1.00 53.79  ? 111 LEU A N   1 
ATOM   884  C CA  . LEU A 1 112 ? -7.540  -5.951  -0.080  1.00 51.88  ? 111 LEU A CA  1 
ATOM   885  C C   . LEU A 1 112 ? -6.497  -7.047  -0.169  1.00 54.46  ? 111 LEU A C   1 
ATOM   886  O O   . LEU A 1 112 ? -6.599  -8.045  0.543   1.00 59.09  ? 111 LEU A O   1 
ATOM   887  C CB  . LEU A 1 112 ? -7.203  -4.956  1.049   1.00 52.11  ? 111 LEU A CB  1 
ATOM   888  C CG  . LEU A 1 112 ? -5.929  -4.119  0.899   1.00 53.08  ? 111 LEU A CG  1 
ATOM   889  C CD1 . LEU A 1 112 ? -6.168  -2.679  1.264   1.00 51.21  ? 111 LEU A CD1 1 
ATOM   890  C CD2 . LEU A 1 112 ? -4.809  -4.687  1.764   1.00 55.05  ? 111 LEU A CD2 1 
ATOM   891  N N   . THR A 1 113 ? -5.525  -6.879  -1.061  1.00 51.77  ? 112 THR A N   1 
ATOM   892  C CA  . THR A 1 113 ? -4.431  -7.825  -1.221  1.00 49.80  ? 112 THR A CA  1 
ATOM   893  C C   . THR A 1 113 ? -3.118  -7.186  -0.795  1.00 52.56  ? 112 THR A C   1 
ATOM   894  O O   . THR A 1 113 ? -2.890  -5.993  -1.024  1.00 52.53  ? 112 THR A O   1 
ATOM   895  C CB  . THR A 1 113 ? -4.286  -8.298  -2.665  1.00 52.17  ? 112 THR A CB  1 
ATOM   896  O OG1 . THR A 1 113 ? -3.994  -7.172  -3.498  1.00 52.48  ? 112 THR A OG1 1 
ATOM   897  C CG2 . THR A 1 113 ? -5.563  -8.953  -3.153  1.00 58.11  ? 112 THR A CG2 1 
ATOM   898  N N   . CYS A 1 114 ? -2.253  -7.999  -0.195  1.00 53.48  ? 113 CYS A N   1 
ATOM   899  C CA  . CYS A 1 114 ? -0.903  -7.600  0.172   1.00 50.60  ? 113 CYS A CA  1 
ATOM   900  C C   . CYS A 1 114 ? 0.036   -8.730  -0.219  1.00 55.31  ? 113 CYS A C   1 
ATOM   901  O O   . CYS A 1 114 ? -0.082  -9.841  0.303   1.00 54.89  ? 113 CYS A O   1 
ATOM   902  C CB  . CYS A 1 114 ? -0.805  -7.311  1.669   1.00 51.37  ? 113 CYS A CB  1 
ATOM   903  S SG  . CYS A 1 114 ? 0.834   -6.731  2.191   1.00 57.99  ? 113 CYS A SG  1 
ATOM   904  N N   . GLU A 1 115 ? 0.958   -8.464  -1.132  1.00 50.55  ? 114 GLU A N   1 
ATOM   905  C CA  . GLU A 1 115 ? 1.892   -9.472  -1.598  1.00 53.57  ? 114 GLU A CA  1 
ATOM   906  C C   . GLU A 1 115 ? 3.299   -9.155  -1.127  1.00 57.08  ? 114 GLU A C   1 
ATOM   907  O O   . GLU A 1 115 ? 3.677   -7.988  -1.008  1.00 56.93  ? 114 GLU A O   1 
ATOM   908  C CB  . GLU A 1 115 ? 1.916   -9.550  -3.110  1.00 52.87  ? 114 GLU A CB  1 
ATOM   909  C CG  . GLU A 1 115 ? 0.683   -10.124 -3.718  1.00 57.35  ? 114 GLU A CG  1 
ATOM   910  C CD  . GLU A 1 115 ? 0.590   -9.761  -5.188  1.00 59.40  ? 114 GLU A CD  1 
ATOM   911  O OE1 . GLU A 1 115 ? -0.371  -9.056  -5.569  1.00 62.33  ? 114 GLU A OE1 1 
ATOM   912  O OE2 . GLU A 1 115 ? 1.495   -10.158 -5.962  1.00 57.86  ? 114 GLU A OE2 1 
ATOM   913  N N   . PHE A 1 116 ? 4.079   -10.206 -0.880  1.00 52.67  ? 115 PHE A N   1 
ATOM   914  C CA  . PHE A 1 116 ? 5.503   -10.058 -0.637  1.00 53.05  ? 115 PHE A CA  1 
ATOM   915  C C   . PHE A 1 116 ? 6.252   -10.809 -1.715  1.00 55.31  ? 115 PHE A C   1 
ATOM   916  O O   . PHE A 1 116 ? 5.849   -11.904 -2.123  1.00 53.31  ? 115 PHE A O   1 
ATOM   917  C CB  . PHE A 1 116 ? 5.909   -10.559 0.742   1.00 52.92  ? 115 PHE A CB  1 
ATOM   918  C CG  . PHE A 1 116 ? 5.265   -9.809  1.850   1.00 55.55  ? 115 PHE A CG  1 
ATOM   919  C CD1 . PHE A 1 116 ? 5.799   -8.608  2.286   1.00 54.05  ? 115 PHE A CD1 1 
ATOM   920  C CD2 . PHE A 1 116 ? 4.104   -10.285 2.440   1.00 54.95  ? 115 PHE A CD2 1 
ATOM   921  C CE1 . PHE A 1 116 ? 5.202   -7.895  3.302   1.00 54.58  ? 115 PHE A CE1 1 
ATOM   922  C CE2 . PHE A 1 116 ? 3.498   -9.580  3.461   1.00 58.76  ? 115 PHE A CE2 1 
ATOM   923  C CZ  . PHE A 1 116 ? 4.047   -8.374  3.892   1.00 56.59  ? 115 PHE A CZ  1 
ATOM   924  N N   . ILE A 1 117 ? 7.328   -10.195 -2.188  1.00 53.17  ? 116 ILE A N   1 
ATOM   925  C CA  . ILE A 1 117 ? 8.111   -10.712 -3.295  1.00 55.60  ? 116 ILE A CA  1 
ATOM   926  C C   . ILE A 1 117 ? 9.582   -10.648 -2.907  1.00 57.03  ? 116 ILE A C   1 
ATOM   927  O O   . ILE A 1 117 ? 10.048  -9.643  -2.356  1.00 54.13  ? 116 ILE A O   1 
ATOM   928  C CB  . ILE A 1 117 ? 7.837   -9.917  -4.585  1.00 54.95  ? 116 ILE A CB  1 
ATOM   929  C CG1 . ILE A 1 117 ? 6.399   -10.185 -5.044  1.00 56.13  ? 116 ILE A CG1 1 
ATOM   930  C CG2 . ILE A 1 117 ? 8.850   -10.281 -5.654  1.00 53.82  ? 116 ILE A CG2 1 
ATOM   931  C CD1 . ILE A 1 117 ? 5.874   -9.203  -6.077  1.00 57.99  ? 116 ILE A CD1 1 
ATOM   932  N N   . GLU A 1 118 ? 10.297  -11.737 -3.164  1.00 56.64  ? 117 GLU A N   1 
ATOM   933  C CA  . GLU A 1 118 ? 11.723  -11.794 -2.892  1.00 61.02  ? 117 GLU A CA  1 
ATOM   934  C C   . GLU A 1 118 ? 12.449  -10.906 -3.882  1.00 57.18  ? 117 GLU A C   1 
ATOM   935  O O   . GLU A 1 118 ? 12.198  -10.967 -5.086  1.00 55.29  ? 117 GLU A O   1 
ATOM   936  C CB  . GLU A 1 118 ? 12.225  -13.234 -3.016  1.00 66.95  ? 117 GLU A CB  1 
ATOM   937  C CG  . GLU A 1 118 ? 12.979  -13.793 -1.814  1.00 77.46  ? 117 GLU A CG  1 
ATOM   938  C CD  . GLU A 1 118 ? 13.005  -15.331 -1.806  1.00 86.81  ? 117 GLU A CD  1 
ATOM   939  O OE1 . GLU A 1 118 ? 12.289  -15.942 -0.976  1.00 91.49  ? 117 GLU A OE1 1 
ATOM   940  O OE2 . GLU A 1 118 ? 13.726  -15.924 -2.645  1.00 88.85  ? 117 GLU A OE2 1 
ATOM   941  N N   . THR A 1 119 ? 13.365  -10.094 -3.382  1.00 55.70  ? 118 THR A N   1 
ATOM   942  C CA  . THR A 1 119 ? 14.028  -9.153  -4.257  1.00 57.40  ? 118 THR A CA  1 
ATOM   943  C C   . THR A 1 119 ? 15.442  -8.941  -3.747  1.00 57.68  ? 118 THR A C   1 
ATOM   944  O O   . THR A 1 119 ? 15.714  -9.087  -2.554  1.00 61.76  ? 118 THR A O   1 
ATOM   945  C CB  . THR A 1 119 ? 13.252  -7.825  -4.331  1.00 53.54  ? 118 THR A CB  1 
ATOM   946  O OG1 . THR A 1 119 ? 13.929  -6.931  -5.217  1.00 57.21  ? 118 THR A OG1 1 
ATOM   947  C CG2 . THR A 1 119 ? 13.150  -7.176  -2.968  1.00 54.74  ? 118 THR A CG2 1 
ATOM   948  N N   . GLU A 1 120 ? 16.343  -8.610  -4.665  1.00 56.07  ? 119 GLU A N   1 
ATOM   949  C CA  . GLU A 1 120 ? 17.723  -8.283  -4.329  1.00 59.61  ? 119 GLU A CA  1 
ATOM   950  C C   . GLU A 1 120 ? 17.903  -6.779  -4.475  1.00 57.05  ? 119 GLU A C   1 
ATOM   951  O O   . GLU A 1 120 ? 17.888  -6.250  -5.593  1.00 56.15  ? 119 GLU A O   1 
ATOM   952  C CB  . GLU A 1 120 ? 18.701  -9.044  -5.220  1.00 60.56  ? 119 GLU A CB  1 
ATOM   953  C CG  . GLU A 1 120 ? 20.150  -8.622  -5.037  1.00 63.36  ? 119 GLU A CG  1 
ATOM   954  C CD  . GLU A 1 120 ? 21.074  -9.347  -5.993  1.00 65.57  ? 119 GLU A CD  1 
ATOM   955  O OE1 . GLU A 1 120 ? 21.117  -10.592 -5.939  1.00 70.39  ? 119 GLU A OE1 1 
ATOM   956  O OE2 . GLU A 1 120 ? 21.737  -8.679  -6.816  1.00 67.92  ? 119 GLU A OE2 1 
ATOM   957  N N   . LEU A 1 121 ? 18.087  -6.096  -3.343  1.00 60.72  ? 120 LEU A N   1 
ATOM   958  C CA  . LEU A 1 121 ? 18.087  -4.637  -3.269  1.00 58.54  ? 120 LEU A CA  1 
ATOM   959  C C   . LEU A 1 121 ? 19.507  -4.095  -3.326  1.00 62.50  ? 120 LEU A C   1 
ATOM   960  O O   . LEU A 1 121 ? 20.373  -4.538  -2.570  1.00 64.46  ? 120 LEU A O   1 
ATOM   961  C CB  . LEU A 1 121 ? 17.419  -4.163  -1.979  1.00 51.71  ? 120 LEU A CB  1 
ATOM   962  C CG  . LEU A 1 121 ? 17.519  -2.670  -1.699  1.00 54.07  ? 120 LEU A CG  1 
ATOM   963  C CD1 . LEU A 1 121 ? 16.700  -1.910  -2.705  1.00 51.17  ? 120 LEU A CD1 1 
ATOM   964  C CD2 . LEU A 1 121 ? 17.004  -2.399  -0.318  1.00 56.06  ? 120 LEU A CD2 1 
ATOM   965  N N   . HIS A 1 122 ? 19.731  -3.122  -4.203  1.00 59.79  ? 121 HIS A N   1 
ATOM   966  C CA  . HIS A 1 122 ? 20.971  -2.358  -4.239  1.00 58.21  ? 121 HIS A CA  1 
ATOM   967  C C   . HIS A 1 122 ? 20.641  -0.924  -3.861  1.00 58.86  ? 121 HIS A C   1 
ATOM   968  O O   . HIS A 1 122 ? 19.827  -0.273  -4.521  1.00 59.31  ? 121 HIS A O   1 
ATOM   969  C CB  . HIS A 1 122 ? 21.628  -2.416  -5.618  1.00 57.03  ? 121 HIS A CB  1 
ATOM   970  C CG  . HIS A 1 122 ? 22.045  -3.792  -6.035  1.00 61.96  ? 121 HIS A CG  1 
ATOM   971  N ND1 . HIS A 1 122 ? 23.365  -4.140  -6.232  1.00 66.38  ? 121 HIS A ND1 1 
ATOM   972  C CD2 . HIS A 1 122 ? 21.317  -4.906  -6.291  1.00 61.38  ? 121 HIS A CD2 1 
ATOM   973  C CE1 . HIS A 1 122 ? 23.429  -5.412  -6.589  1.00 64.96  ? 121 HIS A CE1 1 
ATOM   974  N NE2 . HIS A 1 122 ? 22.202  -5.901  -6.630  1.00 63.02  ? 121 HIS A NE2 1 
ATOM   975  N N   . TYR A 1 123 ? 21.271  -0.433  -2.804  1.00 60.78  ? 122 TYR A N   1 
ATOM   976  C CA  . TYR A 1 123 ? 20.974  0.878   -2.244  1.00 60.84  ? 122 TYR A CA  1 
ATOM   977  C C   . TYR A 1 123 ? 22.211  1.750   -2.391  1.00 62.66  ? 122 TYR A C   1 
ATOM   978  O O   . TYR A 1 123 ? 23.258  1.463   -1.804  1.00 67.39  ? 122 TYR A O   1 
ATOM   979  C CB  . TYR A 1 123 ? 20.549  0.747   -0.783  1.00 58.58  ? 122 TYR A CB  1 
ATOM   980  C CG  . TYR A 1 123 ? 20.220  2.042   -0.077  1.00 63.25  ? 122 TYR A CG  1 
ATOM   981  C CD1 . TYR A 1 123 ? 19.201  2.871   -0.529  1.00 61.87  ? 122 TYR A CD1 1 
ATOM   982  C CD2 . TYR A 1 123 ? 20.901  2.416   1.076   1.00 66.27  ? 122 TYR A CD2 1 
ATOM   983  C CE1 . TYR A 1 123 ? 18.883  4.047   0.138   1.00 63.80  ? 122 TYR A CE1 1 
ATOM   984  C CE2 . TYR A 1 123 ? 20.596  3.592   1.750   1.00 68.41  ? 122 TYR A CE2 1 
ATOM   985  C CZ  . TYR A 1 123 ? 19.583  4.401   1.280   1.00 67.10  ? 122 TYR A CZ  1 
ATOM   986  O OH  . TYR A 1 123 ? 19.269  5.562   1.954   1.00 67.04  ? 122 TYR A OH  1 
ATOM   987  N N   . PHE A 1 124 ? 22.095  2.793   -3.197  1.00 61.17  ? 123 PHE A N   1 
ATOM   988  C CA  . PHE A 1 124 ? 23.193  3.698   -3.481  1.00 59.68  ? 123 PHE A CA  1 
ATOM   989  C C   . PHE A 1 124 ? 22.997  4.954   -2.650  1.00 62.79  ? 123 PHE A C   1 
ATOM   990  O O   . PHE A 1 124 ? 21.913  5.541   -2.670  1.00 62.49  ? 123 PHE A O   1 
ATOM   991  C CB  . PHE A 1 124 ? 23.227  4.028   -4.973  1.00 60.66  ? 123 PHE A CB  1 
ATOM   992  C CG  . PHE A 1 124 ? 23.266  2.808   -5.858  1.00 60.01  ? 123 PHE A CG  1 
ATOM   993  C CD1 . PHE A 1 124 ? 24.172  1.788   -5.614  1.00 61.47  ? 123 PHE A CD1 1 
ATOM   994  C CD2 . PHE A 1 124 ? 22.387  2.667   -6.912  1.00 60.31  ? 123 PHE A CD2 1 
ATOM   995  C CE1 . PHE A 1 124 ? 24.214  0.665   -6.409  1.00 61.04  ? 123 PHE A CE1 1 
ATOM   996  C CE2 . PHE A 1 124 ? 22.420  1.537   -7.718  1.00 59.28  ? 123 PHE A CE2 1 
ATOM   997  C CZ  . PHE A 1 124 ? 23.339  0.538   -7.461  1.00 61.35  ? 123 PHE A CZ  1 
ATOM   998  N N   . LYS A 1 125 ? 24.027  5.346   -1.901  1.00 64.87  ? 124 LYS A N   1 
ATOM   999  C CA  . LYS A 1 125 ? 23.904  6.509   -1.021  1.00 64.74  ? 124 LYS A CA  1 
ATOM   1000 C C   . LYS A 1 125 ? 25.195  7.306   -0.941  1.00 66.29  ? 124 LYS A C   1 
ATOM   1001 O O   . LYS A 1 125 ? 25.767  7.658   -1.971  1.00 66.57  ? 124 LYS A O   1 
ATOM   1002 C CB  . LYS A 1 125 ? 23.469  6.079   0.379   1.00 65.55  ? 124 LYS A CB  1 
ATOM   1003 C CG  . LYS A 1 125 ? 24.480  5.248   1.122   1.00 68.21  ? 124 LYS A CG  1 
ATOM   1004 C CD  . LYS A 1 125 ? 24.000  4.995   2.536   1.00 70.46  ? 124 LYS A CD  1 
ATOM   1005 C CE  . LYS A 1 125 ? 25.075  4.307   3.375   1.00 78.99  ? 124 LYS A CE  1 
ATOM   1006 N NZ  . LYS A 1 125 ? 24.984  2.823   3.324   1.00 79.10  ? 124 LYS A NZ  1 
HETATM 1007 C C1  . MLT B 2 .   ? 11.630  2.607   4.551   1.00 73.57  ? 201 MLT A C1  1 
HETATM 1008 O O1  . MLT B 2 .   ? 12.670  2.373   3.873   1.00 78.50  ? 201 MLT A O1  1 
HETATM 1009 O O2  . MLT B 2 .   ? 10.482  2.140   4.328   1.00 65.93  ? 201 MLT A O2  1 
HETATM 1010 C C2  . MLT B 2 .   ? 11.875  3.542   5.783   1.00 70.97  ? 201 MLT A C2  1 
HETATM 1011 O O3  . MLT B 2 .   ? 10.822  4.477   6.013   1.00 65.57  ? 201 MLT A O3  1 
HETATM 1012 C C3  . MLT B 2 .   ? 13.236  4.224   5.790   1.00 73.37  ? 201 MLT A C3  1 
HETATM 1013 C C4  . MLT B 2 .   ? 13.503  5.218   6.934   1.00 74.22  ? 201 MLT A C4  1 
HETATM 1014 O O4  . MLT B 2 .   ? 13.903  6.348   6.581   1.00 79.51  ? 201 MLT A O4  1 
HETATM 1015 O O5  . MLT B 2 .   ? 13.302  4.806   8.104   1.00 70.82  ? 201 MLT A O5  1 
HETATM 1016 O O   . HOH C 3 .   ? 12.501  1.134   1.774   1.00 62.76  ? 301 HOH A O   1 
HETATM 1017 O O   . HOH C 3 .   ? 9.743   -0.187  3.937   1.00 62.65  ? 302 HOH A O   1 
HETATM 1018 O O   . HOH C 3 .   ? 5.725   -5.125  -7.424  1.00 62.84  ? 303 HOH A O   1 
HETATM 1019 O O   . HOH C 3 .   ? 25.697  -2.964  -5.964  1.00 68.82  ? 304 HOH A O   1 
HETATM 1020 O O   . HOH C 3 .   ? 12.488  7.718   4.911   1.00 63.10  ? 305 HOH A O   1 
HETATM 1021 O O   . HOH C 3 .   ? -13.160 2.923   -16.497 1.00 61.27  ? 306 HOH A O   1 
HETATM 1022 O O   . HOH C 3 .   ? -13.491 1.036   -3.057  1.00 57.88  ? 307 HOH A O   1 
HETATM 1023 O O   . HOH C 3 .   ? 13.160  -0.075  4.782   1.00 61.42  ? 308 HOH A O   1 
HETATM 1024 O O   . HOH C 3 .   ? 13.500  -12.544 -6.851  1.00 59.64  ? 309 HOH A O   1 
HETATM 1025 O O   . HOH C 3 .   ? -9.558  -3.477  -2.798  1.00 62.45  ? 310 HOH A O   1 
HETATM 1026 O O   . HOH C 3 .   ? -1.270  -7.038  -3.967  1.00 54.04  ? 311 HOH A O   1 
HETATM 1027 O O   . HOH C 3 .   ? -11.692 9.731   -7.485  1.00 62.37  ? 312 HOH A O   1 
HETATM 1028 O O   . HOH C 3 .   ? -14.515 3.693   -5.589  1.00 59.35  ? 313 HOH A O   1 
HETATM 1029 O O   . HOH C 3 .   ? -12.244 2.012   -5.924  1.00 50.86  ? 314 HOH A O   1 
HETATM 1030 O O   . HOH C 3 .   ? 1.046   -8.617  11.325  1.00 65.59  ? 315 HOH A O   1 
HETATM 1031 O O   . HOH C 3 .   ? 5.147   2.365   9.741   1.00 58.44  ? 316 HOH A O   1 
HETATM 1032 O O   . HOH C 3 .   ? -15.298 -2.221  -1.410  1.00 61.59  ? 317 HOH A O   1 
HETATM 1033 O O   . HOH C 3 .   ? -9.064  -7.337  -3.407  1.00 57.69  ? 318 HOH A O   1 
HETATM 1034 O O   . HOH C 3 .   ? -12.935 -4.419  -2.460  1.00 65.64  ? 319 HOH A O   1 
HETATM 1035 O O   . HOH C 3 .   ? 10.060  1.680   0.364   1.00 62.94  ? 320 HOH A O   1 
HETATM 1036 O O   . HOH C 3 .   ? -21.863 6.979   1.279   1.00 68.25  ? 321 HOH A O   1 
HETATM 1037 O O   . HOH C 3 .   ? -11.114 -3.214  -5.006  1.00 66.70  ? 322 HOH A O   1 
# 
